data_8AO1
#
_entry.id   8AO1
#
_entity_poly.entity_id   1
_entity_poly.type   'polypeptide(L)'
_entity_poly.pdbx_seq_one_letter_code
;MFGAIQLDGDGNILQYNAAEGDITGRDPKQVIGKNFFKDVAPGTDSPEFYGKFKEGVASGNLNTMFEWMIPTSRGPTKVK
VHMKKALSGDSYWVFVKRVKLAAALEHHHHHH
;
_entity_poly.pdbx_strand_id   A
#
# COMPACT_ATOMS: atom_id res chain seq x y z
N MET A 1 -7.88 6.02 -3.83
CA MET A 1 -7.99 4.73 -3.16
C MET A 1 -6.91 4.57 -2.10
N PHE A 2 -7.10 5.24 -0.96
CA PHE A 2 -6.13 5.17 0.13
C PHE A 2 -6.71 4.42 1.32
N GLY A 3 -6.05 3.34 1.73
CA GLY A 3 -6.52 2.55 2.85
C GLY A 3 -5.50 1.53 3.30
N ALA A 4 -5.84 0.79 4.35
CA ALA A 4 -4.95 -0.23 4.88
C ALA A 4 -5.44 -1.63 4.51
N ILE A 5 -4.70 -2.30 3.64
CA ILE A 5 -5.05 -3.64 3.21
C ILE A 5 -4.11 -4.69 3.81
N GLN A 6 -4.65 -5.87 4.09
CA GLN A 6 -3.85 -6.95 4.67
C GLN A 6 -3.68 -8.08 3.67
N LEU A 7 -2.43 -8.35 3.30
CA LEU A 7 -2.12 -9.42 2.35
C LEU A 7 -1.42 -10.58 3.04
N ASP A 8 -1.43 -11.74 2.40
CA ASP A 8 -0.79 -12.93 2.95
C ASP A 8 0.49 -13.25 2.19
N GLY A 9 1.03 -14.45 2.42
CA GLY A 9 2.25 -14.86 1.75
C GLY A 9 2.13 -14.77 0.24
N ASP A 10 0.96 -15.10 -0.28
CA ASP A 10 0.73 -15.05 -1.72
C ASP A 10 0.39 -13.64 -2.18
N GLY A 11 -0.07 -12.82 -1.24
CA GLY A 11 -0.43 -11.44 -1.56
C GLY A 11 -1.91 -11.27 -1.79
N ASN A 12 -2.70 -12.16 -1.20
CA ASN A 12 -4.15 -12.10 -1.34
C ASN A 12 -4.76 -11.17 -0.29
N ILE A 13 -5.64 -10.28 -0.73
CA ILE A 13 -6.29 -9.34 0.18
C ILE A 13 -7.24 -10.07 1.12
N LEU A 14 -6.75 -10.36 2.33
CA LEU A 14 -7.56 -11.04 3.34
C LEU A 14 -8.56 -10.09 3.97
N GLN A 15 -8.17 -8.83 4.11
CA GLN A 15 -9.03 -7.81 4.71
C GLN A 15 -8.73 -6.43 4.14
N TYR A 16 -9.76 -5.60 4.04
CA TYR A 16 -9.60 -4.25 3.52
C TYR A 16 -10.22 -3.21 4.45
N ASN A 17 -9.43 -2.23 4.86
CA ASN A 17 -9.90 -1.18 5.76
C ASN A 17 -9.47 0.19 5.27
N ALA A 18 -10.37 0.87 4.56
CA ALA A 18 -10.08 2.21 4.04
C ALA A 18 -9.64 3.14 5.15
N ALA A 19 -8.91 4.19 4.77
CA ALA A 19 -8.42 5.17 5.74
C ALA A 19 -8.83 6.58 5.34
N GLU A 20 -8.49 7.55 6.18
CA GLU A 20 -8.82 8.95 5.92
C GLU A 20 -10.22 9.06 5.31
N GLY A 21 -11.16 8.28 5.84
CA GLY A 21 -12.52 8.31 5.34
C GLY A 21 -13.54 8.26 6.46
N ASP A 22 -14.79 8.62 6.14
CA ASP A 22 -15.86 8.60 7.12
C ASP A 22 -17.05 7.78 6.61
N ILE A 23 -17.34 7.89 5.32
CA ILE A 23 -18.44 7.15 4.72
C ILE A 23 -18.00 5.75 4.31
N THR A 24 -18.87 4.76 4.58
CA THR A 24 -18.57 3.38 4.25
C THR A 24 -19.54 2.85 3.20
N GLY A 25 -19.55 3.48 2.03
CA GLY A 25 -20.45 3.05 0.98
C GLY A 25 -19.71 2.38 -0.17
N ARG A 26 -18.63 1.68 0.16
CA ARG A 26 -17.84 0.99 -0.85
C ARG A 26 -17.74 -0.50 -0.55
N ASP A 27 -18.40 -1.30 -1.38
CA ASP A 27 -18.39 -2.76 -1.20
C ASP A 27 -16.97 -3.28 -1.03
N PRO A 28 -16.64 -3.70 0.21
CA PRO A 28 -15.31 -4.23 0.52
C PRO A 28 -15.06 -5.59 -0.12
N LYS A 29 -16.12 -6.37 -0.26
CA LYS A 29 -16.00 -7.70 -0.87
C LYS A 29 -15.41 -7.61 -2.26
N GLN A 30 -15.49 -6.44 -2.86
CA GLN A 30 -14.96 -6.23 -4.20
C GLN A 30 -13.45 -6.53 -4.24
N VAL A 31 -12.78 -6.28 -3.13
CA VAL A 31 -11.34 -6.52 -3.04
C VAL A 31 -11.05 -7.81 -2.28
N ILE A 32 -11.92 -8.13 -1.33
CA ILE A 32 -11.76 -9.34 -0.52
C ILE A 32 -11.54 -10.56 -1.41
N GLY A 33 -10.40 -11.21 -1.23
CA GLY A 33 -10.09 -12.39 -2.01
C GLY A 33 -9.21 -12.08 -3.22
N LYS A 34 -9.31 -10.86 -3.72
CA LYS A 34 -8.53 -10.43 -4.87
C LYS A 34 -7.12 -10.03 -4.44
N ASN A 35 -6.18 -10.09 -5.38
CA ASN A 35 -4.79 -9.72 -5.11
C ASN A 35 -4.56 -8.24 -5.38
N PHE A 36 -3.69 -7.62 -4.59
CA PHE A 36 -3.37 -6.21 -4.75
C PHE A 36 -2.85 -5.93 -6.16
N PHE A 37 -2.13 -6.88 -6.72
CA PHE A 37 -1.58 -6.74 -8.07
C PHE A 37 -2.50 -7.37 -9.10
N LYS A 38 -3.47 -8.14 -8.63
CA LYS A 38 -4.42 -8.80 -9.52
C LYS A 38 -5.26 -7.79 -10.29
N ASP A 39 -5.96 -6.94 -9.55
CA ASP A 39 -6.79 -5.91 -10.16
C ASP A 39 -6.73 -4.61 -9.37
N VAL A 40 -6.60 -4.73 -8.06
CA VAL A 40 -6.52 -3.56 -7.19
C VAL A 40 -5.48 -2.57 -7.68
N ALA A 41 -4.39 -3.10 -8.24
CA ALA A 41 -3.31 -2.26 -8.74
C ALA A 41 -2.49 -3.01 -9.79
N PRO A 42 -2.97 -2.97 -11.05
CA PRO A 42 -2.29 -3.63 -12.17
C PRO A 42 -0.98 -2.95 -12.54
N GLY A 43 -0.91 -1.65 -12.31
CA GLY A 43 0.30 -0.90 -12.63
C GLY A 43 1.41 -1.15 -11.64
N THR A 44 1.06 -1.69 -10.47
CA THR A 44 2.05 -1.98 -9.44
C THR A 44 2.69 -3.35 -9.65
N ASP A 45 2.42 -3.94 -10.81
CA ASP A 45 2.97 -5.25 -11.14
C ASP A 45 4.40 -5.12 -11.65
N SER A 46 5.27 -4.52 -10.82
CA SER A 46 6.67 -4.33 -11.20
C SER A 46 7.59 -4.91 -10.14
N PRO A 47 8.86 -5.13 -10.51
CA PRO A 47 9.88 -5.69 -9.61
C PRO A 47 10.25 -4.72 -8.49
N GLU A 48 10.03 -3.43 -8.74
CA GLU A 48 10.36 -2.40 -7.75
C GLU A 48 9.34 -2.40 -6.61
N PHE A 49 8.09 -2.73 -6.94
CA PHE A 49 7.03 -2.76 -5.94
C PHE A 49 6.65 -4.19 -5.60
N TYR A 50 6.00 -4.87 -6.55
CA TYR A 50 5.58 -6.25 -6.36
C TYR A 50 6.78 -7.14 -6.04
N GLY A 51 7.83 -7.03 -6.85
CA GLY A 51 9.01 -7.83 -6.63
C GLY A 51 9.52 -7.76 -5.21
N LYS A 52 9.51 -6.56 -4.64
CA LYS A 52 9.97 -6.36 -3.28
C LYS A 52 9.07 -7.07 -2.28
N PHE A 53 7.77 -7.08 -2.57
CA PHE A 53 6.80 -7.72 -1.70
C PHE A 53 7.10 -9.21 -1.56
N LYS A 54 7.41 -9.85 -2.69
CA LYS A 54 7.73 -11.28 -2.69
C LYS A 54 9.13 -11.53 -2.16
N GLU A 55 10.04 -10.61 -2.45
CA GLU A 55 11.42 -10.74 -1.99
C GLU A 55 11.49 -10.72 -0.47
N GLY A 56 10.81 -9.75 0.14
CA GLY A 56 10.82 -9.63 1.59
C GLY A 56 10.24 -10.86 2.27
N VAL A 57 9.27 -11.50 1.62
CA VAL A 57 8.64 -12.70 2.16
C VAL A 57 9.67 -13.79 2.40
N ALA A 58 10.54 -14.00 1.42
CA ALA A 58 11.58 -15.02 1.52
C ALA A 58 12.37 -14.87 2.81
N SER A 59 12.57 -13.63 3.23
CA SER A 59 13.33 -13.35 4.45
C SER A 59 12.44 -13.46 5.68
N GLY A 60 11.16 -13.11 5.52
CA GLY A 60 10.22 -13.18 6.62
C GLY A 60 10.09 -11.86 7.36
N ASN A 61 10.30 -10.76 6.64
CA ASN A 61 10.20 -9.43 7.24
C ASN A 61 10.16 -8.36 6.15
N LEU A 62 9.23 -8.48 5.23
CA LEU A 62 9.07 -7.53 4.14
C LEU A 62 8.93 -6.10 4.68
N ASN A 63 10.03 -5.36 4.66
CA ASN A 63 10.03 -3.99 5.14
C ASN A 63 10.42 -3.01 4.03
N THR A 64 9.41 -2.34 3.47
CA THR A 64 9.64 -1.37 2.40
C THR A 64 8.82 -0.11 2.60
N MET A 65 9.45 1.04 2.42
CA MET A 65 8.76 2.32 2.58
C MET A 65 9.24 3.33 1.53
N PHE A 66 8.35 3.67 0.60
CA PHE A 66 8.68 4.62 -0.46
C PHE A 66 7.42 5.18 -1.10
N GLU A 67 7.59 6.08 -2.06
CA GLU A 67 6.47 6.69 -2.76
C GLU A 67 6.25 6.05 -4.12
N TRP A 68 4.99 5.87 -4.49
CA TRP A 68 4.65 5.27 -5.77
C TRP A 68 3.52 6.04 -6.46
N MET A 69 3.51 6.02 -7.79
CA MET A 69 2.47 6.71 -8.55
C MET A 69 1.39 5.74 -9.00
N ILE A 70 0.16 6.01 -8.60
CA ILE A 70 -0.97 5.15 -8.97
C ILE A 70 -2.05 5.95 -9.67
N PRO A 71 -2.82 5.28 -10.54
CA PRO A 71 -3.91 5.91 -11.29
C PRO A 71 -5.09 6.29 -10.40
N THR A 72 -5.70 7.43 -10.69
CA THR A 72 -6.84 7.90 -9.91
C THR A 72 -7.87 8.59 -10.81
N SER A 73 -8.88 9.20 -10.18
CA SER A 73 -9.93 9.89 -10.92
C SER A 73 -9.34 11.04 -11.75
N ARG A 74 -8.35 11.73 -11.19
CA ARG A 74 -7.72 12.84 -11.87
C ARG A 74 -6.41 12.41 -12.52
N GLY A 75 -6.31 11.13 -12.84
CA GLY A 75 -5.11 10.61 -13.46
C GLY A 75 -4.12 10.05 -12.44
N PRO A 76 -2.88 9.83 -12.88
CA PRO A 76 -1.82 9.30 -12.02
C PRO A 76 -1.38 10.30 -10.95
N THR A 77 -1.13 9.80 -9.74
CA THR A 77 -0.71 10.64 -8.64
C THR A 77 0.23 9.90 -7.70
N LYS A 78 1.15 10.63 -7.08
CA LYS A 78 2.11 10.04 -6.16
C LYS A 78 1.47 9.75 -4.81
N VAL A 79 1.94 8.70 -4.15
CA VAL A 79 1.41 8.33 -2.84
C VAL A 79 2.46 7.60 -2.01
N LYS A 80 2.33 7.70 -0.69
CA LYS A 80 3.27 7.05 0.22
C LYS A 80 2.86 5.61 0.49
N VAL A 81 3.64 4.67 -0.03
CA VAL A 81 3.36 3.25 0.16
C VAL A 81 4.36 2.61 1.12
N HIS A 82 3.85 1.90 2.11
CA HIS A 82 4.70 1.23 3.09
C HIS A 82 4.20 -0.18 3.37
N MET A 83 5.08 -1.16 3.20
CA MET A 83 4.74 -2.56 3.44
C MET A 83 5.56 -3.14 4.57
N LYS A 84 4.88 -3.61 5.61
CA LYS A 84 5.54 -4.19 6.77
C LYS A 84 4.88 -5.50 7.18
N LYS A 85 5.69 -6.53 7.39
CA LYS A 85 5.19 -7.84 7.79
C LYS A 85 4.48 -7.75 9.15
N ALA A 86 3.34 -8.42 9.27
CA ALA A 86 2.58 -8.43 10.51
C ALA A 86 3.44 -8.91 11.68
N LEU A 87 2.85 -8.91 12.86
CA LEU A 87 3.57 -9.33 14.06
C LEU A 87 3.61 -10.86 14.15
N SER A 88 2.55 -11.51 13.68
CA SER A 88 2.46 -12.97 13.71
C SER A 88 3.51 -13.59 12.78
N GLY A 89 3.95 -12.81 11.80
CA GLY A 89 4.93 -13.29 10.85
C GLY A 89 4.32 -14.17 9.77
N ASP A 90 3.03 -13.96 9.51
CA ASP A 90 2.33 -14.75 8.50
C ASP A 90 1.42 -13.85 7.66
N SER A 91 1.86 -12.62 7.43
CA SER A 91 1.08 -11.66 6.64
C SER A 91 1.82 -10.33 6.52
N TYR A 92 1.27 -9.43 5.72
CA TYR A 92 1.87 -8.12 5.52
C TYR A 92 0.80 -7.04 5.38
N TRP A 93 1.04 -5.89 5.99
CA TRP A 93 0.09 -4.79 5.94
C TRP A 93 0.56 -3.71 4.96
N VAL A 94 -0.35 -3.26 4.11
CA VAL A 94 -0.03 -2.23 3.13
C VAL A 94 -0.64 -0.88 3.51
N PHE A 95 0.21 0.14 3.58
CA PHE A 95 -0.24 1.48 3.94
C PHE A 95 -0.06 2.44 2.77
N VAL A 96 -1.17 2.88 2.19
CA VAL A 96 -1.14 3.80 1.07
C VAL A 96 -1.81 5.12 1.42
N LYS A 97 -1.03 6.19 1.47
CA LYS A 97 -1.55 7.52 1.79
C LYS A 97 -1.12 8.54 0.74
N ARG A 98 -1.67 9.74 0.84
CA ARG A 98 -1.34 10.81 -0.09
C ARG A 98 -0.04 11.51 0.30
N VAL A 99 0.75 11.89 -0.69
CA VAL A 99 2.02 12.55 -0.44
C VAL A 99 1.83 14.04 -0.22
N LYS A 100 1.90 14.47 1.05
CA LYS A 100 1.73 15.87 1.40
C LYS A 100 2.79 16.31 2.38
N LEU A 101 4.05 16.00 2.08
CA LEU A 101 5.16 16.37 2.94
C LEU A 101 4.92 15.90 4.37
N ALA A 102 4.45 14.67 4.51
CA ALA A 102 4.18 14.10 5.83
C ALA A 102 5.46 13.61 6.48
N ALA A 103 6.41 13.18 5.65
CA ALA A 103 7.69 12.68 6.15
C ALA A 103 8.71 13.80 6.26
N ALA A 104 9.26 13.98 7.46
CA ALA A 104 10.26 15.02 7.70
C ALA A 104 10.71 15.03 9.15
N LEU A 105 11.89 14.47 9.40
CA LEU A 105 12.44 14.42 10.75
C LEU A 105 13.66 15.32 10.88
N GLU A 106 13.50 16.59 10.53
CA GLU A 106 14.59 17.55 10.61
C GLU A 106 15.19 17.59 12.01
N HIS A 107 16.34 18.24 12.15
CA HIS A 107 17.00 18.35 13.44
C HIS A 107 16.73 19.71 14.08
N HIS A 108 16.69 20.75 13.26
CA HIS A 108 16.43 22.10 13.75
C HIS A 108 15.99 23.01 12.62
N HIS A 109 15.06 23.92 12.91
CA HIS A 109 14.55 24.84 11.92
C HIS A 109 14.98 26.28 12.24
N HIS A 110 14.81 27.17 11.27
CA HIS A 110 15.18 28.57 11.46
C HIS A 110 16.62 28.70 11.96
N HIS A 111 17.49 27.83 11.44
CA HIS A 111 18.90 27.85 11.83
C HIS A 111 19.57 29.15 11.40
N HIS A 112 20.54 29.59 12.18
CA HIS A 112 21.27 30.82 11.87
C HIS A 112 22.73 30.53 11.55
N MET A 1 -7.94 6.13 -3.85
CA MET A 1 -8.05 4.86 -3.15
C MET A 1 -6.95 4.73 -2.09
N PHE A 2 -7.21 5.28 -0.90
CA PHE A 2 -6.24 5.22 0.18
C PHE A 2 -6.82 4.47 1.38
N GLY A 3 -6.13 3.40 1.77
CA GLY A 3 -6.58 2.60 2.89
C GLY A 3 -5.56 1.57 3.33
N ALA A 4 -5.87 0.82 4.37
CA ALA A 4 -4.97 -0.20 4.89
C ALA A 4 -5.45 -1.60 4.50
N ILE A 5 -4.71 -2.26 3.62
CA ILE A 5 -5.06 -3.61 3.18
C ILE A 5 -4.11 -4.64 3.77
N GLN A 6 -4.65 -5.83 4.04
CA GLN A 6 -3.85 -6.91 4.61
C GLN A 6 -3.68 -8.06 3.61
N LEU A 7 -2.43 -8.32 3.23
CA LEU A 7 -2.13 -9.38 2.28
C LEU A 7 -1.46 -10.56 2.97
N ASP A 8 -1.44 -11.71 2.30
CA ASP A 8 -0.83 -12.91 2.84
C ASP A 8 0.47 -13.23 2.12
N GLY A 9 0.99 -14.44 2.35
CA GLY A 9 2.22 -14.84 1.72
C GLY A 9 2.16 -14.74 0.20
N ASP A 10 1.00 -15.04 -0.36
CA ASP A 10 0.81 -14.97 -1.80
C ASP A 10 0.48 -13.55 -2.25
N GLY A 11 0.01 -12.73 -1.32
CA GLY A 11 -0.34 -11.36 -1.63
C GLY A 11 -1.82 -11.18 -1.89
N ASN A 12 -2.63 -12.06 -1.32
CA ASN A 12 -4.08 -12.00 -1.49
C ASN A 12 -4.70 -11.10 -0.42
N ILE A 13 -5.58 -10.21 -0.86
CA ILE A 13 -6.25 -9.28 0.05
C ILE A 13 -7.22 -10.03 0.97
N LEU A 14 -6.76 -10.29 2.19
CA LEU A 14 -7.58 -11.00 3.17
C LEU A 14 -8.58 -10.05 3.84
N GLN A 15 -8.16 -8.80 4.01
CA GLN A 15 -9.02 -7.80 4.64
C GLN A 15 -8.72 -6.41 4.09
N TYR A 16 -9.75 -5.58 3.98
CA TYR A 16 -9.60 -4.23 3.47
C TYR A 16 -10.25 -3.22 4.41
N ASN A 17 -9.49 -2.20 4.81
CA ASN A 17 -10.00 -1.17 5.70
C ASN A 17 -9.60 0.22 5.21
N ALA A 18 -10.51 0.87 4.48
CA ALA A 18 -10.24 2.20 3.95
C ALA A 18 -9.78 3.14 5.06
N ALA A 19 -9.01 4.16 4.67
CA ALA A 19 -8.50 5.13 5.64
C ALA A 19 -8.86 6.55 5.21
N GLU A 20 -9.36 7.34 6.16
CA GLU A 20 -9.75 8.71 5.88
C GLU A 20 -10.78 8.78 4.75
N GLY A 21 -11.80 7.93 4.85
CA GLY A 21 -12.83 7.90 3.83
C GLY A 21 -14.23 7.92 4.42
N ASP A 22 -14.95 9.01 4.19
CA ASP A 22 -16.31 9.15 4.70
C ASP A 22 -17.34 8.79 3.63
N ILE A 23 -17.23 7.59 3.08
CA ILE A 23 -18.15 7.14 2.05
C ILE A 23 -18.86 5.86 2.46
N THR A 24 -20.18 5.85 2.33
CA THR A 24 -20.98 4.68 2.69
C THR A 24 -21.56 4.00 1.45
N GLY A 25 -21.48 2.68 1.42
CA GLY A 25 -21.99 1.93 0.29
C GLY A 25 -20.95 1.03 -0.33
N ARG A 26 -19.73 1.52 -0.45
CA ARG A 26 -18.64 0.75 -1.04
C ARG A 26 -18.52 -0.61 -0.35
N ASP A 27 -18.66 -1.67 -1.15
CA ASP A 27 -18.57 -3.03 -0.64
C ASP A 27 -17.11 -3.50 -0.60
N PRO A 28 -16.65 -3.90 0.60
CA PRO A 28 -15.29 -4.38 0.80
C PRO A 28 -15.04 -5.73 0.15
N LYS A 29 -16.09 -6.55 0.07
CA LYS A 29 -15.98 -7.87 -0.53
C LYS A 29 -15.47 -7.78 -1.97
N GLN A 30 -15.62 -6.60 -2.56
CA GLN A 30 -15.17 -6.38 -3.94
C GLN A 30 -13.67 -6.64 -4.07
N VAL A 31 -12.93 -6.39 -2.99
CA VAL A 31 -11.50 -6.60 -2.99
C VAL A 31 -11.13 -7.88 -2.24
N ILE A 32 -11.93 -8.22 -1.25
CA ILE A 32 -11.71 -9.41 -0.45
C ILE A 32 -11.50 -10.64 -1.33
N GLY A 33 -10.29 -11.18 -1.33
CA GLY A 33 -10.00 -12.35 -2.14
C GLY A 33 -9.13 -12.02 -3.34
N LYS A 34 -9.24 -10.80 -3.82
CA LYS A 34 -8.46 -10.35 -4.97
C LYS A 34 -7.05 -9.95 -4.55
N ASN A 35 -6.11 -10.03 -5.48
CA ASN A 35 -4.72 -9.67 -5.21
C ASN A 35 -4.48 -8.19 -5.48
N PHE A 36 -3.60 -7.58 -4.69
CA PHE A 36 -3.28 -6.16 -4.86
C PHE A 36 -2.77 -5.89 -6.26
N PHE A 37 -2.03 -6.85 -6.82
CA PHE A 37 -1.48 -6.70 -8.16
C PHE A 37 -2.38 -7.35 -9.20
N LYS A 38 -3.37 -8.10 -8.73
CA LYS A 38 -4.32 -8.77 -9.62
C LYS A 38 -5.15 -7.76 -10.40
N ASP A 39 -5.86 -6.90 -9.66
CA ASP A 39 -6.70 -5.88 -10.29
C ASP A 39 -6.65 -4.58 -9.48
N VAL A 40 -6.55 -4.71 -8.16
CA VAL A 40 -6.50 -3.55 -7.28
C VAL A 40 -5.44 -2.56 -7.74
N ALA A 41 -4.36 -3.09 -8.30
CA ALA A 41 -3.26 -2.25 -8.79
C ALA A 41 -2.44 -2.97 -9.85
N PRO A 42 -2.89 -2.89 -11.10
CA PRO A 42 -2.22 -3.53 -12.23
C PRO A 42 -0.89 -2.87 -12.56
N GLY A 43 -0.78 -1.58 -12.25
CA GLY A 43 0.44 -0.85 -12.53
C GLY A 43 1.53 -1.15 -11.52
N THR A 44 1.15 -1.70 -10.38
CA THR A 44 2.10 -2.03 -9.32
C THR A 44 2.72 -3.41 -9.56
N ASP A 45 2.45 -3.97 -10.73
CA ASP A 45 2.99 -5.28 -11.08
C ASP A 45 4.41 -5.18 -11.62
N SER A 46 5.29 -4.55 -10.84
CA SER A 46 6.68 -4.37 -11.24
C SER A 46 7.62 -4.95 -10.19
N PRO A 47 8.89 -5.16 -10.59
CA PRO A 47 9.92 -5.71 -9.70
C PRO A 47 10.32 -4.72 -8.61
N GLU A 48 10.05 -3.44 -8.84
CA GLU A 48 10.39 -2.40 -7.88
C GLU A 48 9.40 -2.40 -6.71
N PHE A 49 8.16 -2.76 -7.00
CA PHE A 49 7.12 -2.80 -5.97
C PHE A 49 6.75 -4.23 -5.64
N TYR A 50 6.09 -4.91 -6.58
CA TYR A 50 5.68 -6.29 -6.37
C TYR A 50 6.87 -7.18 -6.06
N GLY A 51 7.92 -7.07 -6.88
CA GLY A 51 9.11 -7.87 -6.67
C GLY A 51 9.63 -7.79 -5.24
N LYS A 52 9.52 -6.60 -4.65
CA LYS A 52 9.97 -6.39 -3.29
C LYS A 52 9.07 -7.10 -2.28
N PHE A 53 7.77 -7.11 -2.57
CA PHE A 53 6.80 -7.76 -1.69
C PHE A 53 7.10 -9.24 -1.56
N LYS A 54 7.42 -9.88 -2.68
CA LYS A 54 7.73 -11.31 -2.68
C LYS A 54 9.13 -11.56 -2.12
N GLU A 55 10.05 -10.65 -2.41
CA GLU A 55 11.43 -10.78 -1.93
C GLU A 55 11.47 -10.74 -0.40
N GLY A 56 10.78 -9.76 0.18
CA GLY A 56 10.75 -9.63 1.63
C GLY A 56 10.17 -10.86 2.31
N VAL A 57 9.21 -11.50 1.65
CA VAL A 57 8.58 -12.70 2.20
C VAL A 57 9.61 -13.78 2.47
N ALA A 58 10.48 -14.03 1.51
CA ALA A 58 11.51 -15.05 1.64
C ALA A 58 12.29 -14.86 2.94
N SER A 59 12.49 -13.61 3.34
CA SER A 59 13.23 -13.30 4.55
C SER A 59 12.32 -13.42 5.78
N GLY A 60 11.05 -13.10 5.60
CA GLY A 60 10.11 -13.17 6.69
C GLY A 60 9.94 -11.85 7.42
N ASN A 61 10.18 -10.75 6.71
CA ASN A 61 10.05 -9.42 7.28
C ASN A 61 10.04 -8.36 6.20
N LEU A 62 9.11 -8.48 5.26
CA LEU A 62 8.99 -7.53 4.17
C LEU A 62 8.85 -6.10 4.69
N ASN A 63 9.96 -5.36 4.68
CA ASN A 63 9.96 -3.98 5.16
C ASN A 63 10.38 -3.02 4.05
N THR A 64 9.39 -2.33 3.47
CA THR A 64 9.65 -1.39 2.39
C THR A 64 8.83 -0.12 2.57
N MET A 65 9.48 1.03 2.37
CA MET A 65 8.81 2.31 2.51
C MET A 65 9.29 3.31 1.45
N PHE A 66 8.43 3.63 0.51
CA PHE A 66 8.77 4.56 -0.56
C PHE A 66 7.51 5.14 -1.20
N GLU A 67 7.71 6.06 -2.14
CA GLU A 67 6.59 6.70 -2.83
C GLU A 67 6.31 6.00 -4.17
N TRP A 68 5.03 5.87 -4.50
CA TRP A 68 4.63 5.22 -5.74
C TRP A 68 3.48 5.98 -6.41
N MET A 69 3.46 5.96 -7.74
CA MET A 69 2.42 6.65 -8.50
C MET A 69 1.32 5.68 -8.91
N ILE A 70 0.09 5.97 -8.51
CA ILE A 70 -1.04 5.13 -8.85
C ILE A 70 -2.14 5.93 -9.55
N PRO A 71 -2.93 5.25 -10.39
CA PRO A 71 -4.02 5.88 -11.13
C PRO A 71 -5.17 6.28 -10.23
N THR A 72 -5.77 7.43 -10.53
CA THR A 72 -6.90 7.93 -9.75
C THR A 72 -7.92 8.63 -10.63
N SER A 73 -8.93 9.22 -10.01
CA SER A 73 -9.98 9.92 -10.74
C SER A 73 -9.39 11.06 -11.57
N ARG A 74 -8.38 11.72 -11.02
CA ARG A 74 -7.73 12.83 -11.72
C ARG A 74 -6.43 12.37 -12.38
N GLY A 75 -6.38 11.08 -12.71
CA GLY A 75 -5.19 10.53 -13.35
C GLY A 75 -4.19 9.98 -12.35
N PRO A 76 -2.96 9.74 -12.81
CA PRO A 76 -1.88 9.20 -11.97
C PRO A 76 -1.40 10.21 -10.93
N THR A 77 -1.16 9.74 -9.71
CA THR A 77 -0.70 10.60 -8.64
C THR A 77 0.24 9.85 -7.70
N LYS A 78 1.22 10.57 -7.15
CA LYS A 78 2.19 9.97 -6.24
C LYS A 78 1.58 9.78 -4.86
N VAL A 79 2.02 8.73 -4.16
CA VAL A 79 1.53 8.43 -2.83
C VAL A 79 2.57 7.69 -2.00
N LYS A 80 2.44 7.77 -0.68
CA LYS A 80 3.38 7.12 0.22
C LYS A 80 2.95 5.67 0.49
N VAL A 81 3.71 4.73 -0.05
CA VAL A 81 3.42 3.32 0.14
C VAL A 81 4.41 2.66 1.10
N HIS A 82 3.89 1.94 2.09
CA HIS A 82 4.74 1.27 3.06
C HIS A 82 4.23 -0.14 3.34
N MET A 83 5.09 -1.13 3.15
CA MET A 83 4.72 -2.53 3.39
C MET A 83 5.53 -3.11 4.55
N LYS A 84 4.83 -3.57 5.57
CA LYS A 84 5.48 -4.16 6.73
C LYS A 84 4.80 -5.46 7.15
N LYS A 85 5.59 -6.50 7.37
CA LYS A 85 5.07 -7.80 7.76
C LYS A 85 4.38 -7.72 9.12
N ALA A 86 3.23 -8.37 9.24
CA ALA A 86 2.48 -8.37 10.49
C ALA A 86 3.32 -8.89 11.64
N LEU A 87 2.75 -8.91 12.83
CA LEU A 87 3.46 -9.39 14.02
C LEU A 87 3.44 -10.91 14.09
N SER A 88 2.35 -11.51 13.60
CA SER A 88 2.22 -12.96 13.61
C SER A 88 3.23 -13.61 12.69
N GLY A 89 3.74 -12.84 11.72
CA GLY A 89 4.71 -13.36 10.78
C GLY A 89 4.08 -14.22 9.72
N ASP A 90 2.80 -13.98 9.43
CA ASP A 90 2.09 -14.75 8.41
C ASP A 90 1.21 -13.84 7.57
N SER A 91 1.67 -12.61 7.35
CA SER A 91 0.92 -11.64 6.56
C SER A 91 1.66 -10.31 6.49
N TYR A 92 1.17 -9.42 5.64
CA TYR A 92 1.79 -8.10 5.48
C TYR A 92 0.72 -7.02 5.33
N TRP A 93 0.95 -5.88 5.97
CA TRP A 93 0.02 -4.76 5.91
C TRP A 93 0.52 -3.69 4.94
N VAL A 94 -0.38 -3.24 4.06
CA VAL A 94 -0.04 -2.22 3.08
C VAL A 94 -0.65 -0.87 3.46
N PHE A 95 0.19 0.15 3.54
CA PHE A 95 -0.26 1.49 3.90
C PHE A 95 -0.10 2.45 2.72
N VAL A 96 -1.23 2.93 2.20
CA VAL A 96 -1.21 3.86 1.07
C VAL A 96 -1.87 5.18 1.43
N LYS A 97 -1.05 6.20 1.66
CA LYS A 97 -1.55 7.53 2.02
C LYS A 97 -0.91 8.60 1.14
N ARG A 98 -1.67 9.66 0.87
CA ARG A 98 -1.19 10.76 0.05
C ARG A 98 0.17 11.24 0.53
N VAL A 99 1.03 11.61 -0.40
CA VAL A 99 2.37 12.09 -0.07
C VAL A 99 2.30 13.44 0.63
N LYS A 100 1.34 14.27 0.23
CA LYS A 100 1.17 15.59 0.82
C LYS A 100 1.11 15.49 2.35
N LEU A 101 2.17 15.94 3.01
CA LEU A 101 2.24 15.91 4.46
C LEU A 101 3.38 16.78 4.97
N ALA A 102 3.49 16.90 6.29
CA ALA A 102 4.53 17.70 6.91
C ALA A 102 5.87 16.98 6.86
N ALA A 103 6.83 17.56 6.12
CA ALA A 103 8.15 16.96 6.00
C ALA A 103 9.21 18.03 5.72
N ALA A 104 10.47 17.65 5.82
CA ALA A 104 11.57 18.58 5.58
C ALA A 104 12.08 18.46 4.14
N LEU A 105 11.86 17.30 3.53
CA LEU A 105 12.29 17.07 2.16
C LEU A 105 13.80 17.09 2.05
N GLU A 106 14.47 16.41 2.99
CA GLU A 106 15.92 16.35 3.00
C GLU A 106 16.44 15.35 1.97
N HIS A 107 17.76 15.20 1.91
CA HIS A 107 18.38 14.27 0.96
C HIS A 107 19.87 14.15 1.23
N HIS A 108 20.48 13.09 0.69
CA HIS A 108 21.90 12.85 0.87
C HIS A 108 22.68 13.30 -0.36
N HIS A 109 24.01 13.22 -0.28
CA HIS A 109 24.87 13.61 -1.39
C HIS A 109 25.96 12.57 -1.63
N HIS A 110 25.63 11.55 -2.43
CA HIS A 110 26.57 10.49 -2.75
C HIS A 110 27.14 10.67 -4.15
N HIS A 111 27.85 11.78 -4.36
CA HIS A 111 28.46 12.07 -5.65
C HIS A 111 29.62 11.14 -5.93
N HIS A 112 30.02 11.05 -7.19
CA HIS A 112 31.14 10.19 -7.59
C HIS A 112 32.18 10.98 -8.35
N MET A 1 -7.93 6.00 -3.92
CA MET A 1 -8.02 4.72 -3.22
C MET A 1 -6.92 4.60 -2.16
N PHE A 2 -7.18 5.15 -0.99
CA PHE A 2 -6.21 5.10 0.11
C PHE A 2 -6.79 4.35 1.31
N GLY A 3 -6.12 3.27 1.71
CA GLY A 3 -6.57 2.50 2.84
C GLY A 3 -5.54 1.47 3.29
N ALA A 4 -5.89 0.72 4.33
CA ALA A 4 -4.98 -0.30 4.86
C ALA A 4 -5.45 -1.70 4.46
N ILE A 5 -4.66 -2.36 3.63
CA ILE A 5 -4.99 -3.70 3.17
C ILE A 5 -4.02 -4.73 3.76
N GLN A 6 -4.56 -5.91 4.10
CA GLN A 6 -3.74 -6.98 4.66
C GLN A 6 -3.59 -8.13 3.68
N LEU A 7 -2.36 -8.41 3.27
CA LEU A 7 -2.09 -9.48 2.34
C LEU A 7 -1.38 -10.66 3.03
N ASP A 8 -1.37 -11.80 2.38
CA ASP A 8 -0.74 -12.99 2.93
C ASP A 8 0.56 -13.31 2.19
N GLY A 9 1.10 -14.50 2.43
CA GLY A 9 2.34 -14.90 1.78
C GLY A 9 2.24 -14.83 0.27
N ASP A 10 1.05 -15.08 -0.26
CA ASP A 10 0.84 -15.04 -1.71
C ASP A 10 0.48 -13.64 -2.17
N GLY A 11 0.02 -12.81 -1.24
CA GLY A 11 -0.35 -11.45 -1.56
C GLY A 11 -1.84 -11.28 -1.78
N ASN A 12 -2.63 -12.19 -1.20
CA ASN A 12 -4.08 -12.14 -1.33
C ASN A 12 -4.69 -11.22 -0.29
N ILE A 13 -5.53 -10.29 -0.74
CA ILE A 13 -6.17 -9.34 0.15
C ILE A 13 -7.13 -10.05 1.11
N LEU A 14 -6.69 -10.25 2.34
CA LEU A 14 -7.51 -10.92 3.35
C LEU A 14 -8.46 -9.93 4.02
N GLN A 15 -8.03 -8.68 4.15
CA GLN A 15 -8.85 -7.64 4.77
C GLN A 15 -8.54 -6.27 4.16
N TYR A 16 -9.57 -5.44 4.05
CA TYR A 16 -9.41 -4.11 3.49
C TYR A 16 -10.13 -3.07 4.34
N ASN A 17 -9.37 -2.09 4.83
CA ASN A 17 -9.94 -1.04 5.67
C ASN A 17 -9.54 0.34 5.14
N ALA A 18 -10.45 0.97 4.40
CA ALA A 18 -10.20 2.29 3.84
C ALA A 18 -9.81 3.28 4.92
N ALA A 19 -8.97 4.25 4.56
CA ALA A 19 -8.51 5.26 5.51
C ALA A 19 -8.81 6.67 4.99
N GLU A 20 -8.59 7.66 5.83
CA GLU A 20 -8.83 9.05 5.46
C GLU A 20 -10.28 9.26 5.06
N GLY A 21 -11.19 8.80 5.92
CA GLY A 21 -12.61 8.95 5.64
C GLY A 21 -13.17 7.77 4.88
N ASP A 22 -14.39 7.36 5.23
CA ASP A 22 -15.05 6.23 4.58
C ASP A 22 -16.37 6.67 3.96
N ILE A 23 -16.34 7.76 3.20
CA ILE A 23 -17.54 8.28 2.55
C ILE A 23 -17.67 7.74 1.13
N THR A 24 -17.50 6.43 0.98
CA THR A 24 -17.59 5.79 -0.32
C THR A 24 -18.49 4.56 -0.26
N GLY A 25 -19.30 4.37 -1.30
CA GLY A 25 -20.20 3.22 -1.34
C GLY A 25 -19.58 2.04 -2.07
N ARG A 26 -18.28 1.85 -1.88
CA ARG A 26 -17.58 0.74 -2.53
C ARG A 26 -17.47 -0.46 -1.58
N ASP A 27 -18.21 -1.52 -1.90
CA ASP A 27 -18.20 -2.72 -1.08
C ASP A 27 -16.78 -3.27 -0.92
N PRO A 28 -16.43 -3.67 0.31
CA PRO A 28 -15.11 -4.21 0.61
C PRO A 28 -14.88 -5.58 -0.02
N LYS A 29 -15.94 -6.39 -0.07
CA LYS A 29 -15.85 -7.72 -0.65
C LYS A 29 -15.32 -7.67 -2.07
N GLN A 30 -15.43 -6.50 -2.70
CA GLN A 30 -14.96 -6.31 -4.07
C GLN A 30 -13.46 -6.61 -4.17
N VAL A 31 -12.73 -6.35 -3.08
CA VAL A 31 -11.30 -6.59 -3.06
C VAL A 31 -10.97 -7.85 -2.26
N ILE A 32 -11.83 -8.18 -1.31
CA ILE A 32 -11.63 -9.36 -0.48
C ILE A 32 -11.39 -10.60 -1.33
N GLY A 33 -10.22 -11.20 -1.19
CA GLY A 33 -9.88 -12.38 -1.95
C GLY A 33 -9.02 -12.07 -3.16
N LYS A 34 -9.15 -10.86 -3.68
CA LYS A 34 -8.37 -10.44 -4.84
C LYS A 34 -6.96 -10.01 -4.43
N ASN A 35 -6.03 -10.08 -5.37
CA ASN A 35 -4.64 -9.71 -5.11
C ASN A 35 -4.42 -8.23 -5.39
N PHE A 36 -3.53 -7.60 -4.62
CA PHE A 36 -3.22 -6.19 -4.79
C PHE A 36 -2.73 -5.91 -6.20
N PHE A 37 -2.01 -6.87 -6.77
CA PHE A 37 -1.47 -6.72 -8.12
C PHE A 37 -2.39 -7.37 -9.14
N LYS A 38 -3.35 -8.15 -8.65
CA LYS A 38 -4.31 -8.83 -9.53
C LYS A 38 -5.16 -7.82 -10.29
N ASP A 39 -5.86 -6.96 -9.56
CA ASP A 39 -6.72 -5.94 -10.18
C ASP A 39 -6.65 -4.64 -9.39
N VAL A 40 -6.50 -4.75 -8.07
CA VAL A 40 -6.43 -3.58 -7.22
C VAL A 40 -5.39 -2.59 -7.73
N ALA A 41 -4.30 -3.12 -8.27
CA ALA A 41 -3.22 -2.28 -8.80
C ALA A 41 -2.42 -3.03 -9.85
N PRO A 42 -2.89 -3.00 -11.10
CA PRO A 42 -2.22 -3.67 -12.23
C PRO A 42 -0.91 -2.99 -12.60
N GLY A 43 -0.82 -1.69 -12.33
CA GLY A 43 0.39 -0.96 -12.64
C GLY A 43 1.51 -1.22 -11.65
N THR A 44 1.16 -1.77 -10.49
CA THR A 44 2.14 -2.06 -9.45
C THR A 44 2.80 -3.41 -9.69
N ASP A 45 2.55 -3.99 -10.86
CA ASP A 45 3.12 -5.29 -11.20
C ASP A 45 4.54 -5.13 -11.73
N SER A 46 5.41 -4.58 -10.91
CA SER A 46 6.80 -4.36 -11.29
C SER A 46 7.75 -4.90 -10.23
N PRO A 47 9.02 -5.09 -10.60
CA PRO A 47 10.05 -5.61 -9.70
C PRO A 47 10.42 -4.60 -8.61
N GLU A 48 10.10 -3.33 -8.85
CA GLU A 48 10.40 -2.27 -7.89
C GLU A 48 9.40 -2.28 -6.74
N PHE A 49 8.16 -2.67 -7.04
CA PHE A 49 7.11 -2.72 -6.04
C PHE A 49 6.75 -4.17 -5.70
N TYR A 50 6.12 -4.84 -6.66
CA TYR A 50 5.71 -6.23 -6.46
C TYR A 50 6.91 -7.10 -6.10
N GLY A 51 7.97 -7.00 -6.90
CA GLY A 51 9.16 -7.79 -6.64
C GLY A 51 9.65 -7.65 -5.21
N LYS A 52 9.49 -6.46 -4.64
CA LYS A 52 9.92 -6.20 -3.28
C LYS A 52 9.00 -6.90 -2.28
N PHE A 53 7.74 -7.02 -2.63
CA PHE A 53 6.75 -7.67 -1.76
C PHE A 53 7.02 -9.17 -1.66
N LYS A 54 7.46 -9.75 -2.77
CA LYS A 54 7.76 -11.19 -2.82
C LYS A 54 9.09 -11.49 -2.15
N GLU A 55 10.13 -10.75 -2.54
CA GLU A 55 11.46 -10.95 -1.98
C GLU A 55 11.44 -10.75 -0.46
N GLY A 56 10.58 -9.84 0.01
CA GLY A 56 10.48 -9.58 1.42
C GLY A 56 9.85 -10.74 2.19
N VAL A 57 8.94 -11.45 1.53
CA VAL A 57 8.26 -12.58 2.15
C VAL A 57 9.24 -13.71 2.45
N ALA A 58 10.05 -14.06 1.47
CA ALA A 58 11.04 -15.13 1.64
C ALA A 58 11.89 -14.89 2.87
N SER A 59 12.22 -13.63 3.14
CA SER A 59 13.03 -13.28 4.29
C SER A 59 12.23 -13.43 5.59
N GLY A 60 10.93 -13.16 5.50
CA GLY A 60 10.08 -13.27 6.67
C GLY A 60 9.92 -11.96 7.40
N ASN A 61 10.15 -10.85 6.69
CA ASN A 61 10.04 -9.52 7.28
C ASN A 61 10.01 -8.45 6.19
N LEU A 62 9.03 -8.55 5.30
CA LEU A 62 8.90 -7.59 4.21
C LEU A 62 8.80 -6.16 4.75
N ASN A 63 9.92 -5.44 4.70
CA ASN A 63 9.97 -4.07 5.19
C ASN A 63 10.36 -3.11 4.07
N THR A 64 9.38 -2.41 3.51
CA THR A 64 9.62 -1.47 2.44
C THR A 64 8.83 -0.18 2.64
N MET A 65 9.47 0.95 2.41
CA MET A 65 8.82 2.25 2.57
C MET A 65 9.27 3.22 1.49
N PHE A 66 8.36 3.56 0.58
CA PHE A 66 8.67 4.49 -0.51
C PHE A 66 7.40 5.01 -1.15
N GLU A 67 7.55 5.97 -2.05
CA GLU A 67 6.40 6.57 -2.74
C GLU A 67 6.20 5.94 -4.11
N TRP A 68 4.95 5.85 -4.53
CA TRP A 68 4.62 5.26 -5.83
C TRP A 68 3.49 6.04 -6.50
N MET A 69 3.45 5.99 -7.83
CA MET A 69 2.42 6.68 -8.59
C MET A 69 1.34 5.71 -9.06
N ILE A 70 0.10 5.95 -8.64
CA ILE A 70 -1.01 5.10 -9.02
C ILE A 70 -2.12 5.91 -9.69
N PRO A 71 -2.87 5.25 -10.60
CA PRO A 71 -3.97 5.89 -11.32
C PRO A 71 -5.16 6.20 -10.41
N THR A 72 -5.79 7.35 -10.65
CA THR A 72 -6.94 7.76 -9.86
C THR A 72 -7.96 8.50 -10.71
N SER A 73 -9.08 8.88 -10.10
CA SER A 73 -10.14 9.59 -10.81
C SER A 73 -9.59 10.83 -11.52
N ARG A 74 -8.62 11.49 -10.88
CA ARG A 74 -8.01 12.68 -11.45
C ARG A 74 -6.69 12.34 -12.14
N GLY A 75 -6.57 11.09 -12.59
CA GLY A 75 -5.36 10.66 -13.26
C GLY A 75 -4.33 10.11 -12.29
N PRO A 76 -3.08 9.97 -12.76
CA PRO A 76 -1.98 9.43 -11.95
C PRO A 76 -1.57 10.40 -10.85
N THR A 77 -1.31 9.85 -9.66
CA THR A 77 -0.90 10.67 -8.52
C THR A 77 0.10 9.91 -7.65
N LYS A 78 0.97 10.68 -6.98
CA LYS A 78 1.98 10.08 -6.10
C LYS A 78 1.39 9.78 -4.73
N VAL A 79 1.89 8.71 -4.11
CA VAL A 79 1.42 8.32 -2.78
C VAL A 79 2.50 7.58 -2.02
N LYS A 80 2.46 7.69 -0.69
CA LYS A 80 3.45 7.03 0.16
C LYS A 80 3.01 5.61 0.50
N VAL A 81 3.70 4.63 -0.07
CA VAL A 81 3.38 3.23 0.17
C VAL A 81 4.39 2.60 1.13
N HIS A 82 3.88 1.93 2.16
CA HIS A 82 4.73 1.28 3.15
C HIS A 82 4.22 -0.13 3.46
N MET A 83 5.07 -1.12 3.28
CA MET A 83 4.71 -2.50 3.54
C MET A 83 5.55 -3.08 4.68
N LYS A 84 4.88 -3.53 5.73
CA LYS A 84 5.56 -4.11 6.89
C LYS A 84 4.85 -5.37 7.37
N LYS A 85 5.63 -6.43 7.58
CA LYS A 85 5.09 -7.70 8.04
C LYS A 85 4.23 -7.51 9.30
N ALA A 86 3.09 -8.20 9.34
CA ALA A 86 2.18 -8.11 10.47
C ALA A 86 2.91 -8.45 11.78
N LEU A 87 2.19 -8.33 12.89
CA LEU A 87 2.76 -8.63 14.20
C LEU A 87 2.74 -10.13 14.47
N SER A 88 1.71 -10.81 13.96
CA SER A 88 1.58 -12.25 14.15
C SER A 88 2.69 -13.00 13.43
N GLY A 89 3.27 -12.34 12.42
CA GLY A 89 4.35 -12.98 11.66
C GLY A 89 3.82 -13.94 10.62
N ASP A 90 2.60 -13.73 10.17
CA ASP A 90 1.99 -14.59 9.17
C ASP A 90 1.17 -13.77 8.18
N SER A 91 1.64 -12.57 7.88
CA SER A 91 0.94 -11.69 6.94
C SER A 91 1.70 -10.37 6.78
N TYR A 92 1.18 -9.50 5.92
CA TYR A 92 1.81 -8.21 5.67
C TYR A 92 0.76 -7.12 5.47
N TRP A 93 1.01 -5.95 6.06
CA TRP A 93 0.08 -4.83 5.95
C TRP A 93 0.59 -3.78 4.97
N VAL A 94 -0.30 -3.27 4.13
CA VAL A 94 0.07 -2.27 3.15
C VAL A 94 -0.59 -0.92 3.46
N PHE A 95 0.24 0.10 3.64
CA PHE A 95 -0.27 1.44 3.95
C PHE A 95 -0.08 2.38 2.75
N VAL A 96 -1.19 2.80 2.17
CA VAL A 96 -1.15 3.70 1.03
C VAL A 96 -1.86 5.02 1.33
N LYS A 97 -1.09 6.07 1.54
CA LYS A 97 -1.63 7.38 1.84
C LYS A 97 -1.03 8.45 0.94
N ARG A 98 -1.82 9.46 0.60
CA ARG A 98 -1.35 10.54 -0.25
C ARG A 98 -0.04 11.13 0.26
N VAL A 99 0.71 11.75 -0.63
CA VAL A 99 2.00 12.35 -0.27
C VAL A 99 1.80 13.80 0.17
N LYS A 100 1.81 14.02 1.48
CA LYS A 100 1.65 15.36 2.03
C LYS A 100 2.86 16.23 1.72
N LEU A 101 2.72 17.10 0.72
CA LEU A 101 3.80 17.99 0.34
C LEU A 101 4.36 18.75 1.53
N ALA A 102 5.58 19.23 1.40
CA ALA A 102 6.23 19.98 2.48
C ALA A 102 7.32 20.90 1.93
N ALA A 103 7.36 22.13 2.43
CA ALA A 103 8.35 23.11 1.99
C ALA A 103 9.76 22.53 2.11
N ALA A 104 10.66 23.00 1.24
CA ALA A 104 12.03 22.54 1.24
C ALA A 104 12.97 23.60 1.80
N LEU A 105 12.57 24.86 1.65
CA LEU A 105 13.38 25.98 2.13
C LEU A 105 14.73 26.03 1.42
N GLU A 106 14.72 25.78 0.12
CA GLU A 106 15.94 25.79 -0.68
C GLU A 106 16.28 27.21 -1.13
N HIS A 107 17.48 27.38 -1.67
CA HIS A 107 17.92 28.68 -2.15
C HIS A 107 16.97 29.23 -3.22
N HIS A 108 16.47 30.45 -2.99
CA HIS A 108 15.55 31.08 -3.93
C HIS A 108 16.14 32.37 -4.49
N HIS A 109 16.16 32.50 -5.81
CA HIS A 109 16.70 33.68 -6.46
C HIS A 109 15.76 34.88 -6.27
N HIS A 110 16.35 36.04 -6.02
CA HIS A 110 15.57 37.26 -5.82
C HIS A 110 16.13 38.41 -6.65
N HIS A 111 15.27 39.35 -7.01
CA HIS A 111 15.69 40.50 -7.81
C HIS A 111 16.65 41.39 -7.03
N HIS A 112 17.51 42.11 -7.75
CA HIS A 112 18.48 42.99 -7.12
C HIS A 112 18.27 44.44 -7.56
N MET A 1 -7.89 6.20 -3.66
CA MET A 1 -7.98 4.90 -3.01
C MET A 1 -6.89 4.74 -1.95
N PHE A 2 -7.09 5.37 -0.80
CA PHE A 2 -6.12 5.31 0.29
C PHE A 2 -6.69 4.55 1.48
N GLY A 3 -6.04 3.46 1.86
CA GLY A 3 -6.50 2.67 2.99
C GLY A 3 -5.49 1.62 3.41
N ALA A 4 -5.82 0.87 4.45
CA ALA A 4 -4.94 -0.18 4.96
C ALA A 4 -5.45 -1.56 4.58
N ILE A 5 -4.72 -2.23 3.67
CA ILE A 5 -5.11 -3.56 3.22
C ILE A 5 -4.14 -4.61 3.75
N GLN A 6 -4.67 -5.80 4.04
CA GLN A 6 -3.84 -6.89 4.55
C GLN A 6 -3.64 -7.96 3.48
N LEU A 7 -2.44 -8.52 3.44
CA LEU A 7 -2.10 -9.55 2.46
C LEU A 7 -1.41 -10.74 3.13
N ASP A 8 -1.39 -11.87 2.44
CA ASP A 8 -0.75 -13.07 2.98
C ASP A 8 0.54 -13.38 2.22
N GLY A 9 1.09 -14.57 2.44
CA GLY A 9 2.31 -14.96 1.77
C GLY A 9 2.21 -14.86 0.26
N ASP A 10 1.02 -15.13 -0.27
CA ASP A 10 0.79 -15.07 -1.71
C ASP A 10 0.45 -13.64 -2.15
N GLY A 11 0.00 -12.83 -1.21
CA GLY A 11 -0.35 -11.46 -1.51
C GLY A 11 -1.85 -11.28 -1.74
N ASN A 12 -2.64 -12.21 -1.22
CA ASN A 12 -4.08 -12.15 -1.38
C ASN A 12 -4.71 -11.24 -0.32
N ILE A 13 -5.60 -10.35 -0.76
CA ILE A 13 -6.27 -9.43 0.14
C ILE A 13 -7.21 -10.17 1.09
N LEU A 14 -6.79 -10.31 2.34
CA LEU A 14 -7.60 -11.00 3.34
C LEU A 14 -8.59 -10.03 4.01
N GLN A 15 -8.18 -8.77 4.13
CA GLN A 15 -9.02 -7.75 4.75
C GLN A 15 -8.72 -6.37 4.16
N TYR A 16 -9.73 -5.52 4.13
CA TYR A 16 -9.57 -4.17 3.59
C TYR A 16 -10.23 -3.14 4.51
N ASN A 17 -9.45 -2.15 4.92
CA ASN A 17 -9.95 -1.10 5.80
C ASN A 17 -9.55 0.28 5.29
N ALA A 18 -10.46 0.91 4.54
CA ALA A 18 -10.21 2.24 3.99
C ALA A 18 -9.79 3.22 5.08
N ALA A 19 -9.01 4.22 4.71
CA ALA A 19 -8.55 5.22 5.65
C ALA A 19 -8.98 6.63 5.22
N GLU A 20 -9.71 7.31 6.11
CA GLU A 20 -10.18 8.65 5.81
C GLU A 20 -11.07 8.66 4.57
N GLY A 21 -11.84 7.60 4.39
CA GLY A 21 -12.71 7.50 3.24
C GLY A 21 -13.95 6.68 3.52
N ASP A 22 -14.83 7.21 4.37
CA ASP A 22 -16.07 6.51 4.72
C ASP A 22 -17.27 7.45 4.60
N ILE A 23 -17.66 7.75 3.37
CA ILE A 23 -18.79 8.62 3.12
C ILE A 23 -19.92 7.89 2.41
N THR A 24 -19.59 6.73 1.85
CA THR A 24 -20.57 5.93 1.13
C THR A 24 -20.52 4.47 1.57
N GLY A 25 -21.32 3.63 0.92
CA GLY A 25 -21.35 2.22 1.25
C GLY A 25 -20.17 1.46 0.67
N ARG A 26 -18.98 1.73 1.19
CA ARG A 26 -17.77 1.07 0.72
C ARG A 26 -17.95 -0.45 0.69
N ASP A 27 -17.71 -1.04 -0.47
CA ASP A 27 -17.84 -2.48 -0.63
C ASP A 27 -16.47 -3.16 -0.67
N PRO A 28 -16.04 -3.69 0.48
CA PRO A 28 -14.76 -4.38 0.60
C PRO A 28 -14.73 -5.71 -0.13
N LYS A 29 -15.89 -6.35 -0.24
CA LYS A 29 -16.00 -7.63 -0.92
C LYS A 29 -15.42 -7.55 -2.32
N GLN A 30 -15.39 -6.35 -2.88
CA GLN A 30 -14.85 -6.13 -4.22
C GLN A 30 -13.36 -6.45 -4.27
N VAL A 31 -12.68 -6.21 -3.16
CA VAL A 31 -11.24 -6.48 -3.07
C VAL A 31 -10.97 -7.76 -2.30
N ILE A 32 -11.82 -8.05 -1.31
CA ILE A 32 -11.66 -9.24 -0.50
C ILE A 32 -11.51 -10.49 -1.38
N GLY A 33 -10.37 -11.16 -1.25
CA GLY A 33 -10.12 -12.36 -2.03
C GLY A 33 -9.24 -12.09 -3.23
N LYS A 34 -9.29 -10.86 -3.74
CA LYS A 34 -8.49 -10.48 -4.90
C LYS A 34 -7.08 -10.09 -4.49
N ASN A 35 -6.15 -10.15 -5.43
CA ASN A 35 -4.76 -9.80 -5.16
C ASN A 35 -4.52 -8.32 -5.42
N PHE A 36 -3.67 -7.70 -4.61
CA PHE A 36 -3.34 -6.29 -4.75
C PHE A 36 -2.82 -6.00 -6.15
N PHE A 37 -2.11 -6.95 -6.73
CA PHE A 37 -1.55 -6.80 -8.07
C PHE A 37 -2.47 -7.43 -9.12
N LYS A 38 -3.45 -8.19 -8.66
CA LYS A 38 -4.40 -8.85 -9.55
C LYS A 38 -5.24 -7.83 -10.31
N ASP A 39 -5.93 -6.97 -9.56
CA ASP A 39 -6.77 -5.95 -10.17
C ASP A 39 -6.71 -4.65 -9.37
N VAL A 40 -6.56 -4.78 -8.05
CA VAL A 40 -6.48 -3.62 -7.17
C VAL A 40 -5.43 -2.62 -7.67
N ALA A 41 -4.34 -3.15 -8.23
CA ALA A 41 -3.27 -2.31 -8.74
C ALA A 41 -2.46 -3.05 -9.80
N PRO A 42 -2.94 -3.01 -11.05
CA PRO A 42 -2.27 -3.67 -12.17
C PRO A 42 -0.97 -2.98 -12.55
N GLY A 43 -0.88 -1.68 -12.31
CA GLY A 43 0.32 -0.93 -12.63
C GLY A 43 1.44 -1.19 -11.64
N THR A 44 1.09 -1.73 -10.48
CA THR A 44 2.09 -2.03 -9.46
C THR A 44 2.74 -3.39 -9.69
N ASP A 45 2.47 -3.97 -10.87
CA ASP A 45 3.04 -5.26 -11.21
C ASP A 45 4.48 -5.11 -11.71
N SER A 46 5.33 -4.55 -10.87
CA SER A 46 6.72 -4.34 -11.21
C SER A 46 7.65 -4.90 -10.14
N PRO A 47 8.93 -5.10 -10.50
CA PRO A 47 9.93 -5.64 -9.58
C PRO A 47 10.29 -4.65 -8.47
N GLU A 48 10.04 -3.37 -8.72
CA GLU A 48 10.33 -2.32 -7.74
C GLU A 48 9.32 -2.35 -6.61
N PHE A 49 8.07 -2.71 -6.93
CA PHE A 49 7.01 -2.76 -5.94
C PHE A 49 6.65 -4.20 -5.61
N TYR A 50 6.03 -4.89 -6.58
CA TYR A 50 5.62 -6.28 -6.39
C TYR A 50 6.82 -7.16 -6.07
N GLY A 51 7.87 -7.03 -6.88
CA GLY A 51 9.06 -7.82 -6.66
C GLY A 51 9.57 -7.73 -5.24
N LYS A 52 9.47 -6.56 -4.65
CA LYS A 52 9.92 -6.34 -3.27
C LYS A 52 9.01 -7.06 -2.29
N PHE A 53 7.72 -7.08 -2.59
CA PHE A 53 6.74 -7.74 -1.73
C PHE A 53 7.04 -9.23 -1.61
N LYS A 54 7.46 -9.84 -2.72
CA LYS A 54 7.77 -11.26 -2.74
C LYS A 54 9.16 -11.52 -2.15
N GLU A 55 10.08 -10.60 -2.41
CA GLU A 55 11.45 -10.72 -1.92
C GLU A 55 11.48 -10.70 -0.39
N GLY A 56 10.78 -9.74 0.20
CA GLY A 56 10.73 -9.64 1.65
C GLY A 56 10.18 -10.88 2.30
N VAL A 57 9.22 -11.52 1.64
CA VAL A 57 8.59 -12.72 2.17
C VAL A 57 9.64 -13.82 2.41
N ALA A 58 10.53 -14.00 1.43
CA ALA A 58 11.57 -15.00 1.54
C ALA A 58 12.33 -14.87 2.84
N SER A 59 12.51 -13.64 3.30
CA SER A 59 13.23 -13.39 4.55
C SER A 59 12.30 -13.52 5.75
N GLY A 60 11.04 -13.15 5.55
CA GLY A 60 10.06 -13.23 6.62
C GLY A 60 9.87 -11.91 7.34
N ASN A 61 10.14 -10.82 6.63
CA ASN A 61 10.00 -9.49 7.21
C ASN A 61 9.99 -8.42 6.12
N LEU A 62 9.03 -8.51 5.21
CA LEU A 62 8.91 -7.56 4.11
C LEU A 62 8.81 -6.13 4.64
N ASN A 63 9.93 -5.40 4.61
CA ASN A 63 9.96 -4.03 5.09
C ASN A 63 10.35 -3.07 3.96
N THR A 64 9.37 -2.39 3.41
CA THR A 64 9.62 -1.43 2.33
C THR A 64 8.82 -0.15 2.52
N MET A 65 9.46 0.99 2.30
CA MET A 65 8.80 2.28 2.45
C MET A 65 9.28 3.26 1.39
N PHE A 66 8.36 3.73 0.57
CA PHE A 66 8.69 4.68 -0.50
C PHE A 66 7.42 5.24 -1.14
N GLU A 67 7.60 6.12 -2.11
CA GLU A 67 6.47 6.74 -2.81
C GLU A 67 6.24 6.07 -4.16
N TRP A 68 4.97 5.89 -4.51
CA TRP A 68 4.61 5.27 -5.78
C TRP A 68 3.48 6.03 -6.46
N MET A 69 3.47 6.00 -7.79
CA MET A 69 2.44 6.69 -8.56
C MET A 69 1.33 5.73 -8.96
N ILE A 70 0.11 6.03 -8.54
CA ILE A 70 -1.04 5.19 -8.86
C ILE A 70 -2.13 6.00 -9.56
N PRO A 71 -2.92 5.31 -10.40
CA PRO A 71 -4.01 5.94 -11.14
C PRO A 71 -5.17 6.35 -10.24
N THR A 72 -5.76 7.50 -10.54
CA THR A 72 -6.89 8.00 -9.74
C THR A 72 -7.92 8.70 -10.63
N SER A 73 -8.92 9.30 -10.00
CA SER A 73 -9.97 10.00 -10.72
C SER A 73 -9.38 11.14 -11.56
N ARG A 74 -8.38 11.81 -11.00
CA ARG A 74 -7.74 12.92 -11.69
C ARG A 74 -6.44 12.46 -12.37
N GLY A 75 -6.38 11.18 -12.71
CA GLY A 75 -5.19 10.65 -13.34
C GLY A 75 -4.20 10.08 -12.35
N PRO A 76 -2.96 9.86 -12.81
CA PRO A 76 -1.88 9.32 -11.96
C PRO A 76 -1.42 10.31 -10.91
N THR A 77 -1.18 9.83 -9.70
CA THR A 77 -0.73 10.68 -8.60
C THR A 77 0.24 9.93 -7.69
N LYS A 78 1.16 10.68 -7.09
CA LYS A 78 2.15 10.08 -6.19
C LYS A 78 1.54 9.84 -4.81
N VAL A 79 1.91 8.73 -4.19
CA VAL A 79 1.41 8.38 -2.87
C VAL A 79 2.48 7.66 -2.04
N LYS A 80 2.36 7.74 -0.72
CA LYS A 80 3.31 7.10 0.17
C LYS A 80 2.90 5.65 0.45
N VAL A 81 3.66 4.71 -0.08
CA VAL A 81 3.37 3.30 0.11
C VAL A 81 4.39 2.65 1.04
N HIS A 82 3.88 1.93 2.04
CA HIS A 82 4.75 1.27 3.01
C HIS A 82 4.23 -0.13 3.33
N MET A 83 5.08 -1.14 3.13
CA MET A 83 4.70 -2.52 3.39
C MET A 83 5.52 -3.09 4.55
N LYS A 84 4.83 -3.57 5.58
CA LYS A 84 5.49 -4.13 6.74
C LYS A 84 4.78 -5.41 7.20
N LYS A 85 5.56 -6.46 7.43
CA LYS A 85 5.01 -7.74 7.86
C LYS A 85 4.14 -7.56 9.11
N ALA A 86 3.02 -8.26 9.15
CA ALA A 86 2.10 -8.18 10.28
C ALA A 86 2.80 -8.60 11.58
N LEU A 87 2.07 -8.51 12.68
CA LEU A 87 2.62 -8.87 13.98
C LEU A 87 2.56 -10.38 14.19
N SER A 88 1.53 -11.01 13.63
CA SER A 88 1.36 -12.45 13.75
C SER A 88 2.49 -13.20 13.04
N GLY A 89 3.13 -12.53 12.10
CA GLY A 89 4.22 -13.15 11.36
C GLY A 89 3.73 -14.09 10.29
N ASP A 90 2.53 -13.85 9.79
CA ASP A 90 1.94 -14.70 8.74
C ASP A 90 1.14 -13.85 7.75
N SER A 91 1.61 -12.63 7.51
CA SER A 91 0.95 -11.72 6.59
C SER A 91 1.68 -10.39 6.50
N TYR A 92 1.18 -9.50 5.65
CA TYR A 92 1.79 -8.19 5.47
C TYR A 92 0.73 -7.10 5.33
N TRP A 93 0.96 -5.97 5.98
CA TRP A 93 0.03 -4.86 5.93
C TRP A 93 0.50 -3.78 4.97
N VAL A 94 -0.34 -3.43 4.01
CA VAL A 94 0.00 -2.41 3.03
C VAL A 94 -0.65 -1.07 3.36
N PHE A 95 0.17 -0.03 3.48
CA PHE A 95 -0.32 1.30 3.81
C PHE A 95 -0.12 2.26 2.64
N VAL A 96 -1.22 2.82 2.15
CA VAL A 96 -1.16 3.75 1.03
C VAL A 96 -1.84 5.08 1.38
N LYS A 97 -1.03 6.11 1.58
CA LYS A 97 -1.54 7.43 1.92
C LYS A 97 -1.11 8.47 0.88
N ARG A 98 -1.72 9.65 0.94
CA ARG A 98 -1.40 10.73 0.01
C ARG A 98 -0.10 11.41 0.41
N VAL A 99 0.68 11.84 -0.59
CA VAL A 99 1.94 12.51 -0.34
C VAL A 99 1.74 14.02 -0.20
N LYS A 100 1.28 14.44 0.98
CA LYS A 100 1.04 15.86 1.24
C LYS A 100 0.20 16.49 0.14
N LEU A 101 -0.83 15.77 -0.29
CA LEU A 101 -1.71 16.26 -1.34
C LEU A 101 -2.67 17.33 -0.80
N ALA A 102 -3.57 17.80 -1.65
CA ALA A 102 -4.54 18.81 -1.26
C ALA A 102 -5.29 18.39 0.00
N ALA A 103 -5.07 19.13 1.08
CA ALA A 103 -5.73 18.84 2.35
C ALA A 103 -5.43 19.92 3.39
N ALA A 104 -5.92 19.71 4.60
CA ALA A 104 -5.70 20.67 5.69
C ALA A 104 -6.38 20.21 6.98
N LEU A 105 -5.58 19.68 7.90
CA LEU A 105 -6.10 19.20 9.18
C LEU A 105 -5.85 20.22 10.28
N GLU A 106 -5.97 21.50 9.95
CA GLU A 106 -5.75 22.57 10.91
C GLU A 106 -6.80 22.50 12.03
N HIS A 107 -6.42 21.89 13.14
CA HIS A 107 -7.32 21.76 14.30
C HIS A 107 -6.54 21.60 15.58
N HIS A 108 -7.23 21.77 16.72
CA HIS A 108 -6.59 21.64 18.02
C HIS A 108 -6.90 20.28 18.64
N HIS A 109 -5.92 19.38 18.61
CA HIS A 109 -6.09 18.04 19.18
C HIS A 109 -5.26 17.87 20.44
N HIS A 110 -5.27 18.88 21.30
CA HIS A 110 -4.51 18.85 22.54
C HIS A 110 -5.30 18.13 23.63
N HIS A 111 -6.56 18.51 23.80
CA HIS A 111 -7.43 17.91 24.80
C HIS A 111 -7.96 16.55 24.32
N HIS A 112 -7.91 15.56 25.20
CA HIS A 112 -8.39 14.22 24.87
C HIS A 112 -8.58 13.38 26.13
N MET A 1 -7.81 6.06 -3.99
CA MET A 1 -7.96 4.83 -3.22
C MET A 1 -6.85 4.70 -2.19
N PHE A 2 -7.09 5.20 -0.98
CA PHE A 2 -6.12 5.14 0.09
C PHE A 2 -6.68 4.41 1.30
N GLY A 3 -6.02 3.33 1.70
CA GLY A 3 -6.48 2.56 2.84
C GLY A 3 -5.45 1.52 3.28
N ALA A 4 -5.79 0.78 4.34
CA ALA A 4 -4.89 -0.25 4.87
C ALA A 4 -5.38 -1.64 4.50
N ILE A 5 -4.64 -2.31 3.62
CA ILE A 5 -5.00 -3.66 3.19
C ILE A 5 -4.06 -4.69 3.78
N GLN A 6 -4.59 -5.88 4.06
CA GLN A 6 -3.80 -6.96 4.64
C GLN A 6 -3.65 -8.11 3.64
N LEU A 7 -2.41 -8.37 3.24
CA LEU A 7 -2.14 -9.44 2.28
C LEU A 7 -1.40 -10.60 2.97
N ASP A 8 -1.47 -11.78 2.36
CA ASP A 8 -0.82 -12.96 2.91
C ASP A 8 0.48 -13.27 2.15
N GLY A 9 1.02 -14.46 2.38
CA GLY A 9 2.24 -14.85 1.71
C GLY A 9 2.15 -14.75 0.20
N ASP A 10 0.98 -15.07 -0.34
CA ASP A 10 0.76 -15.02 -1.78
C ASP A 10 0.42 -13.59 -2.22
N GLY A 11 -0.05 -12.78 -1.27
CA GLY A 11 -0.41 -11.41 -1.59
C GLY A 11 -1.89 -11.24 -1.81
N ASN A 12 -2.68 -12.14 -1.24
CA ASN A 12 -4.14 -12.08 -1.39
C ASN A 12 -4.76 -11.16 -0.33
N ILE A 13 -5.59 -10.24 -0.78
CA ILE A 13 -6.25 -9.30 0.12
C ILE A 13 -7.21 -10.02 1.06
N LEU A 14 -6.73 -10.34 2.26
CA LEU A 14 -7.55 -11.03 3.25
C LEU A 14 -8.54 -10.08 3.91
N GLN A 15 -8.12 -8.82 4.07
CA GLN A 15 -8.98 -7.81 4.69
C GLN A 15 -8.68 -6.43 4.11
N TYR A 16 -9.70 -5.58 4.06
CA TYR A 16 -9.54 -4.23 3.53
C TYR A 16 -10.16 -3.20 4.48
N ASN A 17 -9.35 -2.20 4.85
CA ASN A 17 -9.82 -1.15 5.75
C ASN A 17 -9.41 0.23 5.23
N ALA A 18 -10.34 0.88 4.53
CA ALA A 18 -10.09 2.20 3.98
C ALA A 18 -9.62 3.17 5.07
N ALA A 19 -8.81 4.15 4.68
CA ALA A 19 -8.30 5.13 5.62
C ALA A 19 -8.59 6.55 5.14
N GLU A 20 -8.95 7.43 6.07
CA GLU A 20 -9.26 8.81 5.74
C GLU A 20 -10.38 8.89 4.71
N GLY A 21 -11.43 8.11 4.93
CA GLY A 21 -12.56 8.10 4.01
C GLY A 21 -13.85 8.52 4.66
N ASP A 22 -14.57 9.44 4.02
CA ASP A 22 -15.83 9.93 4.55
C ASP A 22 -17.01 9.39 3.74
N ILE A 23 -16.88 8.15 3.29
CA ILE A 23 -17.93 7.52 2.50
C ILE A 23 -18.02 6.03 2.79
N THR A 24 -19.24 5.50 2.82
CA THR A 24 -19.46 4.09 3.09
C THR A 24 -20.33 3.45 2.02
N GLY A 25 -19.98 3.68 0.76
CA GLY A 25 -20.74 3.12 -0.35
C GLY A 25 -19.89 2.27 -1.27
N ARG A 26 -18.87 1.63 -0.70
CA ARG A 26 -17.97 0.79 -1.49
C ARG A 26 -17.84 -0.60 -0.85
N ASP A 27 -18.51 -1.58 -1.44
CA ASP A 27 -18.46 -2.94 -0.93
C ASP A 27 -17.02 -3.43 -0.81
N PRO A 28 -16.64 -3.87 0.39
CA PRO A 28 -15.28 -4.36 0.67
C PRO A 28 -15.01 -5.70 -0.01
N LYS A 29 -16.06 -6.51 -0.15
CA LYS A 29 -15.93 -7.82 -0.78
C LYS A 29 -15.35 -7.69 -2.18
N GLN A 30 -15.46 -6.50 -2.76
CA GLN A 30 -14.95 -6.25 -4.10
C GLN A 30 -13.46 -6.52 -4.17
N VAL A 31 -12.76 -6.29 -3.06
CA VAL A 31 -11.32 -6.51 -3.00
C VAL A 31 -10.99 -7.80 -2.25
N ILE A 32 -11.84 -8.14 -1.28
CA ILE A 32 -11.64 -9.36 -0.50
C ILE A 32 -11.44 -10.57 -1.40
N GLY A 33 -10.28 -11.22 -1.27
CA GLY A 33 -9.99 -12.39 -2.07
C GLY A 33 -9.12 -12.06 -3.27
N LYS A 34 -9.22 -10.83 -3.76
CA LYS A 34 -8.43 -10.39 -4.90
C LYS A 34 -7.03 -9.97 -4.48
N ASN A 35 -6.09 -10.04 -5.42
CA ASN A 35 -4.70 -9.66 -5.13
C ASN A 35 -4.47 -8.18 -5.43
N PHE A 36 -3.61 -7.57 -4.62
CA PHE A 36 -3.29 -6.15 -4.80
C PHE A 36 -2.79 -5.87 -6.21
N PHE A 37 -2.05 -6.83 -6.76
CA PHE A 37 -1.50 -6.69 -8.10
C PHE A 37 -2.42 -7.35 -9.14
N LYS A 38 -3.40 -8.10 -8.66
CA LYS A 38 -4.34 -8.78 -9.54
C LYS A 38 -5.18 -7.78 -10.32
N ASP A 39 -5.88 -6.91 -9.59
CA ASP A 39 -6.72 -5.90 -10.22
C ASP A 39 -6.66 -4.59 -9.44
N VAL A 40 -6.52 -4.70 -8.12
CA VAL A 40 -6.45 -3.52 -7.26
C VAL A 40 -5.40 -2.54 -7.77
N ALA A 41 -4.30 -3.07 -8.30
CA ALA A 41 -3.23 -2.24 -8.83
C ALA A 41 -2.40 -2.99 -9.86
N PRO A 42 -2.87 -2.99 -11.12
CA PRO A 42 -2.18 -3.68 -12.22
C PRO A 42 -0.87 -2.99 -12.60
N GLY A 43 -0.83 -1.68 -12.43
CA GLY A 43 0.37 -0.92 -12.77
C GLY A 43 1.50 -1.17 -11.78
N THR A 44 1.15 -1.68 -10.59
CA THR A 44 2.13 -1.95 -9.57
C THR A 44 2.78 -3.32 -9.76
N ASP A 45 2.50 -3.94 -10.89
CA ASP A 45 3.04 -5.26 -11.20
C ASP A 45 4.47 -5.15 -11.73
N SER A 46 5.34 -4.53 -10.93
CA SER A 46 6.74 -4.36 -11.31
C SER A 46 7.67 -4.92 -10.25
N PRO A 47 8.94 -5.15 -10.62
CA PRO A 47 9.95 -5.68 -9.71
C PRO A 47 10.34 -4.69 -8.63
N GLU A 48 10.08 -3.41 -8.88
CA GLU A 48 10.41 -2.36 -7.92
C GLU A 48 9.41 -2.33 -6.78
N PHE A 49 8.16 -2.68 -7.09
CA PHE A 49 7.10 -2.69 -6.08
C PHE A 49 6.71 -4.12 -5.72
N TYR A 50 6.08 -4.81 -6.66
CA TYR A 50 5.65 -6.18 -6.43
C TYR A 50 6.84 -7.08 -6.08
N GLY A 51 7.89 -6.99 -6.89
CA GLY A 51 9.08 -7.79 -6.65
C GLY A 51 9.58 -7.68 -5.23
N LYS A 52 9.48 -6.48 -4.66
CA LYS A 52 9.93 -6.23 -3.29
C LYS A 52 9.01 -6.92 -2.29
N PHE A 53 7.71 -6.96 -2.61
CA PHE A 53 6.73 -7.59 -1.73
C PHE A 53 7.02 -9.08 -1.58
N LYS A 54 7.40 -9.72 -2.67
CA LYS A 54 7.71 -11.15 -2.67
C LYS A 54 9.09 -11.40 -2.07
N GLU A 55 10.05 -10.54 -2.41
CA GLU A 55 11.41 -10.68 -1.92
C GLU A 55 11.44 -10.61 -0.39
N GLY A 56 10.65 -9.69 0.17
CA GLY A 56 10.60 -9.54 1.61
C GLY A 56 10.01 -10.75 2.30
N VAL A 57 9.05 -11.40 1.63
CA VAL A 57 8.40 -12.58 2.19
C VAL A 57 9.41 -13.69 2.46
N ALA A 58 10.26 -13.97 1.47
CA ALA A 58 11.27 -15.01 1.60
C ALA A 58 12.07 -14.84 2.89
N SER A 59 12.30 -13.58 3.27
CA SER A 59 13.06 -13.28 4.48
C SER A 59 12.20 -13.46 5.73
N GLY A 60 10.91 -13.16 5.59
CA GLY A 60 9.99 -13.29 6.70
C GLY A 60 9.79 -11.99 7.44
N ASN A 61 9.98 -10.87 6.73
CA ASN A 61 9.82 -9.54 7.33
C ASN A 61 9.83 -8.47 6.25
N LEU A 62 8.92 -8.56 5.30
CA LEU A 62 8.84 -7.59 4.21
C LEU A 62 8.75 -6.18 4.76
N ASN A 63 9.88 -5.46 4.75
CA ASN A 63 9.93 -4.10 5.24
C ASN A 63 10.36 -3.14 4.13
N THR A 64 9.38 -2.42 3.58
CA THR A 64 9.66 -1.47 2.51
C THR A 64 8.86 -0.17 2.70
N MET A 65 9.52 0.95 2.45
CA MET A 65 8.88 2.25 2.60
C MET A 65 9.30 3.20 1.48
N PHE A 66 8.38 3.48 0.56
CA PHE A 66 8.66 4.38 -0.55
C PHE A 66 7.38 4.89 -1.18
N GLU A 67 7.50 5.86 -2.08
CA GLU A 67 6.34 6.43 -2.75
C GLU A 67 6.17 5.83 -4.14
N TRP A 68 4.93 5.77 -4.61
CA TRP A 68 4.63 5.22 -5.92
C TRP A 68 3.54 6.03 -6.62
N MET A 69 3.45 5.88 -7.94
CA MET A 69 2.45 6.60 -8.72
C MET A 69 1.35 5.66 -9.20
N ILE A 70 0.13 5.90 -8.74
CA ILE A 70 -1.00 5.07 -9.12
C ILE A 70 -2.10 5.91 -9.76
N PRO A 71 -2.83 5.30 -10.71
CA PRO A 71 -3.92 5.97 -11.43
C PRO A 71 -5.13 6.23 -10.54
N THR A 72 -5.80 7.36 -10.77
CA THR A 72 -6.97 7.71 -9.98
C THR A 72 -8.03 8.40 -10.85
N SER A 73 -9.12 8.83 -10.21
CA SER A 73 -10.20 9.50 -10.92
C SER A 73 -9.69 10.76 -11.61
N ARG A 74 -8.75 11.44 -10.96
CA ARG A 74 -8.18 12.67 -11.51
C ARG A 74 -6.84 12.39 -12.19
N GLY A 75 -6.66 11.16 -12.66
CA GLY A 75 -5.43 10.79 -13.32
C GLY A 75 -4.41 10.20 -12.36
N PRO A 76 -3.15 10.11 -12.81
CA PRO A 76 -2.06 9.56 -11.99
C PRO A 76 -1.68 10.47 -10.84
N THR A 77 -1.34 9.88 -9.70
CA THR A 77 -0.97 10.65 -8.52
C THR A 77 0.08 9.90 -7.70
N LYS A 78 0.88 10.65 -6.95
CA LYS A 78 1.92 10.06 -6.11
C LYS A 78 1.39 9.78 -4.71
N VAL A 79 1.86 8.67 -4.13
CA VAL A 79 1.43 8.27 -2.79
C VAL A 79 2.53 7.51 -2.06
N LYS A 80 2.58 7.66 -0.75
CA LYS A 80 3.60 6.99 0.06
C LYS A 80 3.12 5.59 0.45
N VAL A 81 3.75 4.57 -0.13
CA VAL A 81 3.40 3.19 0.17
C VAL A 81 4.41 2.55 1.11
N HIS A 82 3.91 1.93 2.17
CA HIS A 82 4.77 1.28 3.16
C HIS A 82 4.26 -0.12 3.48
N MET A 83 5.13 -1.12 3.29
CA MET A 83 4.76 -2.50 3.56
C MET A 83 5.58 -3.06 4.72
N LYS A 84 4.90 -3.55 5.75
CA LYS A 84 5.56 -4.11 6.91
C LYS A 84 4.85 -5.37 7.37
N LYS A 85 5.63 -6.43 7.61
CA LYS A 85 5.07 -7.71 8.07
C LYS A 85 4.23 -7.51 9.33
N ALA A 86 3.10 -8.21 9.40
CA ALA A 86 2.21 -8.12 10.54
C ALA A 86 2.92 -8.53 11.82
N LEU A 87 2.22 -8.41 12.95
CA LEU A 87 2.79 -8.77 14.24
C LEU A 87 2.72 -10.27 14.46
N SER A 88 1.68 -10.90 13.92
CA SER A 88 1.50 -12.34 14.06
C SER A 88 2.60 -13.10 13.33
N GLY A 89 3.22 -12.44 12.36
CA GLY A 89 4.29 -13.08 11.60
C GLY A 89 3.76 -14.03 10.55
N ASP A 90 2.53 -13.80 10.09
CA ASP A 90 1.91 -14.65 9.08
C ASP A 90 1.11 -13.81 8.09
N SER A 91 1.58 -12.61 7.82
CA SER A 91 0.90 -11.70 6.89
C SER A 91 1.65 -10.38 6.77
N TYR A 92 1.19 -9.53 5.87
CA TYR A 92 1.81 -8.23 5.64
C TYR A 92 0.77 -7.14 5.47
N TRP A 93 1.01 -5.98 6.07
CA TRP A 93 0.09 -4.85 5.97
C TRP A 93 0.60 -3.81 4.99
N VAL A 94 -0.29 -3.30 4.15
CA VAL A 94 0.06 -2.29 3.17
C VAL A 94 -0.58 -0.94 3.50
N PHE A 95 0.26 0.07 3.68
CA PHE A 95 -0.22 1.41 4.01
C PHE A 95 -0.02 2.36 2.83
N VAL A 96 -1.12 2.87 2.29
CA VAL A 96 -1.06 3.80 1.15
C VAL A 96 -1.73 5.12 1.50
N LYS A 97 -0.91 6.16 1.64
CA LYS A 97 -1.43 7.49 1.96
C LYS A 97 -0.80 8.54 1.04
N ARG A 98 -1.58 9.59 0.74
CA ARG A 98 -1.11 10.66 -0.12
C ARG A 98 0.24 11.19 0.37
N VAL A 99 1.12 11.52 -0.58
CA VAL A 99 2.44 12.04 -0.25
C VAL A 99 2.33 13.34 0.55
N LYS A 100 1.32 14.14 0.24
CA LYS A 100 1.12 15.41 0.93
C LYS A 100 1.09 15.20 2.45
N LEU A 101 1.23 16.29 3.19
CA LEU A 101 1.22 16.23 4.65
C LEU A 101 2.32 15.30 5.16
N ALA A 102 3.54 15.51 4.68
CA ALA A 102 4.67 14.70 5.09
C ALA A 102 5.97 15.49 5.02
N ALA A 103 7.09 14.81 5.26
CA ALA A 103 8.40 15.45 5.23
C ALA A 103 8.60 16.20 3.91
N ALA A 104 8.93 17.48 4.02
CA ALA A 104 9.16 18.31 2.84
C ALA A 104 9.50 19.74 3.24
N LEU A 105 10.79 20.08 3.15
CA LEU A 105 11.25 21.42 3.50
C LEU A 105 11.24 22.34 2.27
N GLU A 106 10.13 22.32 1.53
CA GLU A 106 9.99 23.14 0.34
C GLU A 106 8.84 24.14 0.49
N HIS A 107 8.61 24.92 -0.55
CA HIS A 107 7.53 25.91 -0.53
C HIS A 107 7.65 26.81 0.69
N HIS A 108 8.83 27.39 0.88
CA HIS A 108 9.08 28.28 2.00
C HIS A 108 8.87 29.74 1.60
N HIS A 109 7.82 30.00 0.82
CA HIS A 109 7.52 31.34 0.36
C HIS A 109 7.40 32.30 1.54
N HIS A 110 6.65 31.90 2.57
CA HIS A 110 6.47 32.72 3.75
C HIS A 110 7.39 32.28 4.88
N HIS A 111 7.05 31.14 5.50
CA HIS A 111 7.86 30.60 6.59
C HIS A 111 9.19 30.09 6.08
N HIS A 112 10.17 30.03 6.97
CA HIS A 112 11.52 29.56 6.61
C HIS A 112 11.98 28.47 7.57
N MET A 1 -7.89 6.10 -3.93
CA MET A 1 -7.97 4.83 -3.21
C MET A 1 -6.89 4.73 -2.15
N PHE A 2 -7.18 5.24 -0.96
CA PHE A 2 -6.22 5.20 0.14
C PHE A 2 -6.79 4.44 1.33
N GLY A 3 -6.10 3.37 1.73
CA GLY A 3 -6.56 2.58 2.85
C GLY A 3 -5.54 1.55 3.29
N ALA A 4 -5.86 0.80 4.34
CA ALA A 4 -4.95 -0.22 4.85
C ALA A 4 -5.44 -1.62 4.48
N ILE A 5 -4.69 -2.29 3.61
CA ILE A 5 -5.04 -3.63 3.17
C ILE A 5 -4.09 -4.67 3.76
N GLN A 6 -4.62 -5.85 4.07
CA GLN A 6 -3.82 -6.93 4.64
C GLN A 6 -3.64 -8.06 3.64
N LEU A 7 -2.39 -8.37 3.32
CA LEU A 7 -2.08 -9.43 2.37
C LEU A 7 -1.39 -10.60 3.07
N ASP A 8 -1.40 -11.76 2.42
CA ASP A 8 -0.77 -12.96 2.98
C ASP A 8 0.51 -13.30 2.22
N GLY A 9 1.03 -14.50 2.46
CA GLY A 9 2.24 -14.93 1.80
C GLY A 9 2.14 -14.84 0.28
N ASP A 10 0.96 -15.14 -0.24
CA ASP A 10 0.74 -15.10 -1.68
C ASP A 10 0.41 -13.69 -2.15
N GLY A 11 -0.03 -12.85 -1.21
CA GLY A 11 -0.38 -11.48 -1.53
C GLY A 11 -1.86 -11.29 -1.76
N ASN A 12 -2.66 -12.18 -1.18
CA ASN A 12 -4.11 -12.10 -1.32
C ASN A 12 -4.71 -11.18 -0.27
N ILE A 13 -5.58 -10.28 -0.72
CA ILE A 13 -6.23 -9.33 0.19
C ILE A 13 -7.18 -10.05 1.14
N LEU A 14 -6.69 -10.37 2.34
CA LEU A 14 -7.50 -11.05 3.34
C LEU A 14 -8.52 -10.10 3.97
N GLN A 15 -8.11 -8.84 4.11
CA GLN A 15 -8.99 -7.83 4.70
C GLN A 15 -8.68 -6.45 4.13
N TYR A 16 -9.71 -5.61 4.04
CA TYR A 16 -9.55 -4.26 3.51
C TYR A 16 -10.19 -3.24 4.44
N ASN A 17 -9.41 -2.23 4.83
CA ASN A 17 -9.89 -1.18 5.71
C ASN A 17 -9.50 0.20 5.20
N ALA A 18 -10.42 0.85 4.49
CA ALA A 18 -10.16 2.17 3.95
C ALA A 18 -9.72 3.14 5.03
N ALA A 19 -8.96 4.15 4.64
CA ALA A 19 -8.47 5.15 5.59
C ALA A 19 -8.84 6.56 5.14
N GLU A 20 -9.21 7.40 6.09
CA GLU A 20 -9.60 8.78 5.80
C GLU A 20 -10.81 8.82 4.87
N GLY A 21 -11.88 8.13 5.28
CA GLY A 21 -13.09 8.11 4.47
C GLY A 21 -14.35 8.14 5.32
N ASP A 22 -14.97 9.31 5.40
CA ASP A 22 -16.20 9.47 6.18
C ASP A 22 -17.27 8.50 5.70
N ILE A 23 -17.32 8.28 4.39
CA ILE A 23 -18.31 7.38 3.81
C ILE A 23 -17.64 6.16 3.18
N THR A 24 -18.10 4.97 3.55
CA THR A 24 -17.55 3.73 3.02
C THR A 24 -18.62 2.90 2.33
N GLY A 25 -19.23 3.48 1.30
CA GLY A 25 -20.26 2.78 0.56
C GLY A 25 -19.72 1.69 -0.32
N ARG A 26 -18.53 1.91 -0.88
CA ARG A 26 -17.88 0.93 -1.74
C ARG A 26 -17.79 -0.43 -1.06
N ASP A 27 -18.42 -1.42 -1.65
CA ASP A 27 -18.41 -2.78 -1.09
C ASP A 27 -16.98 -3.30 -0.97
N PRO A 28 -16.60 -3.70 0.26
CA PRO A 28 -15.27 -4.22 0.55
C PRO A 28 -15.03 -5.59 -0.09
N LYS A 29 -16.08 -6.39 -0.19
CA LYS A 29 -15.99 -7.71 -0.79
C LYS A 29 -15.42 -7.64 -2.19
N GLN A 30 -15.51 -6.47 -2.81
CA GLN A 30 -14.99 -6.27 -4.16
C GLN A 30 -13.50 -6.56 -4.22
N VAL A 31 -12.80 -6.31 -3.12
CA VAL A 31 -11.37 -6.55 -3.05
C VAL A 31 -11.06 -7.81 -2.27
N ILE A 32 -11.92 -8.14 -1.32
CA ILE A 32 -11.74 -9.33 -0.50
C ILE A 32 -11.52 -10.57 -1.37
N GLY A 33 -10.36 -11.20 -1.23
CA GLY A 33 -10.04 -12.37 -2.00
C GLY A 33 -9.17 -12.07 -3.20
N LYS A 34 -9.26 -10.84 -3.70
CA LYS A 34 -8.47 -10.43 -4.85
C LYS A 34 -7.07 -10.02 -4.43
N ASN A 35 -6.12 -10.10 -5.36
CA ASN A 35 -4.74 -9.74 -5.08
C ASN A 35 -4.49 -8.26 -5.37
N PHE A 36 -3.61 -7.65 -4.57
CA PHE A 36 -3.29 -6.23 -4.75
C PHE A 36 -2.78 -5.95 -6.16
N PHE A 37 -2.06 -6.92 -6.71
CA PHE A 37 -1.51 -6.79 -8.06
C PHE A 37 -2.44 -7.43 -9.09
N LYS A 38 -3.41 -8.19 -8.62
CA LYS A 38 -4.36 -8.86 -9.50
C LYS A 38 -5.20 -7.84 -10.27
N ASP A 39 -5.89 -6.99 -9.54
CA ASP A 39 -6.73 -5.96 -10.16
C ASP A 39 -6.66 -4.65 -9.38
N VAL A 40 -6.52 -4.76 -8.06
CA VAL A 40 -6.44 -3.59 -7.20
C VAL A 40 -5.39 -2.61 -7.70
N ALA A 41 -4.30 -3.14 -8.25
CA ALA A 41 -3.22 -2.31 -8.76
C ALA A 41 -2.40 -3.07 -9.81
N PRO A 42 -2.87 -3.05 -11.06
CA PRO A 42 -2.20 -3.72 -12.17
C PRO A 42 -0.88 -3.05 -12.55
N GLY A 43 -0.81 -1.74 -12.33
CA GLY A 43 0.40 -1.00 -12.65
C GLY A 43 1.51 -1.26 -11.66
N THR A 44 1.16 -1.76 -10.49
CA THR A 44 2.14 -2.05 -9.45
C THR A 44 2.77 -3.43 -9.65
N ASP A 45 2.50 -4.03 -10.80
CA ASP A 45 3.04 -5.35 -11.12
C ASP A 45 4.47 -5.23 -11.64
N SER A 46 5.34 -4.63 -10.84
CA SER A 46 6.74 -4.45 -11.22
C SER A 46 7.67 -5.03 -10.16
N PRO A 47 8.93 -5.25 -10.54
CA PRO A 47 9.95 -5.81 -9.64
C PRO A 47 10.34 -4.82 -8.54
N GLU A 48 10.10 -3.54 -8.78
CA GLU A 48 10.44 -2.50 -7.81
C GLU A 48 9.42 -2.48 -6.67
N PHE A 49 8.18 -2.82 -6.98
CA PHE A 49 7.12 -2.84 -5.98
C PHE A 49 6.73 -4.28 -5.63
N TYR A 50 6.09 -4.96 -6.56
CA TYR A 50 5.66 -6.33 -6.36
C TYR A 50 6.86 -7.24 -6.03
N GLY A 51 7.90 -7.13 -6.84
CA GLY A 51 9.09 -7.94 -6.62
C GLY A 51 9.59 -7.86 -5.19
N LYS A 52 9.48 -6.68 -4.59
CA LYS A 52 9.92 -6.46 -3.23
C LYS A 52 9.00 -7.16 -2.23
N PHE A 53 7.70 -7.17 -2.56
CA PHE A 53 6.71 -7.79 -1.69
C PHE A 53 6.99 -9.29 -1.55
N LYS A 54 7.38 -9.92 -2.65
CA LYS A 54 7.67 -11.35 -2.65
C LYS A 54 9.07 -11.62 -2.08
N GLU A 55 10.01 -10.74 -2.41
CA GLU A 55 11.38 -10.87 -1.92
C GLU A 55 11.43 -10.79 -0.41
N GLY A 56 10.72 -9.82 0.15
CA GLY A 56 10.70 -9.65 1.60
C GLY A 56 10.13 -10.85 2.32
N VAL A 57 9.16 -11.51 1.69
CA VAL A 57 8.53 -12.68 2.27
C VAL A 57 9.55 -13.78 2.55
N ALA A 58 10.40 -14.05 1.56
CA ALA A 58 11.43 -15.08 1.71
C ALA A 58 12.29 -14.82 2.94
N SER A 59 12.53 -13.54 3.23
CA SER A 59 13.35 -13.16 4.38
C SER A 59 12.57 -13.34 5.68
N GLY A 60 11.27 -13.12 5.63
CA GLY A 60 10.44 -13.25 6.80
C GLY A 60 10.17 -11.92 7.48
N ASN A 61 10.20 -10.84 6.70
CA ASN A 61 9.97 -9.51 7.23
C ASN A 61 9.98 -8.46 6.12
N LEU A 62 8.95 -8.48 5.28
CA LEU A 62 8.85 -7.54 4.17
C LEU A 62 8.74 -6.10 4.69
N ASN A 63 9.87 -5.39 4.66
CA ASN A 63 9.91 -4.01 5.13
C ASN A 63 10.33 -3.07 4.00
N THR A 64 9.36 -2.37 3.42
CA THR A 64 9.63 -1.45 2.33
C THR A 64 8.84 -0.16 2.50
N MET A 65 9.49 0.98 2.23
CA MET A 65 8.84 2.27 2.35
C MET A 65 9.31 3.22 1.25
N PHE A 66 8.36 3.71 0.46
CA PHE A 66 8.68 4.63 -0.62
C PHE A 66 7.41 5.15 -1.29
N GLU A 67 7.55 6.20 -2.10
CA GLU A 67 6.42 6.79 -2.80
C GLU A 67 6.19 6.11 -4.14
N TRP A 68 4.93 5.95 -4.52
CA TRP A 68 4.58 5.32 -5.79
C TRP A 68 3.47 6.10 -6.49
N MET A 69 3.44 6.01 -7.81
CA MET A 69 2.42 6.70 -8.60
C MET A 69 1.33 5.73 -9.05
N ILE A 70 0.10 6.02 -8.66
CA ILE A 70 -1.04 5.18 -9.01
C ILE A 70 -2.13 5.99 -9.69
N PRO A 71 -2.86 5.35 -10.62
CA PRO A 71 -3.95 5.99 -11.35
C PRO A 71 -5.16 6.28 -10.47
N THR A 72 -5.78 7.44 -10.67
CA THR A 72 -6.94 7.82 -9.90
C THR A 72 -7.96 8.55 -10.77
N SER A 73 -9.05 9.00 -10.14
CA SER A 73 -10.11 9.71 -10.86
C SER A 73 -9.59 11.04 -11.42
N ARG A 74 -8.71 11.69 -10.66
CA ARG A 74 -8.14 12.96 -11.08
C ARG A 74 -6.80 12.76 -11.77
N GLY A 75 -6.61 11.57 -12.36
CA GLY A 75 -5.37 11.28 -13.05
C GLY A 75 -4.35 10.64 -12.13
N PRO A 76 -3.09 10.55 -12.62
CA PRO A 76 -1.99 9.96 -11.85
C PRO A 76 -1.58 10.83 -10.67
N THR A 77 -1.26 10.18 -9.55
CA THR A 77 -0.85 10.90 -8.35
C THR A 77 0.19 10.11 -7.57
N LYS A 78 1.04 10.80 -6.82
CA LYS A 78 2.08 10.17 -6.02
C LYS A 78 1.61 9.96 -4.59
N VAL A 79 1.78 8.73 -4.08
CA VAL A 79 1.37 8.42 -2.72
C VAL A 79 2.48 7.66 -1.99
N LYS A 80 2.46 7.75 -0.65
CA LYS A 80 3.46 7.07 0.17
C LYS A 80 3.04 5.63 0.46
N VAL A 81 3.74 4.68 -0.15
CA VAL A 81 3.43 3.27 0.05
C VAL A 81 4.44 2.62 1.00
N HIS A 82 3.93 1.94 2.02
CA HIS A 82 4.78 1.27 3.00
C HIS A 82 4.26 -0.13 3.32
N MET A 83 5.11 -1.12 3.13
CA MET A 83 4.73 -2.50 3.40
C MET A 83 5.55 -3.08 4.54
N LYS A 84 4.86 -3.51 5.60
CA LYS A 84 5.53 -4.08 6.77
C LYS A 84 4.84 -5.37 7.21
N LYS A 85 5.64 -6.41 7.44
CA LYS A 85 5.10 -7.70 7.86
C LYS A 85 4.43 -7.59 9.22
N ALA A 86 3.29 -8.25 9.37
CA ALA A 86 2.56 -8.23 10.62
C ALA A 86 3.44 -8.68 11.79
N LEU A 87 2.89 -8.62 13.00
CA LEU A 87 3.63 -9.02 14.19
C LEU A 87 3.65 -10.53 14.35
N SER A 88 2.56 -11.18 13.91
CA SER A 88 2.45 -12.63 14.00
C SER A 88 3.47 -13.31 13.09
N GLY A 89 3.92 -12.58 12.08
CA GLY A 89 4.90 -13.12 11.15
C GLY A 89 4.27 -14.05 10.13
N ASP A 90 2.99 -13.85 9.86
CA ASP A 90 2.27 -14.67 8.89
C ASP A 90 1.35 -13.82 8.02
N SER A 91 1.78 -12.59 7.74
CA SER A 91 1.00 -11.68 6.92
C SER A 91 1.73 -10.35 6.74
N TYR A 92 1.22 -9.52 5.84
CA TYR A 92 1.83 -8.22 5.57
C TYR A 92 0.76 -7.15 5.38
N TRP A 93 1.01 -5.97 5.93
CA TRP A 93 0.07 -4.87 5.83
C TRP A 93 0.58 -3.81 4.86
N VAL A 94 -0.33 -3.28 4.04
CA VAL A 94 0.03 -2.25 3.06
C VAL A 94 -0.61 -0.92 3.41
N PHE A 95 0.21 0.12 3.49
CA PHE A 95 -0.28 1.46 3.81
C PHE A 95 -0.13 2.40 2.61
N VAL A 96 -1.25 2.87 2.09
CA VAL A 96 -1.25 3.78 0.95
C VAL A 96 -1.93 5.09 1.29
N LYS A 97 -1.13 6.13 1.54
CA LYS A 97 -1.67 7.44 1.87
C LYS A 97 -0.96 8.54 1.07
N ARG A 98 -1.68 9.59 0.74
CA ARG A 98 -1.12 10.70 -0.01
C ARG A 98 0.17 11.21 0.64
N VAL A 99 1.16 11.52 -0.18
CA VAL A 99 2.44 12.02 0.32
C VAL A 99 2.30 13.43 0.87
N LYS A 100 1.47 14.23 0.22
CA LYS A 100 1.25 15.61 0.64
C LYS A 100 0.89 15.67 2.12
N LEU A 101 1.86 16.08 2.95
CA LEU A 101 1.64 16.18 4.38
C LEU A 101 0.44 17.05 4.69
N ALA A 102 0.04 17.09 5.96
CA ALA A 102 -1.10 17.89 6.40
C ALA A 102 -1.06 18.12 7.90
N ALA A 103 -1.95 19.00 8.38
CA ALA A 103 -2.03 19.30 9.79
C ALA A 103 -2.13 18.03 10.63
N ALA A 104 -1.10 17.77 11.42
CA ALA A 104 -1.06 16.58 12.28
C ALA A 104 -1.01 16.97 13.75
N LEU A 105 -0.48 18.15 14.03
CA LEU A 105 -0.36 18.63 15.40
C LEU A 105 0.55 17.73 16.22
N GLU A 106 1.74 17.46 15.69
CA GLU A 106 2.71 16.61 16.37
C GLU A 106 3.88 17.44 16.89
N HIS A 107 4.14 17.34 18.19
CA HIS A 107 5.24 18.07 18.82
C HIS A 107 5.53 17.53 20.21
N HIS A 108 6.78 17.66 20.64
CA HIS A 108 7.19 17.18 21.95
C HIS A 108 8.53 17.79 22.36
N HIS A 109 9.00 17.45 23.55
CA HIS A 109 10.26 17.95 24.06
C HIS A 109 10.95 16.94 24.96
N HIS A 110 12.26 17.04 25.08
CA HIS A 110 13.04 16.13 25.91
C HIS A 110 13.00 16.55 27.37
N HIS A 111 13.15 17.84 27.61
CA HIS A 111 13.14 18.38 28.97
C HIS A 111 11.75 18.22 29.59
N HIS A 112 11.71 17.99 30.90
CA HIS A 112 10.46 17.82 31.62
C HIS A 112 9.62 19.10 31.55
N MET A 1 -7.97 6.11 -3.93
CA MET A 1 -8.11 4.85 -3.20
C MET A 1 -7.01 4.71 -2.14
N PHE A 2 -7.25 5.30 -0.97
CA PHE A 2 -6.29 5.24 0.12
C PHE A 2 -6.86 4.47 1.31
N GLY A 3 -6.17 3.39 1.69
CA GLY A 3 -6.62 2.59 2.81
C GLY A 3 -5.58 1.57 3.25
N ALA A 4 -5.91 0.82 4.28
CA ALA A 4 -4.99 -0.20 4.80
C ALA A 4 -5.46 -1.60 4.43
N ILE A 5 -4.70 -2.27 3.57
CA ILE A 5 -5.04 -3.62 3.14
C ILE A 5 -4.08 -4.65 3.72
N GLN A 6 -4.60 -5.84 4.01
CA GLN A 6 -3.78 -6.91 4.58
C GLN A 6 -3.61 -8.05 3.58
N LEU A 7 -2.37 -8.37 3.25
CA LEU A 7 -2.08 -9.44 2.30
C LEU A 7 -1.35 -10.59 3.00
N ASP A 8 -1.35 -11.76 2.36
CA ASP A 8 -0.69 -12.94 2.91
C ASP A 8 0.59 -13.25 2.14
N GLY A 9 1.13 -14.44 2.36
CA GLY A 9 2.35 -14.84 1.69
C GLY A 9 2.24 -14.74 0.18
N ASP A 10 1.05 -15.06 -0.35
CA ASP A 10 0.81 -15.00 -1.78
C ASP A 10 0.47 -13.59 -2.22
N GLY A 11 0.03 -12.77 -1.27
CA GLY A 11 -0.34 -11.40 -1.59
C GLY A 11 -1.82 -11.22 -1.82
N ASN A 12 -2.62 -12.12 -1.26
CA ASN A 12 -4.07 -12.07 -1.40
C ASN A 12 -4.68 -11.16 -0.34
N ILE A 13 -5.55 -10.25 -0.79
CA ILE A 13 -6.21 -9.33 0.13
C ILE A 13 -7.16 -10.06 1.07
N LEU A 14 -6.68 -10.35 2.28
CA LEU A 14 -7.49 -11.05 3.26
C LEU A 14 -8.49 -10.10 3.93
N GLN A 15 -8.08 -8.84 4.09
CA GLN A 15 -8.94 -7.84 4.70
C GLN A 15 -8.66 -6.45 4.14
N TYR A 16 -9.69 -5.63 4.03
CA TYR A 16 -9.56 -4.29 3.49
C TYR A 16 -10.19 -3.26 4.43
N ASN A 17 -9.42 -2.25 4.81
CA ASN A 17 -9.90 -1.21 5.70
C ASN A 17 -9.52 0.18 5.18
N ALA A 18 -10.44 0.81 4.47
CA ALA A 18 -10.20 2.14 3.92
C ALA A 18 -9.76 3.11 5.00
N ALA A 19 -8.99 4.11 4.61
CA ALA A 19 -8.50 5.12 5.56
C ALA A 19 -8.86 6.53 5.10
N GLU A 20 -9.42 7.31 6.01
CA GLU A 20 -9.82 8.68 5.70
C GLU A 20 -10.81 8.71 4.54
N GLY A 21 -11.91 7.98 4.69
CA GLY A 21 -12.91 7.93 3.64
C GLY A 21 -14.28 7.55 4.17
N ASP A 22 -15.25 8.44 3.97
CA ASP A 22 -16.61 8.19 4.43
C ASP A 22 -17.35 7.25 3.50
N ILE A 23 -17.14 5.95 3.70
CA ILE A 23 -17.78 4.94 2.87
C ILE A 23 -19.29 5.12 2.86
N THR A 24 -19.89 5.00 1.67
CA THR A 24 -21.34 5.15 1.53
C THR A 24 -21.93 4.01 0.70
N GLY A 25 -21.28 3.70 -0.41
CA GLY A 25 -21.75 2.63 -1.27
C GLY A 25 -20.62 1.78 -1.82
N ARG A 26 -19.55 1.63 -1.04
CA ARG A 26 -18.40 0.84 -1.45
C ARG A 26 -18.41 -0.52 -0.77
N ASP A 27 -18.39 -1.58 -1.58
CA ASP A 27 -18.39 -2.95 -1.07
C ASP A 27 -16.97 -3.46 -0.89
N PRO A 28 -16.64 -3.90 0.34
CA PRO A 28 -15.31 -4.42 0.66
C PRO A 28 -15.05 -5.78 0.00
N LYS A 29 -16.09 -6.59 -0.11
CA LYS A 29 -15.97 -7.91 -0.72
C LYS A 29 -15.41 -7.80 -2.13
N GLN A 30 -15.53 -6.62 -2.73
CA GLN A 30 -15.03 -6.39 -4.08
C GLN A 30 -13.54 -6.65 -4.16
N VAL A 31 -12.83 -6.39 -3.06
CA VAL A 31 -11.39 -6.61 -3.00
C VAL A 31 -11.05 -7.88 -2.25
N ILE A 32 -11.89 -8.23 -1.28
CA ILE A 32 -11.68 -9.42 -0.47
C ILE A 32 -11.45 -10.64 -1.35
N GLY A 33 -10.27 -11.25 -1.25
CA GLY A 33 -9.95 -12.42 -2.05
C GLY A 33 -9.08 -12.09 -3.24
N LYS A 34 -9.20 -10.86 -3.74
CA LYS A 34 -8.42 -10.42 -4.88
C LYS A 34 -7.02 -10.01 -4.46
N ASN A 35 -6.08 -10.05 -5.41
CA ASN A 35 -4.70 -9.67 -5.12
C ASN A 35 -4.47 -8.19 -5.40
N PHE A 36 -3.59 -7.58 -4.60
CA PHE A 36 -3.29 -6.16 -4.75
C PHE A 36 -2.78 -5.86 -6.16
N PHE A 37 -2.05 -6.82 -6.73
CA PHE A 37 -1.50 -6.66 -8.07
C PHE A 37 -2.41 -7.30 -9.12
N LYS A 38 -3.39 -8.08 -8.65
CA LYS A 38 -4.33 -8.75 -9.53
C LYS A 38 -5.17 -7.73 -10.30
N ASP A 39 -5.88 -6.88 -9.56
CA ASP A 39 -6.73 -5.87 -10.17
C ASP A 39 -6.66 -4.57 -9.38
N VAL A 40 -6.53 -4.68 -8.06
CA VAL A 40 -6.47 -3.52 -7.19
C VAL A 40 -5.41 -2.53 -7.68
N ALA A 41 -4.33 -3.06 -8.24
CA ALA A 41 -3.25 -2.22 -8.74
C ALA A 41 -2.44 -2.97 -9.80
N PRO A 42 -2.90 -2.92 -11.05
CA PRO A 42 -2.24 -3.58 -12.18
C PRO A 42 -0.91 -2.91 -12.54
N GLY A 43 -0.82 -1.60 -12.28
CA GLY A 43 0.39 -0.87 -12.59
C GLY A 43 1.51 -1.14 -11.59
N THR A 44 1.13 -1.67 -10.42
CA THR A 44 2.10 -1.98 -9.38
C THR A 44 2.73 -3.35 -9.60
N ASP A 45 2.45 -3.94 -10.75
CA ASP A 45 2.98 -5.26 -11.08
C ASP A 45 4.40 -5.15 -11.62
N SER A 46 5.28 -4.53 -10.84
CA SER A 46 6.67 -4.36 -11.23
C SER A 46 7.62 -4.95 -10.18
N PRO A 47 8.88 -5.18 -10.58
CA PRO A 47 9.90 -5.74 -9.71
C PRO A 47 10.32 -4.77 -8.60
N GLU A 48 10.07 -3.48 -8.84
CA GLU A 48 10.42 -2.44 -7.86
C GLU A 48 9.42 -2.43 -6.70
N PHE A 49 8.17 -2.75 -7.01
CA PHE A 49 7.12 -2.77 -5.99
C PHE A 49 6.73 -4.21 -5.65
N TYR A 50 6.07 -4.87 -6.59
CA TYR A 50 5.63 -6.25 -6.38
C TYR A 50 6.82 -7.15 -6.06
N GLY A 51 7.88 -7.04 -6.86
CA GLY A 51 9.07 -7.85 -6.64
C GLY A 51 9.56 -7.80 -5.21
N LYS A 52 9.47 -6.61 -4.60
CA LYS A 52 9.90 -6.42 -3.22
C LYS A 52 8.98 -7.14 -2.25
N PHE A 53 7.68 -7.08 -2.52
CA PHE A 53 6.68 -7.72 -1.68
C PHE A 53 6.95 -9.21 -1.56
N LYS A 54 7.36 -9.83 -2.67
CA LYS A 54 7.65 -11.26 -2.70
C LYS A 54 9.03 -11.53 -2.13
N GLU A 55 9.98 -10.64 -2.42
CA GLU A 55 11.34 -10.78 -1.93
C GLU A 55 11.39 -10.77 -0.41
N GLY A 56 10.69 -9.80 0.19
CA GLY A 56 10.66 -9.68 1.63
C GLY A 56 10.09 -10.93 2.30
N VAL A 57 9.14 -11.57 1.64
CA VAL A 57 8.52 -12.77 2.19
C VAL A 57 9.55 -13.89 2.37
N ALA A 58 10.42 -14.04 1.39
CA ALA A 58 11.46 -15.07 1.45
C ALA A 58 12.24 -15.00 2.76
N SER A 59 12.43 -13.78 3.25
CA SER A 59 13.16 -13.58 4.50
C SER A 59 12.22 -13.66 5.70
N GLY A 60 10.98 -13.21 5.51
CA GLY A 60 10.01 -13.24 6.58
C GLY A 60 9.89 -11.91 7.30
N ASN A 61 10.28 -10.84 6.62
CA ASN A 61 10.23 -9.50 7.21
C ASN A 61 10.18 -8.44 6.11
N LEU A 62 9.18 -8.54 5.25
CA LEU A 62 9.00 -7.58 4.16
C LEU A 62 8.89 -6.16 4.70
N ASN A 63 10.00 -5.42 4.66
CA ASN A 63 10.02 -4.05 5.14
C ASN A 63 10.42 -3.09 4.02
N THR A 64 9.44 -2.40 3.46
CA THR A 64 9.69 -1.44 2.39
C THR A 64 8.88 -0.17 2.58
N MET A 65 9.52 0.98 2.36
CA MET A 65 8.86 2.27 2.51
C MET A 65 9.33 3.25 1.44
N PHE A 66 8.44 3.59 0.52
CA PHE A 66 8.76 4.52 -0.55
C PHE A 66 7.49 5.10 -1.17
N GLU A 67 7.67 6.00 -2.12
CA GLU A 67 6.53 6.64 -2.79
C GLU A 67 6.26 5.96 -4.13
N TRP A 68 4.98 5.83 -4.46
CA TRP A 68 4.56 5.20 -5.71
C TRP A 68 3.43 5.98 -6.38
N MET A 69 3.40 5.96 -7.70
CA MET A 69 2.38 6.66 -8.45
C MET A 69 1.27 5.70 -8.91
N ILE A 70 0.04 5.99 -8.50
CA ILE A 70 -1.09 5.15 -8.87
C ILE A 70 -2.18 5.97 -9.57
N PRO A 71 -2.96 5.31 -10.43
CA PRO A 71 -4.04 5.94 -11.18
C PRO A 71 -5.22 6.34 -10.28
N THR A 72 -5.80 7.49 -10.56
CA THR A 72 -6.93 7.99 -9.78
C THR A 72 -7.94 8.70 -10.67
N SER A 73 -8.96 9.29 -10.05
CA SER A 73 -9.99 10.00 -10.78
C SER A 73 -9.40 11.15 -11.59
N ARG A 74 -8.39 11.80 -11.02
CA ARG A 74 -7.74 12.92 -11.70
C ARG A 74 -6.44 12.46 -12.37
N GLY A 75 -6.38 11.18 -12.72
CA GLY A 75 -5.19 10.64 -13.36
C GLY A 75 -4.21 10.07 -12.36
N PRO A 76 -2.97 9.83 -12.81
CA PRO A 76 -1.91 9.27 -11.97
C PRO A 76 -1.43 10.27 -10.92
N THR A 77 -1.18 9.78 -9.71
CA THR A 77 -0.72 10.61 -8.62
C THR A 77 0.22 9.85 -7.69
N LYS A 78 1.21 10.56 -7.16
CA LYS A 78 2.19 9.95 -6.26
C LYS A 78 1.60 9.80 -4.85
N VAL A 79 2.02 8.76 -4.15
CA VAL A 79 1.54 8.50 -2.80
C VAL A 79 2.59 7.77 -1.97
N LYS A 80 2.46 7.85 -0.65
CA LYS A 80 3.40 7.18 0.26
C LYS A 80 2.98 5.74 0.52
N VAL A 81 3.75 4.80 -0.02
CA VAL A 81 3.47 3.38 0.15
C VAL A 81 4.46 2.73 1.11
N HIS A 82 3.93 2.01 2.09
CA HIS A 82 4.77 1.33 3.07
C HIS A 82 4.25 -0.07 3.37
N MET A 83 5.11 -1.07 3.19
CA MET A 83 4.73 -2.46 3.42
C MET A 83 5.56 -3.05 4.56
N LYS A 84 4.87 -3.50 5.62
CA LYS A 84 5.54 -4.10 6.76
C LYS A 84 4.80 -5.34 7.24
N LYS A 85 5.55 -6.42 7.45
CA LYS A 85 4.96 -7.68 7.91
C LYS A 85 4.16 -7.47 9.19
N ALA A 86 3.03 -8.16 9.29
CA ALA A 86 2.17 -8.06 10.46
C ALA A 86 2.95 -8.40 11.73
N LEU A 87 2.26 -8.33 12.87
CA LEU A 87 2.88 -8.64 14.15
C LEU A 87 2.94 -10.14 14.40
N SER A 88 1.93 -10.85 13.90
CA SER A 88 1.86 -12.29 14.05
C SER A 88 3.00 -12.98 13.31
N GLY A 89 3.54 -12.29 12.31
CA GLY A 89 4.63 -12.85 11.53
C GLY A 89 4.14 -13.80 10.45
N ASP A 90 2.91 -13.60 10.00
CA ASP A 90 2.33 -14.44 8.96
C ASP A 90 1.43 -13.62 8.04
N SER A 91 1.85 -12.40 7.74
CA SER A 91 1.09 -11.52 6.87
C SER A 91 1.81 -10.20 6.67
N TYR A 92 1.23 -9.32 5.85
CA TYR A 92 1.82 -8.03 5.56
C TYR A 92 0.75 -6.95 5.43
N TRP A 93 1.04 -5.77 5.98
CA TRP A 93 0.10 -4.67 5.94
C TRP A 93 0.56 -3.60 4.94
N VAL A 94 -0.34 -3.17 4.07
CA VAL A 94 -0.04 -2.16 3.08
C VAL A 94 -0.65 -0.81 3.45
N PHE A 95 0.20 0.22 3.52
CA PHE A 95 -0.27 1.56 3.87
C PHE A 95 -0.11 2.51 2.68
N VAL A 96 -1.24 2.97 2.14
CA VAL A 96 -1.23 3.88 1.02
C VAL A 96 -1.91 5.20 1.37
N LYS A 97 -1.10 6.24 1.61
CA LYS A 97 -1.62 7.55 1.97
C LYS A 97 -0.97 8.63 1.11
N ARG A 98 -1.72 9.69 0.82
CA ARG A 98 -1.21 10.79 0.01
C ARG A 98 0.12 11.29 0.55
N VAL A 99 1.04 11.63 -0.35
CA VAL A 99 2.35 12.12 0.04
C VAL A 99 2.25 13.47 0.74
N LYS A 100 1.29 14.28 0.31
CA LYS A 100 1.08 15.60 0.90
C LYS A 100 0.36 15.48 2.25
N LEU A 101 1.02 14.83 3.20
CA LEU A 101 0.45 14.66 4.53
C LEU A 101 1.55 14.46 5.57
N ALA A 102 1.17 14.53 6.84
CA ALA A 102 2.12 14.36 7.94
C ALA A 102 2.40 12.88 8.20
N ALA A 103 3.57 12.59 8.76
CA ALA A 103 3.95 11.22 9.07
C ALA A 103 4.47 11.11 10.50
N ALA A 104 4.82 9.89 10.90
CA ALA A 104 5.33 9.64 12.23
C ALA A 104 6.77 9.13 12.19
N LEU A 105 7.16 8.59 11.05
CA LEU A 105 8.52 8.06 10.87
C LEU A 105 9.20 8.71 9.68
N GLU A 106 8.89 9.98 9.45
CA GLU A 106 9.48 10.72 8.34
C GLU A 106 10.99 10.55 8.31
N HIS A 107 11.60 10.65 9.49
CA HIS A 107 13.05 10.51 9.61
C HIS A 107 13.44 10.12 11.03
N HIS A 108 14.47 9.27 11.16
CA HIS A 108 14.94 8.82 12.45
C HIS A 108 16.32 9.38 12.75
N HIS A 109 16.79 9.18 13.99
CA HIS A 109 18.10 9.67 14.39
C HIS A 109 19.13 8.54 14.38
N HIS A 110 20.34 8.85 14.83
CA HIS A 110 21.42 7.86 14.87
C HIS A 110 21.95 7.70 16.29
N HIS A 111 22.53 6.54 16.56
CA HIS A 111 23.08 6.25 17.88
C HIS A 111 24.50 6.81 18.01
N HIS A 112 24.76 7.50 19.11
CA HIS A 112 26.06 8.09 19.36
C HIS A 112 27.07 7.02 19.78
N MET A 1 -8.07 6.15 -3.82
CA MET A 1 -8.12 4.85 -3.17
C MET A 1 -7.02 4.73 -2.11
N PHE A 2 -7.28 5.29 -0.93
CA PHE A 2 -6.31 5.24 0.16
C PHE A 2 -6.87 4.47 1.35
N GLY A 3 -6.18 3.40 1.73
CA GLY A 3 -6.63 2.60 2.86
C GLY A 3 -5.59 1.58 3.28
N ALA A 4 -5.90 0.82 4.33
CA ALA A 4 -5.00 -0.20 4.84
C ALA A 4 -5.47 -1.60 4.47
N ILE A 5 -4.74 -2.26 3.59
CA ILE A 5 -5.09 -3.61 3.15
C ILE A 5 -4.12 -4.64 3.71
N GLN A 6 -4.64 -5.83 4.02
CA GLN A 6 -3.83 -6.90 4.57
C GLN A 6 -3.69 -8.04 3.57
N LEU A 7 -2.45 -8.36 3.22
CA LEU A 7 -2.17 -9.44 2.27
C LEU A 7 -1.48 -10.61 2.95
N ASP A 8 -1.48 -11.76 2.29
CA ASP A 8 -0.85 -12.96 2.83
C ASP A 8 0.46 -13.27 2.09
N GLY A 9 0.97 -14.48 2.31
CA GLY A 9 2.21 -14.88 1.66
C GLY A 9 2.14 -14.75 0.16
N ASP A 10 0.98 -15.07 -0.40
CA ASP A 10 0.78 -15.00 -1.85
C ASP A 10 0.44 -13.57 -2.28
N GLY A 11 -0.04 -12.77 -1.34
CA GLY A 11 -0.39 -11.40 -1.64
C GLY A 11 -1.88 -11.22 -1.86
N ASN A 12 -2.68 -12.12 -1.29
CA ASN A 12 -4.13 -12.06 -1.43
C ASN A 12 -4.75 -11.17 -0.37
N ILE A 13 -5.60 -10.24 -0.80
CA ILE A 13 -6.26 -9.33 0.13
C ILE A 13 -7.21 -10.08 1.07
N LEU A 14 -6.76 -10.32 2.29
CA LEU A 14 -7.55 -11.03 3.28
C LEU A 14 -8.55 -10.09 3.95
N GLN A 15 -8.14 -8.83 4.10
CA GLN A 15 -9.00 -7.82 4.73
C GLN A 15 -8.70 -6.43 4.17
N TYR A 16 -9.74 -5.59 4.11
CA TYR A 16 -9.60 -4.24 3.60
C TYR A 16 -10.20 -3.23 4.56
N ASN A 17 -9.41 -2.21 4.92
CA ASN A 17 -9.87 -1.17 5.83
C ASN A 17 -9.49 0.21 5.31
N ALA A 18 -10.43 0.85 4.62
CA ALA A 18 -10.20 2.18 4.07
C ALA A 18 -9.77 3.16 5.17
N ALA A 19 -9.06 4.21 4.76
CA ALA A 19 -8.60 5.21 5.71
C ALA A 19 -9.04 6.61 5.30
N GLU A 20 -8.75 7.60 6.13
CA GLU A 20 -9.12 8.98 5.85
C GLU A 20 -10.51 9.05 5.22
N GLY A 21 -11.43 8.25 5.75
CA GLY A 21 -12.79 8.24 5.24
C GLY A 21 -12.84 8.03 3.74
N ASP A 22 -13.45 8.97 3.03
CA ASP A 22 -13.57 8.89 1.58
C ASP A 22 -14.29 7.60 1.17
N ILE A 23 -15.50 7.41 1.69
CA ILE A 23 -16.29 6.24 1.37
C ILE A 23 -17.71 6.62 0.97
N THR A 24 -18.16 6.11 -0.17
CA THR A 24 -19.49 6.40 -0.67
C THR A 24 -20.26 5.12 -0.96
N GLY A 25 -20.03 4.10 -0.14
CA GLY A 25 -20.71 2.83 -0.31
C GLY A 25 -19.83 1.79 -0.97
N ARG A 26 -18.54 1.82 -0.66
CA ARG A 26 -17.59 0.88 -1.22
C ARG A 26 -17.58 -0.42 -0.43
N ASP A 27 -18.02 -1.50 -1.06
CA ASP A 27 -18.06 -2.81 -0.41
C ASP A 27 -16.67 -3.45 -0.40
N PRO A 28 -16.31 -4.04 0.75
CA PRO A 28 -15.00 -4.71 0.91
C PRO A 28 -14.91 -6.00 0.10
N LYS A 29 -16.03 -6.71 -0.01
CA LYS A 29 -16.07 -7.96 -0.76
C LYS A 29 -15.50 -7.77 -2.16
N GLN A 30 -15.55 -6.53 -2.66
CA GLN A 30 -15.05 -6.22 -3.99
C GLN A 30 -13.54 -6.47 -4.08
N VAL A 31 -12.85 -6.27 -2.95
CA VAL A 31 -11.41 -6.47 -2.91
C VAL A 31 -11.06 -7.78 -2.19
N ILE A 32 -11.87 -8.13 -1.20
CA ILE A 32 -11.66 -9.35 -0.42
C ILE A 32 -11.48 -10.55 -1.35
N GLY A 33 -10.31 -11.17 -1.29
CA GLY A 33 -10.03 -12.33 -2.12
C GLY A 33 -9.17 -11.99 -3.32
N LYS A 34 -9.25 -10.74 -3.78
CA LYS A 34 -8.47 -10.29 -4.92
C LYS A 34 -7.06 -9.91 -4.50
N ASN A 35 -6.12 -9.98 -5.44
CA ASN A 35 -4.73 -9.64 -5.17
C ASN A 35 -4.46 -8.16 -5.43
N PHE A 36 -3.61 -7.56 -4.61
CA PHE A 36 -3.27 -6.15 -4.76
C PHE A 36 -2.76 -5.86 -6.17
N PHE A 37 -2.06 -6.82 -6.75
CA PHE A 37 -1.51 -6.66 -8.09
C PHE A 37 -2.45 -7.28 -9.13
N LYS A 38 -3.43 -8.04 -8.66
CA LYS A 38 -4.39 -8.69 -9.54
C LYS A 38 -5.22 -7.65 -10.30
N ASP A 39 -5.90 -6.79 -9.55
CA ASP A 39 -6.73 -5.75 -10.15
C ASP A 39 -6.64 -4.46 -9.35
N VAL A 40 -6.50 -4.59 -8.03
CA VAL A 40 -6.39 -3.43 -7.16
C VAL A 40 -5.33 -2.45 -7.65
N ALA A 41 -4.25 -3.00 -8.21
CA ALA A 41 -3.16 -2.17 -8.71
C ALA A 41 -2.36 -2.93 -9.76
N PRO A 42 -2.83 -2.89 -11.01
CA PRO A 42 -2.16 -3.57 -12.14
C PRO A 42 -0.84 -2.91 -12.52
N GLY A 43 -0.76 -1.60 -12.31
CA GLY A 43 0.45 -0.86 -12.63
C GLY A 43 1.57 -1.14 -11.65
N THR A 44 1.21 -1.64 -10.47
CA THR A 44 2.18 -1.95 -9.43
C THR A 44 2.80 -3.33 -9.64
N ASP A 45 2.51 -3.94 -10.79
CA ASP A 45 3.04 -5.26 -11.12
C ASP A 45 4.46 -5.16 -11.65
N SER A 46 5.34 -4.55 -10.87
CA SER A 46 6.74 -4.40 -11.26
C SER A 46 7.67 -4.98 -10.21
N PRO A 47 8.93 -5.21 -10.61
CA PRO A 47 9.95 -5.79 -9.71
C PRO A 47 10.37 -4.80 -8.63
N GLU A 48 10.10 -3.52 -8.85
CA GLU A 48 10.45 -2.49 -7.88
C GLU A 48 9.44 -2.46 -6.73
N PHE A 49 8.20 -2.78 -7.04
CA PHE A 49 7.14 -2.79 -6.03
C PHE A 49 6.74 -4.22 -5.67
N TYR A 50 6.09 -4.90 -6.62
CA TYR A 50 5.65 -6.27 -6.40
C TYR A 50 6.83 -7.18 -6.05
N GLY A 51 7.89 -7.09 -6.84
CA GLY A 51 9.07 -7.91 -6.60
C GLY A 51 9.55 -7.80 -5.17
N LYS A 52 9.51 -6.60 -4.61
CA LYS A 52 9.95 -6.37 -3.25
C LYS A 52 9.02 -7.07 -2.25
N PHE A 53 7.73 -7.08 -2.56
CA PHE A 53 6.73 -7.71 -1.70
C PHE A 53 7.01 -9.21 -1.56
N LYS A 54 7.40 -9.84 -2.66
CA LYS A 54 7.70 -11.26 -2.66
C LYS A 54 9.10 -11.53 -2.12
N GLU A 55 10.02 -10.61 -2.38
CA GLU A 55 11.39 -10.75 -1.91
C GLU A 55 11.45 -10.72 -0.39
N GLY A 56 10.75 -9.77 0.22
CA GLY A 56 10.73 -9.65 1.67
C GLY A 56 10.15 -10.88 2.34
N VAL A 57 9.18 -11.51 1.68
CA VAL A 57 8.54 -12.71 2.21
C VAL A 57 9.56 -13.82 2.46
N ALA A 58 10.44 -14.04 1.49
CA ALA A 58 11.47 -15.06 1.61
C ALA A 58 12.26 -14.91 2.91
N SER A 59 12.47 -13.66 3.32
CA SER A 59 13.21 -13.38 4.54
C SER A 59 12.30 -13.52 5.77
N GLY A 60 11.03 -13.18 5.59
CA GLY A 60 10.08 -13.27 6.69
C GLY A 60 9.91 -11.94 7.42
N ASN A 61 10.11 -10.85 6.70
CA ASN A 61 9.97 -9.52 7.28
C ASN A 61 9.98 -8.45 6.19
N LEU A 62 9.02 -8.54 5.27
CA LEU A 62 8.92 -7.58 4.18
C LEU A 62 8.83 -6.16 4.72
N ASN A 63 9.95 -5.44 4.68
CA ASN A 63 9.99 -4.07 5.16
C ASN A 63 10.40 -3.11 4.05
N THR A 64 9.42 -2.41 3.49
CA THR A 64 9.68 -1.46 2.41
C THR A 64 8.88 -0.18 2.61
N MET A 65 9.53 0.96 2.37
CA MET A 65 8.89 2.25 2.52
C MET A 65 9.35 3.22 1.43
N PHE A 66 8.45 3.57 0.53
CA PHE A 66 8.77 4.49 -0.56
C PHE A 66 7.50 5.04 -1.21
N GLU A 67 7.65 6.04 -2.05
CA GLU A 67 6.52 6.66 -2.74
C GLU A 67 6.27 5.98 -4.09
N TRP A 68 5.01 5.87 -4.46
CA TRP A 68 4.63 5.25 -5.73
C TRP A 68 3.51 6.03 -6.40
N MET A 69 3.49 5.99 -7.73
CA MET A 69 2.46 6.70 -8.50
C MET A 69 1.36 5.74 -8.94
N ILE A 70 0.13 6.07 -8.60
CA ILE A 70 -1.01 5.24 -8.95
C ILE A 70 -2.10 6.06 -9.63
N PRO A 71 -2.87 5.42 -10.53
CA PRO A 71 -3.95 6.07 -11.26
C PRO A 71 -5.13 6.42 -10.36
N THR A 72 -5.77 7.56 -10.63
CA THR A 72 -6.91 8.00 -9.85
C THR A 72 -7.94 8.70 -10.72
N SER A 73 -8.96 9.28 -10.09
CA SER A 73 -10.02 9.97 -10.82
C SER A 73 -9.46 11.17 -11.56
N ARG A 74 -8.50 11.85 -10.95
CA ARG A 74 -7.87 13.03 -11.55
C ARG A 74 -6.56 12.66 -12.24
N GLY A 75 -6.47 11.40 -12.67
CA GLY A 75 -5.25 10.94 -13.34
C GLY A 75 -4.26 10.33 -12.37
N PRO A 76 -3.02 10.13 -12.85
CA PRO A 76 -1.95 9.55 -12.04
C PRO A 76 -1.48 10.49 -10.94
N THR A 77 -1.23 9.92 -9.75
CA THR A 77 -0.78 10.70 -8.61
C THR A 77 0.18 9.90 -7.74
N LYS A 78 1.10 10.60 -7.08
CA LYS A 78 2.07 9.95 -6.21
C LYS A 78 1.51 9.78 -4.80
N VAL A 79 1.96 8.73 -4.11
CA VAL A 79 1.50 8.44 -2.76
C VAL A 79 2.58 7.72 -1.96
N LYS A 80 2.47 7.79 -0.63
CA LYS A 80 3.43 7.14 0.24
C LYS A 80 3.04 5.69 0.50
N VAL A 81 3.81 4.76 -0.06
CA VAL A 81 3.54 3.33 0.10
C VAL A 81 4.51 2.70 1.10
N HIS A 82 3.98 1.95 2.05
CA HIS A 82 4.80 1.29 3.05
C HIS A 82 4.27 -0.12 3.36
N MET A 83 5.14 -1.11 3.20
CA MET A 83 4.76 -2.50 3.46
C MET A 83 5.58 -3.08 4.60
N LYS A 84 4.88 -3.51 5.65
CA LYS A 84 5.55 -4.09 6.82
C LYS A 84 4.82 -5.36 7.27
N LYS A 85 5.59 -6.42 7.50
CA LYS A 85 5.02 -7.69 7.95
C LYS A 85 4.16 -7.50 9.18
N ALA A 86 3.05 -8.23 9.25
CA ALA A 86 2.15 -8.14 10.39
C ALA A 86 2.85 -8.50 11.68
N LEU A 87 2.12 -8.41 12.79
CA LEU A 87 2.68 -8.73 14.11
C LEU A 87 2.69 -10.23 14.35
N SER A 88 1.68 -10.91 13.83
CA SER A 88 1.57 -12.36 13.99
C SER A 88 2.68 -13.08 13.24
N GLY A 89 3.24 -12.40 12.24
CA GLY A 89 4.32 -12.99 11.45
C GLY A 89 3.80 -13.94 10.40
N ASP A 90 2.56 -13.74 9.97
CA ASP A 90 1.95 -14.59 8.96
C ASP A 90 1.15 -13.76 7.96
N SER A 91 1.62 -12.56 7.68
CA SER A 91 0.94 -11.66 6.74
C SER A 91 1.70 -10.34 6.61
N TYR A 92 1.18 -9.46 5.76
CA TYR A 92 1.82 -8.16 5.55
C TYR A 92 0.77 -7.06 5.41
N TRP A 93 1.03 -5.91 6.00
CA TRP A 93 0.11 -4.78 5.95
C TRP A 93 0.59 -3.74 4.94
N VAL A 94 -0.31 -3.30 4.07
CA VAL A 94 0.02 -2.30 3.06
C VAL A 94 -0.65 -0.97 3.37
N PHE A 95 0.14 0.09 3.34
CA PHE A 95 -0.37 1.43 3.61
C PHE A 95 -0.25 2.32 2.39
N VAL A 96 -1.38 2.88 1.95
CA VAL A 96 -1.40 3.74 0.78
C VAL A 96 -2.09 5.07 1.10
N LYS A 97 -1.29 6.11 1.31
CA LYS A 97 -1.82 7.43 1.63
C LYS A 97 -1.13 8.51 0.79
N ARG A 98 -1.86 9.55 0.45
CA ARG A 98 -1.31 10.65 -0.35
C ARG A 98 -0.01 11.16 0.27
N VAL A 99 0.97 11.42 -0.59
CA VAL A 99 2.26 11.92 -0.13
C VAL A 99 2.10 13.15 0.77
N LYS A 100 2.24 12.94 2.07
CA LYS A 100 2.10 14.03 3.04
C LYS A 100 3.37 14.87 3.07
N LEU A 101 3.30 16.00 3.77
CA LEU A 101 4.44 16.89 3.90
C LEU A 101 5.17 16.68 5.23
N ALA A 102 6.43 16.28 5.15
CA ALA A 102 7.23 16.04 6.34
C ALA A 102 8.71 15.96 6.00
N ALA A 103 9.56 16.40 6.93
CA ALA A 103 11.00 16.38 6.74
C ALA A 103 11.54 14.95 6.77
N ALA A 104 12.66 14.73 6.10
CA ALA A 104 13.29 13.41 6.06
C ALA A 104 14.36 13.27 7.13
N LEU A 105 15.53 13.86 6.86
CA LEU A 105 16.64 13.81 7.79
C LEU A 105 17.22 15.19 8.04
N GLU A 106 16.36 16.12 8.46
CA GLU A 106 16.78 17.49 8.72
C GLU A 106 17.93 17.52 9.73
N HIS A 107 17.88 16.61 10.71
CA HIS A 107 18.90 16.54 11.73
C HIS A 107 20.29 16.38 11.10
N HIS A 108 21.31 16.92 11.78
CA HIS A 108 22.67 16.84 11.28
C HIS A 108 23.42 15.69 11.94
N HIS A 109 24.29 15.04 11.17
CA HIS A 109 25.08 13.91 11.68
C HIS A 109 26.54 14.30 11.81
N HIS A 110 27.23 13.66 12.76
CA HIS A 110 28.64 13.94 13.00
C HIS A 110 29.49 12.72 12.65
N HIS A 111 30.70 12.96 12.15
CA HIS A 111 31.61 11.88 11.78
C HIS A 111 32.34 11.36 13.00
N HIS A 112 32.72 10.08 12.96
CA HIS A 112 33.44 9.46 14.07
C HIS A 112 34.89 9.16 13.69
N MET A 1 -8.01 6.05 -3.97
CA MET A 1 -8.09 4.77 -3.29
C MET A 1 -6.98 4.63 -2.24
N PHE A 2 -7.22 5.22 -1.06
CA PHE A 2 -6.23 5.17 0.01
C PHE A 2 -6.81 4.43 1.22
N GLY A 3 -6.13 3.37 1.62
CA GLY A 3 -6.58 2.58 2.76
C GLY A 3 -5.55 1.57 3.22
N ALA A 4 -5.88 0.82 4.27
CA ALA A 4 -4.97 -0.19 4.80
C ALA A 4 -5.45 -1.59 4.43
N ILE A 5 -4.70 -2.26 3.56
CA ILE A 5 -5.05 -3.61 3.13
C ILE A 5 -4.10 -4.64 3.73
N GLN A 6 -4.64 -5.80 4.08
CA GLN A 6 -3.85 -6.87 4.67
C GLN A 6 -3.68 -8.03 3.68
N LEU A 7 -2.44 -8.31 3.32
CA LEU A 7 -2.14 -9.40 2.39
C LEU A 7 -1.42 -10.54 3.09
N ASP A 8 -1.41 -11.70 2.46
CA ASP A 8 -0.75 -12.88 3.02
C ASP A 8 0.52 -13.21 2.25
N GLY A 9 1.06 -14.40 2.49
CA GLY A 9 2.27 -14.81 1.81
C GLY A 9 2.14 -14.74 0.30
N ASP A 10 0.96 -15.06 -0.20
CA ASP A 10 0.71 -15.03 -1.65
C ASP A 10 0.37 -13.62 -2.10
N GLY A 11 -0.07 -12.78 -1.17
CA GLY A 11 -0.42 -11.41 -1.50
C GLY A 11 -1.90 -11.24 -1.74
N ASN A 12 -2.71 -12.12 -1.16
CA ASN A 12 -4.15 -12.06 -1.31
C ASN A 12 -4.77 -11.14 -0.27
N ILE A 13 -5.65 -10.24 -0.71
CA ILE A 13 -6.31 -9.30 0.18
C ILE A 13 -7.25 -10.02 1.13
N LEU A 14 -6.76 -10.32 2.33
CA LEU A 14 -7.56 -11.01 3.33
C LEU A 14 -8.56 -10.06 3.98
N GLN A 15 -8.16 -8.80 4.12
CA GLN A 15 -9.02 -7.79 4.73
C GLN A 15 -8.71 -6.41 4.16
N TYR A 16 -9.75 -5.59 4.01
CA TYR A 16 -9.59 -4.24 3.47
C TYR A 16 -10.21 -3.21 4.41
N ASN A 17 -9.43 -2.20 4.78
CA ASN A 17 -9.90 -1.15 5.67
C ASN A 17 -9.51 0.22 5.15
N ALA A 18 -10.44 0.87 4.45
CA ALA A 18 -10.18 2.20 3.90
C ALA A 18 -9.69 3.16 4.97
N ALA A 19 -8.91 4.15 4.56
CA ALA A 19 -8.38 5.14 5.48
C ALA A 19 -8.73 6.56 5.04
N GLU A 20 -8.72 7.49 6.00
CA GLU A 20 -9.03 8.88 5.69
C GLU A 20 -10.41 8.99 5.04
N GLY A 21 -11.40 8.36 5.64
CA GLY A 21 -12.75 8.39 5.09
C GLY A 21 -13.73 7.57 5.89
N ASP A 22 -14.91 8.13 6.14
CA ASP A 22 -15.94 7.43 6.91
C ASP A 22 -16.75 6.50 6.01
N ILE A 23 -17.30 7.06 4.94
CA ILE A 23 -18.10 6.27 4.00
C ILE A 23 -17.63 6.48 2.57
N THR A 24 -17.58 5.40 1.80
CA THR A 24 -17.14 5.47 0.41
C THR A 24 -18.21 4.91 -0.52
N GLY A 25 -18.89 3.86 -0.08
CA GLY A 25 -19.93 3.25 -0.89
C GLY A 25 -19.46 1.99 -1.58
N ARG A 26 -18.21 1.97 -2.01
CA ARG A 26 -17.64 0.81 -2.68
C ARG A 26 -17.57 -0.39 -1.74
N ASP A 27 -18.30 -1.44 -2.09
CA ASP A 27 -18.33 -2.66 -1.28
C ASP A 27 -16.92 -3.20 -1.07
N PRO A 28 -16.63 -3.62 0.18
CA PRO A 28 -15.32 -4.17 0.53
C PRO A 28 -15.07 -5.53 -0.09
N LYS A 29 -16.12 -6.33 -0.20
CA LYS A 29 -16.03 -7.67 -0.78
C LYS A 29 -15.45 -7.60 -2.20
N GLN A 30 -15.54 -6.43 -2.81
CA GLN A 30 -15.02 -6.24 -4.16
C GLN A 30 -13.52 -6.54 -4.22
N VAL A 31 -12.83 -6.28 -3.12
CA VAL A 31 -11.40 -6.52 -3.04
C VAL A 31 -11.09 -7.79 -2.25
N ILE A 32 -11.96 -8.11 -1.29
CA ILE A 32 -11.79 -9.30 -0.48
C ILE A 32 -11.57 -10.54 -1.34
N GLY A 33 -10.41 -11.16 -1.20
CA GLY A 33 -10.10 -12.35 -1.97
C GLY A 33 -9.22 -12.05 -3.17
N LYS A 34 -9.32 -10.83 -3.68
CA LYS A 34 -8.53 -10.42 -4.84
C LYS A 34 -7.12 -10.01 -4.41
N ASN A 35 -6.18 -10.09 -5.35
CA ASN A 35 -4.79 -9.72 -5.07
C ASN A 35 -4.54 -8.25 -5.36
N PHE A 36 -3.68 -7.63 -4.57
CA PHE A 36 -3.35 -6.21 -4.73
C PHE A 36 -2.84 -5.94 -6.15
N PHE A 37 -2.12 -6.92 -6.70
CA PHE A 37 -1.56 -6.78 -8.04
C PHE A 37 -2.48 -7.42 -9.07
N LYS A 38 -3.46 -8.18 -8.60
CA LYS A 38 -4.41 -8.85 -9.48
C LYS A 38 -5.24 -7.83 -10.27
N ASP A 39 -5.94 -6.96 -9.54
CA ASP A 39 -6.77 -5.94 -10.17
C ASP A 39 -6.70 -4.64 -9.39
N VAL A 40 -6.56 -4.74 -8.07
CA VAL A 40 -6.49 -3.57 -7.21
C VAL A 40 -5.43 -2.59 -7.71
N ALA A 41 -4.35 -3.12 -8.26
CA ALA A 41 -3.27 -2.30 -8.78
C ALA A 41 -2.45 -3.05 -9.83
N PRO A 42 -2.93 -3.03 -11.08
CA PRO A 42 -2.26 -3.70 -12.20
C PRO A 42 -0.95 -3.03 -12.58
N GLY A 43 -0.88 -1.71 -12.37
CA GLY A 43 0.34 -0.98 -12.70
C GLY A 43 1.46 -1.23 -11.72
N THR A 44 1.10 -1.75 -10.55
CA THR A 44 2.08 -2.04 -9.51
C THR A 44 2.71 -3.42 -9.72
N ASP A 45 2.44 -4.02 -10.86
CA ASP A 45 2.97 -5.33 -11.18
C ASP A 45 4.41 -5.22 -11.69
N SER A 46 5.28 -4.62 -10.88
CA SER A 46 6.67 -4.45 -11.24
C SER A 46 7.59 -5.02 -10.16
N PRO A 47 8.86 -5.24 -10.53
CA PRO A 47 9.87 -5.78 -9.62
C PRO A 47 10.25 -4.79 -8.52
N GLU A 48 10.03 -3.52 -8.79
CA GLU A 48 10.35 -2.46 -7.83
C GLU A 48 9.34 -2.45 -6.68
N PHE A 49 8.09 -2.79 -6.99
CA PHE A 49 7.03 -2.80 -5.99
C PHE A 49 6.65 -4.24 -5.63
N TYR A 50 6.03 -4.93 -6.58
CA TYR A 50 5.61 -6.32 -6.36
C TYR A 50 6.81 -7.21 -6.05
N GLY A 51 7.84 -7.11 -6.89
CA GLY A 51 9.03 -7.92 -6.69
C GLY A 51 9.57 -7.80 -5.28
N LYS A 52 9.48 -6.61 -4.70
CA LYS A 52 9.96 -6.38 -3.34
C LYS A 52 9.08 -7.09 -2.32
N PHE A 53 7.77 -7.08 -2.56
CA PHE A 53 6.82 -7.72 -1.66
C PHE A 53 7.12 -9.21 -1.53
N LYS A 54 7.44 -9.85 -2.64
CA LYS A 54 7.75 -11.27 -2.65
C LYS A 54 9.15 -11.52 -2.11
N GLU A 55 10.07 -10.60 -2.39
CA GLU A 55 11.45 -10.73 -1.94
C GLU A 55 11.52 -10.70 -0.42
N GLY A 56 10.83 -9.74 0.20
CA GLY A 56 10.83 -9.62 1.64
C GLY A 56 10.28 -10.87 2.32
N VAL A 57 9.34 -11.53 1.67
CA VAL A 57 8.73 -12.74 2.22
C VAL A 57 9.77 -13.84 2.38
N ALA A 58 10.64 -13.98 1.38
CA ALA A 58 11.69 -14.99 1.43
C ALA A 58 12.48 -14.91 2.73
N SER A 59 12.67 -13.70 3.23
CA SER A 59 13.42 -13.49 4.46
C SER A 59 12.50 -13.57 5.67
N GLY A 60 11.26 -13.15 5.50
CA GLY A 60 10.30 -13.18 6.59
C GLY A 60 10.19 -11.86 7.31
N ASN A 61 10.57 -10.78 6.63
CA ASN A 61 10.51 -9.45 7.22
C ASN A 61 10.41 -8.38 6.12
N LEU A 62 9.43 -8.52 5.26
CA LEU A 62 9.21 -7.57 4.17
C LEU A 62 9.06 -6.15 4.71
N ASN A 63 10.14 -5.38 4.66
CA ASN A 63 10.12 -4.00 5.14
C ASN A 63 10.48 -3.04 4.02
N THR A 64 9.47 -2.37 3.47
CA THR A 64 9.69 -1.41 2.40
C THR A 64 8.85 -0.15 2.60
N MET A 65 9.47 1.01 2.40
CA MET A 65 8.78 2.28 2.56
C MET A 65 9.22 3.29 1.51
N PHE A 66 8.33 3.60 0.58
CA PHE A 66 8.64 4.55 -0.49
C PHE A 66 7.37 5.07 -1.14
N GLU A 67 7.50 6.09 -1.97
CA GLU A 67 6.36 6.68 -2.66
C GLU A 67 6.17 6.05 -4.03
N TRP A 68 4.92 5.89 -4.44
CA TRP A 68 4.60 5.31 -5.73
C TRP A 68 3.49 6.09 -6.43
N MET A 69 3.50 6.06 -7.75
CA MET A 69 2.49 6.77 -8.54
C MET A 69 1.43 5.81 -9.05
N ILE A 70 0.17 6.08 -8.68
CA ILE A 70 -0.94 5.23 -9.10
C ILE A 70 -2.02 6.05 -9.80
N PRO A 71 -2.73 5.42 -10.74
CA PRO A 71 -3.80 6.07 -11.49
C PRO A 71 -5.03 6.36 -10.63
N THR A 72 -5.68 7.48 -10.88
CA THR A 72 -6.87 7.87 -10.13
C THR A 72 -7.88 8.57 -11.02
N SER A 73 -8.93 9.11 -10.40
CA SER A 73 -9.98 9.80 -11.15
C SER A 73 -9.43 11.07 -11.79
N ARG A 74 -8.54 11.76 -11.09
CA ARG A 74 -7.93 12.98 -11.59
C ARG A 74 -6.59 12.70 -12.26
N GLY A 75 -6.43 11.48 -12.76
CA GLY A 75 -5.19 11.11 -13.41
C GLY A 75 -4.20 10.47 -12.46
N PRO A 76 -2.94 10.34 -12.90
CA PRO A 76 -1.87 9.74 -12.09
C PRO A 76 -1.47 10.62 -10.92
N THR A 77 -1.25 10.00 -9.77
CA THR A 77 -0.86 10.75 -8.57
C THR A 77 0.10 9.92 -7.71
N LYS A 78 0.95 10.61 -6.96
CA LYS A 78 1.92 9.95 -6.09
C LYS A 78 1.32 9.69 -4.72
N VAL A 79 1.81 8.64 -4.05
CA VAL A 79 1.32 8.28 -2.73
C VAL A 79 2.40 7.56 -1.92
N LYS A 80 2.30 7.65 -0.60
CA LYS A 80 3.26 7.01 0.29
C LYS A 80 2.89 5.55 0.54
N VAL A 81 3.67 4.63 -0.02
CA VAL A 81 3.41 3.20 0.15
C VAL A 81 4.40 2.58 1.13
N HIS A 82 3.88 1.85 2.10
CA HIS A 82 4.72 1.20 3.10
C HIS A 82 4.22 -0.22 3.38
N MET A 83 5.11 -1.19 3.21
CA MET A 83 4.77 -2.58 3.44
C MET A 83 5.60 -3.18 4.58
N LYS A 84 4.93 -3.63 5.62
CA LYS A 84 5.62 -4.22 6.78
C LYS A 84 4.91 -5.50 7.23
N LYS A 85 5.70 -6.55 7.43
CA LYS A 85 5.16 -7.84 7.87
C LYS A 85 4.44 -7.69 9.20
N ALA A 86 3.30 -8.37 9.34
CA ALA A 86 2.52 -8.32 10.56
C ALA A 86 3.36 -8.74 11.77
N LEU A 87 2.74 -8.73 12.95
CA LEU A 87 3.43 -9.11 14.17
C LEU A 87 3.50 -10.63 14.31
N SER A 88 2.45 -11.30 13.84
CA SER A 88 2.39 -12.76 13.92
C SER A 88 3.46 -13.40 13.03
N GLY A 89 3.92 -12.64 12.04
CA GLY A 89 4.94 -13.14 11.13
C GLY A 89 4.37 -14.06 10.07
N ASP A 90 3.09 -13.88 9.76
CA ASP A 90 2.42 -14.69 8.75
C ASP A 90 1.52 -13.84 7.86
N SER A 91 1.95 -12.61 7.60
CA SER A 91 1.19 -11.68 6.78
C SER A 91 1.91 -10.35 6.63
N TYR A 92 1.36 -9.47 5.81
CA TYR A 92 1.94 -8.15 5.59
C TYR A 92 0.86 -7.09 5.45
N TRP A 93 1.11 -5.92 6.04
CA TRP A 93 0.15 -4.81 5.99
C TRP A 93 0.61 -3.75 5.00
N VAL A 94 -0.31 -3.29 4.17
CA VAL A 94 0.00 -2.27 3.17
C VAL A 94 -0.63 -0.94 3.54
N PHE A 95 0.18 0.12 3.55
CA PHE A 95 -0.31 1.45 3.89
C PHE A 95 -0.16 2.40 2.70
N VAL A 96 -1.29 2.89 2.20
CA VAL A 96 -1.28 3.81 1.06
C VAL A 96 -1.90 5.14 1.43
N LYS A 97 -1.06 6.17 1.57
CA LYS A 97 -1.53 7.50 1.92
C LYS A 97 -1.02 8.54 0.92
N ARG A 98 -1.43 9.79 1.10
CA ARG A 98 -1.02 10.86 0.22
C ARG A 98 0.39 11.34 0.55
N VAL A 99 1.07 11.92 -0.44
CA VAL A 99 2.43 12.42 -0.24
C VAL A 99 2.42 13.87 0.18
N LYS A 100 1.48 14.23 1.05
CA LYS A 100 1.38 15.61 1.54
C LYS A 100 2.69 16.07 2.15
N LEU A 101 2.95 17.38 2.07
CA LEU A 101 4.17 17.95 2.61
C LEU A 101 4.37 17.53 4.06
N ALA A 102 5.61 17.26 4.43
CA ALA A 102 5.95 16.85 5.80
C ALA A 102 7.35 17.30 6.18
N ALA A 103 7.82 16.83 7.34
CA ALA A 103 9.14 17.19 7.82
C ALA A 103 10.21 16.94 6.75
N ALA A 104 10.87 18.01 6.31
CA ALA A 104 11.90 17.90 5.30
C ALA A 104 13.27 18.27 5.87
N LEU A 105 13.27 19.11 6.90
CA LEU A 105 14.51 19.55 7.53
C LEU A 105 15.44 20.21 6.52
N GLU A 106 14.88 21.14 5.75
CA GLU A 106 15.66 21.85 4.74
C GLU A 106 16.68 22.78 5.40
N HIS A 107 17.49 23.43 4.58
CA HIS A 107 18.50 24.35 5.08
C HIS A 107 19.41 23.65 6.10
N HIS A 108 19.81 22.42 5.80
CA HIS A 108 20.68 21.66 6.68
C HIS A 108 21.75 20.93 5.89
N HIS A 109 23.01 21.32 6.11
CA HIS A 109 24.14 20.71 5.43
C HIS A 109 24.09 19.19 5.55
N HIS A 110 23.77 18.70 6.75
CA HIS A 110 23.69 17.27 7.00
C HIS A 110 24.96 16.57 6.53
N HIS A 111 26.11 17.18 6.81
CA HIS A 111 27.39 16.60 6.42
C HIS A 111 27.77 15.44 7.33
N HIS A 112 28.12 14.31 6.72
CA HIS A 112 28.50 13.12 7.48
C HIS A 112 29.98 13.14 7.81
N MET A 1 -7.98 6.10 -3.91
CA MET A 1 -8.08 4.83 -3.21
C MET A 1 -6.97 4.70 -2.16
N PHE A 2 -7.23 5.25 -0.98
CA PHE A 2 -6.27 5.20 0.11
C PHE A 2 -6.84 4.44 1.31
N GLY A 3 -6.14 3.36 1.69
CA GLY A 3 -6.59 2.56 2.82
C GLY A 3 -5.56 1.54 3.26
N ALA A 4 -5.88 0.78 4.30
CA ALA A 4 -4.98 -0.24 4.81
C ALA A 4 -5.45 -1.63 4.43
N ILE A 5 -4.68 -2.29 3.56
CA ILE A 5 -5.02 -3.63 3.10
C ILE A 5 -4.09 -4.67 3.73
N GLN A 6 -4.63 -5.85 4.02
CA GLN A 6 -3.84 -6.92 4.61
C GLN A 6 -3.66 -8.07 3.63
N LEU A 7 -2.41 -8.34 3.26
CA LEU A 7 -2.11 -9.42 2.32
C LEU A 7 -1.41 -10.58 3.02
N ASP A 8 -1.41 -11.74 2.38
CA ASP A 8 -0.77 -12.92 2.94
C ASP A 8 0.53 -13.25 2.20
N GLY A 9 1.06 -14.44 2.46
CA GLY A 9 2.30 -14.84 1.81
C GLY A 9 2.22 -14.76 0.30
N ASP A 10 1.05 -15.08 -0.24
CA ASP A 10 0.85 -15.05 -1.69
C ASP A 10 0.49 -13.63 -2.15
N GLY A 11 0.00 -12.81 -1.22
CA GLY A 11 -0.37 -11.45 -1.55
C GLY A 11 -1.86 -11.30 -1.76
N ASN A 12 -2.64 -12.20 -1.18
CA ASN A 12 -4.09 -12.16 -1.31
C ASN A 12 -4.71 -11.22 -0.27
N ILE A 13 -5.56 -10.31 -0.73
CA ILE A 13 -6.21 -9.37 0.17
C ILE A 13 -7.18 -10.07 1.11
N LEU A 14 -6.72 -10.39 2.31
CA LEU A 14 -7.54 -11.06 3.31
C LEU A 14 -8.52 -10.09 3.95
N GLN A 15 -8.09 -8.84 4.08
CA GLN A 15 -8.94 -7.80 4.69
C GLN A 15 -8.61 -6.43 4.10
N TYR A 16 -9.64 -5.60 3.97
CA TYR A 16 -9.46 -4.25 3.43
C TYR A 16 -10.13 -3.20 4.32
N ASN A 17 -9.39 -2.17 4.66
CA ASN A 17 -9.90 -1.11 5.51
C ASN A 17 -9.59 0.26 4.92
N ALA A 18 -10.56 0.82 4.18
CA ALA A 18 -10.40 2.12 3.56
C ALA A 18 -10.15 3.20 4.60
N ALA A 19 -9.15 4.03 4.35
CA ALA A 19 -8.80 5.11 5.28
C ALA A 19 -9.06 6.48 4.64
N GLU A 20 -9.91 7.27 5.28
CA GLU A 20 -10.23 8.60 4.78
C GLU A 20 -10.64 9.54 5.92
N GLY A 21 -11.16 10.70 5.56
CA GLY A 21 -11.58 11.66 6.57
C GLY A 21 -13.07 11.59 6.85
N ASP A 22 -13.85 11.27 5.83
CA ASP A 22 -15.30 11.18 5.98
C ASP A 22 -15.82 9.87 5.37
N ILE A 23 -16.21 8.94 6.23
CA ILE A 23 -16.72 7.65 5.77
C ILE A 23 -17.83 7.84 4.75
N THR A 24 -17.88 6.95 3.77
CA THR A 24 -18.90 7.01 2.72
C THR A 24 -19.59 5.67 2.54
N GLY A 25 -18.79 4.59 2.55
CA GLY A 25 -19.34 3.26 2.38
C GLY A 25 -18.89 2.61 1.08
N ARG A 26 -17.84 1.82 1.15
CA ARG A 26 -17.30 1.14 -0.03
C ARG A 26 -17.24 -0.37 0.20
N ASP A 27 -18.05 -1.11 -0.53
CA ASP A 27 -18.09 -2.56 -0.41
C ASP A 27 -16.68 -3.15 -0.48
N PRO A 28 -16.17 -3.63 0.65
CA PRO A 28 -14.84 -4.21 0.75
C PRO A 28 -14.74 -5.56 0.03
N LYS A 29 -15.85 -6.30 0.04
CA LYS A 29 -15.90 -7.60 -0.62
C LYS A 29 -15.40 -7.52 -2.05
N GLN A 30 -15.49 -6.32 -2.63
CA GLN A 30 -15.04 -6.10 -4.00
C GLN A 30 -13.55 -6.43 -4.15
N VAL A 31 -12.80 -6.23 -3.08
CA VAL A 31 -11.37 -6.50 -3.09
C VAL A 31 -11.06 -7.79 -2.33
N ILE A 32 -11.90 -8.12 -1.36
CA ILE A 32 -11.71 -9.32 -0.57
C ILE A 32 -11.49 -10.54 -1.46
N GLY A 33 -10.35 -11.20 -1.28
CA GLY A 33 -10.04 -12.38 -2.07
C GLY A 33 -9.16 -12.06 -3.26
N LYS A 34 -9.27 -10.83 -3.75
CA LYS A 34 -8.47 -10.40 -4.90
C LYS A 34 -7.07 -10.00 -4.48
N ASN A 35 -6.13 -10.05 -5.40
CA ASN A 35 -4.74 -9.70 -5.12
C ASN A 35 -4.49 -8.22 -5.40
N PHE A 36 -3.62 -7.61 -4.61
CA PHE A 36 -3.30 -6.19 -4.76
C PHE A 36 -2.78 -5.91 -6.17
N PHE A 37 -2.06 -6.87 -6.74
CA PHE A 37 -1.51 -6.73 -8.07
C PHE A 37 -2.42 -7.35 -9.11
N LYS A 38 -3.40 -8.11 -8.64
CA LYS A 38 -4.35 -8.78 -9.53
C LYS A 38 -5.18 -7.76 -10.31
N ASP A 39 -5.88 -6.90 -9.56
CA ASP A 39 -6.72 -5.88 -10.18
C ASP A 39 -6.66 -4.57 -9.38
N VAL A 40 -6.52 -4.70 -8.07
CA VAL A 40 -6.45 -3.53 -7.19
C VAL A 40 -5.39 -2.55 -7.69
N ALA A 41 -4.30 -3.08 -8.24
CA ALA A 41 -3.23 -2.24 -8.75
C ALA A 41 -2.40 -2.99 -9.80
N PRO A 42 -2.87 -2.94 -11.05
CA PRO A 42 -2.20 -3.62 -12.17
C PRO A 42 -0.88 -2.94 -12.53
N GLY A 43 -0.81 -1.63 -12.32
CA GLY A 43 0.41 -0.89 -12.63
C GLY A 43 1.51 -1.16 -11.63
N THR A 44 1.16 -1.68 -10.47
CA THR A 44 2.12 -1.98 -9.44
C THR A 44 2.76 -3.36 -9.64
N ASP A 45 2.50 -3.95 -10.80
CA ASP A 45 3.04 -5.26 -11.14
C ASP A 45 4.46 -5.14 -11.65
N SER A 46 5.34 -4.53 -10.86
CA SER A 46 6.73 -4.35 -11.23
C SER A 46 7.66 -4.93 -10.18
N PRO A 47 8.93 -5.14 -10.57
CA PRO A 47 9.94 -5.70 -9.66
C PRO A 47 10.34 -4.72 -8.56
N GLU A 48 10.09 -3.43 -8.80
CA GLU A 48 10.42 -2.40 -7.83
C GLU A 48 9.41 -2.39 -6.68
N PHE A 49 8.17 -2.72 -7.00
CA PHE A 49 7.10 -2.74 -6.00
C PHE A 49 6.72 -4.18 -5.65
N TYR A 50 6.08 -4.86 -6.59
CA TYR A 50 5.65 -6.24 -6.39
C TYR A 50 6.85 -7.14 -6.07
N GLY A 51 7.90 -7.01 -6.87
CA GLY A 51 9.09 -7.82 -6.65
C GLY A 51 9.58 -7.75 -5.22
N LYS A 52 9.48 -6.57 -4.62
CA LYS A 52 9.92 -6.36 -3.25
C LYS A 52 9.00 -7.09 -2.27
N PHE A 53 7.71 -7.07 -2.56
CA PHE A 53 6.73 -7.73 -1.70
C PHE A 53 7.01 -9.22 -1.60
N LYS A 54 7.44 -9.81 -2.71
CA LYS A 54 7.74 -11.24 -2.74
C LYS A 54 9.11 -11.52 -2.13
N GLU A 55 10.11 -10.74 -2.53
CA GLU A 55 11.46 -10.90 -2.02
C GLU A 55 11.49 -10.78 -0.50
N GLY A 56 10.72 -9.82 0.02
CA GLY A 56 10.68 -9.62 1.46
C GLY A 56 10.11 -10.82 2.19
N VAL A 57 9.14 -11.49 1.58
CA VAL A 57 8.52 -12.66 2.19
C VAL A 57 9.53 -13.78 2.39
N ALA A 58 10.38 -14.00 1.39
CA ALA A 58 11.40 -15.04 1.46
C ALA A 58 12.22 -14.91 2.74
N SER A 59 12.45 -13.69 3.17
CA SER A 59 13.22 -13.43 4.39
C SER A 59 12.33 -13.55 5.63
N GLY A 60 11.07 -13.14 5.48
CA GLY A 60 10.14 -13.20 6.59
C GLY A 60 10.02 -11.87 7.31
N ASN A 61 10.35 -10.79 6.62
CA ASN A 61 10.29 -9.46 7.21
C ASN A 61 10.21 -8.39 6.12
N LEU A 62 9.21 -8.49 5.26
CA LEU A 62 9.03 -7.53 4.17
C LEU A 62 8.91 -6.10 4.71
N ASN A 63 10.02 -5.37 4.67
CA ASN A 63 10.04 -3.99 5.15
C ASN A 63 10.41 -3.02 4.03
N THR A 64 9.41 -2.34 3.48
CA THR A 64 9.64 -1.39 2.40
C THR A 64 8.82 -0.12 2.61
N MET A 65 9.46 1.03 2.40
CA MET A 65 8.79 2.32 2.56
C MET A 65 9.26 3.31 1.51
N PHE A 66 8.37 3.63 0.57
CA PHE A 66 8.70 4.57 -0.50
C PHE A 66 7.43 5.13 -1.13
N GLU A 67 7.61 6.04 -2.09
CA GLU A 67 6.48 6.65 -2.78
C GLU A 67 6.23 5.99 -4.13
N TRP A 68 4.97 5.84 -4.49
CA TRP A 68 4.60 5.21 -5.76
C TRP A 68 3.46 5.97 -6.42
N MET A 69 3.45 5.97 -7.76
CA MET A 69 2.41 6.65 -8.51
C MET A 69 1.31 5.68 -8.93
N ILE A 70 0.08 5.98 -8.54
CA ILE A 70 -1.06 5.13 -8.88
C ILE A 70 -2.16 5.94 -9.56
N PRO A 71 -2.95 5.25 -10.41
CA PRO A 71 -4.05 5.88 -11.14
C PRO A 71 -5.20 6.28 -10.22
N THR A 72 -5.82 7.43 -10.51
CA THR A 72 -6.93 7.91 -9.71
C THR A 72 -7.96 8.61 -10.58
N SER A 73 -9.01 9.15 -9.95
CA SER A 73 -10.06 9.85 -10.66
C SER A 73 -9.49 11.01 -11.47
N ARG A 74 -8.49 11.68 -10.91
CA ARG A 74 -7.85 12.81 -11.57
C ARG A 74 -6.56 12.38 -12.27
N GLY A 75 -6.49 11.11 -12.64
CA GLY A 75 -5.30 10.59 -13.30
C GLY A 75 -4.29 10.04 -12.33
N PRO A 76 -3.06 9.82 -12.82
CA PRO A 76 -1.97 9.29 -12.00
C PRO A 76 -1.49 10.26 -10.93
N THR A 77 -1.23 9.76 -9.74
CA THR A 77 -0.77 10.59 -8.64
C THR A 77 0.18 9.83 -7.73
N LYS A 78 1.13 10.54 -7.13
CA LYS A 78 2.10 9.93 -6.23
C LYS A 78 1.51 9.72 -4.84
N VAL A 79 1.93 8.66 -4.17
CA VAL A 79 1.45 8.36 -2.83
C VAL A 79 2.50 7.63 -2.01
N LYS A 80 2.40 7.74 -0.69
CA LYS A 80 3.34 7.08 0.21
C LYS A 80 2.92 5.65 0.50
N VAL A 81 3.67 4.70 -0.03
CA VAL A 81 3.37 3.28 0.16
C VAL A 81 4.39 2.64 1.12
N HIS A 82 3.87 1.96 2.13
CA HIS A 82 4.72 1.30 3.12
C HIS A 82 4.21 -0.11 3.42
N MET A 83 5.08 -1.10 3.23
CA MET A 83 4.72 -2.49 3.48
C MET A 83 5.55 -3.08 4.62
N LYS A 84 4.88 -3.52 5.68
CA LYS A 84 5.56 -4.09 6.82
C LYS A 84 4.86 -5.37 7.28
N LYS A 85 5.64 -6.43 7.49
CA LYS A 85 5.10 -7.71 7.94
C LYS A 85 4.22 -7.53 9.18
N ALA A 86 3.10 -8.24 9.20
CA ALA A 86 2.18 -8.16 10.32
C ALA A 86 2.87 -8.57 11.62
N LEU A 87 2.15 -8.44 12.74
CA LEU A 87 2.69 -8.79 14.05
C LEU A 87 2.58 -10.29 14.28
N SER A 88 1.54 -10.90 13.73
CA SER A 88 1.33 -12.33 13.88
C SER A 88 2.43 -13.14 13.20
N GLY A 89 3.09 -12.50 12.23
CA GLY A 89 4.15 -13.17 11.51
C GLY A 89 3.63 -14.12 10.45
N ASP A 90 2.43 -13.86 9.96
CA ASP A 90 1.82 -14.70 8.94
C ASP A 90 1.04 -13.85 7.93
N SER A 91 1.54 -12.66 7.67
CA SER A 91 0.89 -11.75 6.73
C SER A 91 1.64 -10.42 6.64
N TYR A 92 1.16 -9.53 5.79
CA TYR A 92 1.79 -8.23 5.61
C TYR A 92 0.74 -7.14 5.44
N TRP A 93 0.99 -5.99 6.06
CA TRP A 93 0.07 -4.86 6.00
C TRP A 93 0.57 -3.80 5.03
N VAL A 94 -0.31 -3.30 4.17
CA VAL A 94 0.05 -2.29 3.20
C VAL A 94 -0.61 -0.95 3.53
N PHE A 95 0.20 0.10 3.61
CA PHE A 95 -0.30 1.43 3.92
C PHE A 95 -0.15 2.37 2.73
N VAL A 96 -1.27 2.92 2.27
CA VAL A 96 -1.26 3.83 1.13
C VAL A 96 -1.93 5.15 1.48
N LYS A 97 -1.12 6.20 1.63
CA LYS A 97 -1.64 7.52 1.97
C LYS A 97 -0.98 8.59 1.10
N ARG A 98 -1.74 9.63 0.78
CA ARG A 98 -1.22 10.72 -0.04
C ARG A 98 0.07 11.27 0.54
N VAL A 99 0.91 11.82 -0.33
CA VAL A 99 2.19 12.38 0.09
C VAL A 99 2.06 13.88 0.39
N LYS A 100 1.04 14.23 1.16
CA LYS A 100 0.80 15.62 1.52
C LYS A 100 0.80 16.51 0.28
N LEU A 101 0.21 16.02 -0.80
CA LEU A 101 0.14 16.77 -2.05
C LEU A 101 -1.26 17.35 -2.26
N ALA A 102 -1.55 18.44 -1.55
CA ALA A 102 -2.85 19.10 -1.66
C ALA A 102 -2.76 20.55 -1.26
N ALA A 103 -3.91 21.24 -1.27
CA ALA A 103 -3.96 22.65 -0.90
C ALA A 103 -5.38 23.09 -0.59
N ALA A 104 -5.52 24.16 0.18
CA ALA A 104 -6.83 24.68 0.54
C ALA A 104 -7.60 23.68 1.40
N LEU A 105 -6.86 22.85 2.13
CA LEU A 105 -7.46 21.84 2.98
C LEU A 105 -7.50 22.31 4.43
N GLU A 106 -7.91 23.55 4.64
CA GLU A 106 -7.98 24.12 5.98
C GLU A 106 -9.42 24.47 6.35
N HIS A 107 -9.87 23.98 7.49
CA HIS A 107 -11.23 24.24 7.96
C HIS A 107 -11.41 25.72 8.31
N HIS A 108 -10.38 26.32 8.88
CA HIS A 108 -10.42 27.72 9.26
C HIS A 108 -9.55 28.56 8.33
N HIS A 109 -9.82 28.48 7.03
CA HIS A 109 -9.06 29.23 6.04
C HIS A 109 -9.49 30.70 6.04
N HIS A 110 -10.79 30.94 5.96
CA HIS A 110 -11.32 32.29 5.94
C HIS A 110 -11.39 32.86 7.36
N HIS A 111 -10.39 33.67 7.72
CA HIS A 111 -10.35 34.28 9.04
C HIS A 111 -11.65 35.00 9.37
N HIS A 112 -12.16 34.77 10.56
CA HIS A 112 -13.41 35.39 11.00
C HIS A 112 -13.24 36.90 11.17
N MET A 1 -7.88 6.04 -3.90
CA MET A 1 -7.98 4.75 -3.22
C MET A 1 -6.88 4.60 -2.18
N PHE A 2 -7.07 5.20 -1.02
CA PHE A 2 -6.09 5.14 0.06
C PHE A 2 -6.65 4.40 1.27
N GLY A 3 -5.98 3.32 1.66
CA GLY A 3 -6.43 2.55 2.80
C GLY A 3 -5.41 1.51 3.24
N ALA A 4 -5.74 0.78 4.29
CA ALA A 4 -4.84 -0.25 4.82
C ALA A 4 -5.34 -1.65 4.46
N ILE A 5 -4.61 -2.32 3.57
CA ILE A 5 -4.96 -3.66 3.15
C ILE A 5 -4.02 -4.71 3.75
N GLN A 6 -4.58 -5.87 4.09
CA GLN A 6 -3.79 -6.94 4.67
C GLN A 6 -3.61 -8.09 3.67
N LEU A 7 -2.37 -8.36 3.31
CA LEU A 7 -2.07 -9.44 2.36
C LEU A 7 -1.34 -10.58 3.05
N ASP A 8 -1.34 -11.75 2.41
CA ASP A 8 -0.66 -12.92 2.96
C ASP A 8 0.61 -13.23 2.19
N GLY A 9 1.16 -14.42 2.41
CA GLY A 9 2.38 -14.81 1.73
C GLY A 9 2.25 -14.73 0.22
N ASP A 10 1.06 -15.03 -0.28
CA ASP A 10 0.82 -14.99 -1.72
C ASP A 10 0.48 -13.57 -2.17
N GLY A 11 0.04 -12.74 -1.24
CA GLY A 11 -0.30 -11.37 -1.56
C GLY A 11 -1.79 -11.19 -1.81
N ASN A 12 -2.59 -12.08 -1.24
CA ASN A 12 -4.05 -12.03 -1.40
C ASN A 12 -4.68 -11.14 -0.35
N ILE A 13 -5.55 -10.24 -0.78
CA ILE A 13 -6.23 -9.32 0.14
C ILE A 13 -7.19 -10.07 1.05
N LEU A 14 -6.76 -10.29 2.29
CA LEU A 14 -7.57 -11.00 3.27
C LEU A 14 -8.53 -10.04 3.96
N GLN A 15 -8.10 -8.80 4.14
CA GLN A 15 -8.93 -7.79 4.79
C GLN A 15 -8.63 -6.40 4.24
N TYR A 16 -9.67 -5.61 4.04
CA TYR A 16 -9.52 -4.26 3.51
C TYR A 16 -10.12 -3.23 4.46
N ASN A 17 -9.32 -2.24 4.83
CA ASN A 17 -9.77 -1.19 5.74
C ASN A 17 -9.36 0.19 5.22
N ALA A 18 -10.29 0.85 4.53
CA ALA A 18 -10.03 2.17 3.98
C ALA A 18 -9.53 3.13 5.06
N ALA A 19 -8.74 4.12 4.65
CA ALA A 19 -8.20 5.10 5.59
C ALA A 19 -8.52 6.52 5.14
N GLU A 20 -8.67 7.42 6.11
CA GLU A 20 -8.98 8.81 5.81
C GLU A 20 -10.30 8.92 5.06
N GLY A 21 -11.36 8.38 5.64
CA GLY A 21 -12.67 8.43 5.01
C GLY A 21 -13.78 7.98 5.94
N ASP A 22 -14.65 8.92 6.30
CA ASP A 22 -15.76 8.63 7.19
C ASP A 22 -16.81 7.78 6.48
N ILE A 23 -17.46 8.36 5.48
CA ILE A 23 -18.48 7.65 4.72
C ILE A 23 -17.98 7.27 3.34
N THR A 24 -18.23 6.02 2.95
CA THR A 24 -17.80 5.53 1.65
C THR A 24 -18.75 4.45 1.13
N GLY A 25 -19.17 4.60 -0.13
CA GLY A 25 -20.08 3.63 -0.73
C GLY A 25 -19.35 2.56 -1.52
N ARG A 26 -18.20 2.12 -0.99
CA ARG A 26 -17.41 1.10 -1.67
C ARG A 26 -17.48 -0.22 -0.92
N ASP A 27 -17.91 -1.27 -1.60
CA ASP A 27 -18.02 -2.59 -0.99
C ASP A 27 -16.65 -3.23 -0.83
N PRO A 28 -16.37 -3.74 0.38
CA PRO A 28 -15.09 -4.39 0.69
C PRO A 28 -14.93 -5.72 -0.02
N LYS A 29 -16.01 -6.49 -0.08
CA LYS A 29 -16.00 -7.79 -0.74
C LYS A 29 -15.44 -7.68 -2.15
N GLN A 30 -15.53 -6.49 -2.73
CA GLN A 30 -15.03 -6.26 -4.08
C GLN A 30 -13.53 -6.54 -4.16
N VAL A 31 -12.83 -6.29 -3.07
CA VAL A 31 -11.39 -6.51 -3.01
C VAL A 31 -11.05 -7.79 -2.25
N ILE A 32 -11.89 -8.12 -1.27
CA ILE A 32 -11.69 -9.32 -0.46
C ILE A 32 -11.48 -10.54 -1.34
N GLY A 33 -10.31 -11.16 -1.22
CA GLY A 33 -10.01 -12.34 -2.00
C GLY A 33 -9.14 -12.03 -3.21
N LYS A 34 -9.25 -10.80 -3.70
CA LYS A 34 -8.47 -10.38 -4.86
C LYS A 34 -7.05 -9.99 -4.45
N ASN A 35 -6.13 -10.07 -5.40
CA ASN A 35 -4.73 -9.71 -5.13
C ASN A 35 -4.48 -8.23 -5.41
N PHE A 36 -3.60 -7.63 -4.62
CA PHE A 36 -3.27 -6.22 -4.80
C PHE A 36 -2.77 -5.93 -6.21
N PHE A 37 -2.05 -6.90 -6.78
CA PHE A 37 -1.51 -6.77 -8.12
C PHE A 37 -2.44 -7.40 -9.15
N LYS A 38 -3.43 -8.15 -8.68
CA LYS A 38 -4.39 -8.81 -9.55
C LYS A 38 -5.23 -7.79 -10.31
N ASP A 39 -5.91 -6.92 -9.58
CA ASP A 39 -6.74 -5.90 -10.18
C ASP A 39 -6.66 -4.59 -9.39
N VAL A 40 -6.52 -4.71 -8.07
CA VAL A 40 -6.43 -3.55 -7.20
C VAL A 40 -5.37 -2.57 -7.71
N ALA A 41 -4.29 -3.11 -8.26
CA ALA A 41 -3.21 -2.28 -8.79
C ALA A 41 -2.40 -3.04 -9.83
N PRO A 42 -2.87 -3.00 -11.09
CA PRO A 42 -2.22 -3.68 -12.21
C PRO A 42 -0.90 -3.02 -12.58
N GLY A 43 -0.79 -1.72 -12.31
CA GLY A 43 0.42 -0.99 -12.63
C GLY A 43 1.54 -1.26 -11.63
N THR A 44 1.18 -1.79 -10.48
CA THR A 44 2.16 -2.09 -9.44
C THR A 44 2.80 -3.46 -9.66
N ASP A 45 2.53 -4.04 -10.82
CA ASP A 45 3.08 -5.35 -11.16
C ASP A 45 4.51 -5.22 -11.69
N SER A 46 5.38 -4.63 -10.88
CA SER A 46 6.77 -4.44 -11.26
C SER A 46 7.72 -4.99 -10.20
N PRO A 47 8.99 -5.19 -10.58
CA PRO A 47 10.01 -5.72 -9.68
C PRO A 47 10.40 -4.72 -8.59
N GLU A 48 10.12 -3.44 -8.85
CA GLU A 48 10.44 -2.39 -7.89
C GLU A 48 9.44 -2.40 -6.73
N PHE A 49 8.21 -2.76 -7.03
CA PHE A 49 7.16 -2.81 -6.01
C PHE A 49 6.79 -4.24 -5.66
N TYR A 50 6.13 -4.92 -6.61
CA TYR A 50 5.73 -6.30 -6.40
C TYR A 50 6.92 -7.18 -6.06
N GLY A 51 7.97 -7.09 -6.87
CA GLY A 51 9.17 -7.87 -6.63
C GLY A 51 9.68 -7.75 -5.21
N LYS A 52 9.49 -6.57 -4.62
CA LYS A 52 9.95 -6.32 -3.26
C LYS A 52 9.03 -7.00 -2.25
N PHE A 53 7.75 -7.11 -2.59
CA PHE A 53 6.78 -7.75 -1.71
C PHE A 53 7.04 -9.25 -1.60
N LYS A 54 7.45 -9.86 -2.70
CA LYS A 54 7.74 -11.29 -2.74
C LYS A 54 9.08 -11.58 -2.05
N GLU A 55 10.12 -10.86 -2.48
CA GLU A 55 11.45 -11.05 -1.91
C GLU A 55 11.43 -10.82 -0.40
N GLY A 56 10.58 -9.91 0.04
CA GLY A 56 10.48 -9.60 1.46
C GLY A 56 9.85 -10.73 2.25
N VAL A 57 8.95 -11.47 1.61
CA VAL A 57 8.27 -12.58 2.26
C VAL A 57 9.24 -13.68 2.65
N ALA A 58 10.06 -14.10 1.69
CA ALA A 58 11.05 -15.15 1.92
C ALA A 58 11.90 -14.83 3.15
N SER A 59 12.22 -13.55 3.32
CA SER A 59 13.03 -13.11 4.45
C SER A 59 12.27 -13.24 5.76
N GLY A 60 10.95 -13.04 5.69
CA GLY A 60 10.13 -13.14 6.87
C GLY A 60 9.93 -11.80 7.56
N ASN A 61 10.28 -10.73 6.86
CA ASN A 61 10.13 -9.38 7.42
C ASN A 61 10.08 -8.34 6.31
N LEU A 62 9.11 -8.50 5.40
CA LEU A 62 8.95 -7.57 4.29
C LEU A 62 8.81 -6.14 4.79
N ASN A 63 9.92 -5.40 4.73
CA ASN A 63 9.92 -4.00 5.18
C ASN A 63 10.34 -3.08 4.04
N THR A 64 9.36 -2.40 3.46
CA THR A 64 9.62 -1.47 2.36
C THR A 64 8.80 -0.20 2.51
N MET A 65 9.44 0.94 2.27
CA MET A 65 8.78 2.23 2.38
C MET A 65 9.27 3.19 1.30
N PHE A 66 8.35 3.65 0.45
CA PHE A 66 8.68 4.57 -0.62
C PHE A 66 7.42 5.12 -1.28
N GLU A 67 7.60 6.15 -2.11
CA GLU A 67 6.48 6.76 -2.81
C GLU A 67 6.23 6.10 -4.16
N TRP A 68 4.97 6.04 -4.56
CA TRP A 68 4.60 5.41 -5.83
C TRP A 68 3.47 6.18 -6.50
N MET A 69 3.44 6.13 -7.83
CA MET A 69 2.41 6.82 -8.59
C MET A 69 1.36 5.84 -9.11
N ILE A 70 0.11 6.06 -8.71
CA ILE A 70 -0.98 5.20 -9.13
C ILE A 70 -2.09 6.00 -9.82
N PRO A 71 -2.75 5.36 -10.79
CA PRO A 71 -3.84 6.00 -11.55
C PRO A 71 -5.09 6.21 -10.70
N THR A 72 -5.76 7.34 -10.92
CA THR A 72 -6.97 7.66 -10.17
C THR A 72 -8.00 8.34 -11.06
N SER A 73 -9.10 8.79 -10.46
CA SER A 73 -10.15 9.47 -11.19
C SER A 73 -9.68 10.82 -11.73
N ARG A 74 -8.83 11.49 -10.94
CA ARG A 74 -8.30 12.79 -11.34
C ARG A 74 -6.92 12.64 -11.99
N GLY A 75 -6.67 11.47 -12.57
CA GLY A 75 -5.40 11.22 -13.22
C GLY A 75 -4.39 10.61 -12.28
N PRO A 76 -3.12 10.54 -12.72
CA PRO A 76 -2.04 9.97 -11.92
C PRO A 76 -1.68 10.83 -10.72
N THR A 77 -1.37 10.18 -9.60
CA THR A 77 -1.02 10.89 -8.38
C THR A 77 0.02 10.12 -7.57
N LYS A 78 0.82 10.84 -6.78
CA LYS A 78 1.85 10.23 -5.97
C LYS A 78 1.31 9.88 -4.58
N VAL A 79 1.67 8.68 -4.10
CA VAL A 79 1.22 8.23 -2.79
C VAL A 79 2.33 7.49 -2.06
N LYS A 80 2.35 7.62 -0.74
CA LYS A 80 3.36 6.95 0.08
C LYS A 80 2.94 5.53 0.41
N VAL A 81 3.64 4.56 -0.17
CA VAL A 81 3.34 3.15 0.06
C VAL A 81 4.34 2.53 1.02
N HIS A 82 3.84 1.87 2.07
CA HIS A 82 4.70 1.24 3.05
C HIS A 82 4.19 -0.17 3.38
N MET A 83 5.06 -1.16 3.19
CA MET A 83 4.71 -2.56 3.47
C MET A 83 5.55 -3.11 4.62
N LYS A 84 4.87 -3.52 5.68
CA LYS A 84 5.54 -4.08 6.85
C LYS A 84 4.85 -5.35 7.33
N LYS A 85 5.64 -6.39 7.58
CA LYS A 85 5.10 -7.66 8.04
C LYS A 85 4.20 -7.47 9.26
N ALA A 86 3.09 -8.20 9.29
CA ALA A 86 2.14 -8.10 10.39
C ALA A 86 2.83 -8.43 11.72
N LEU A 87 2.09 -8.28 12.82
CA LEU A 87 2.62 -8.56 14.14
C LEU A 87 2.56 -10.05 14.45
N SER A 88 1.53 -10.71 13.93
CA SER A 88 1.36 -12.14 14.15
C SER A 88 2.46 -12.94 13.47
N GLY A 89 3.08 -12.33 12.46
CA GLY A 89 4.16 -12.99 11.74
C GLY A 89 3.64 -13.98 10.72
N ASP A 90 2.42 -13.76 10.25
CA ASP A 90 1.81 -14.63 9.25
C ASP A 90 1.05 -13.84 8.21
N SER A 91 1.53 -12.64 7.91
CA SER A 91 0.90 -11.77 6.93
C SER A 91 1.65 -10.45 6.80
N TYR A 92 1.16 -9.58 5.91
CA TYR A 92 1.79 -8.29 5.68
C TYR A 92 0.75 -7.20 5.47
N TRP A 93 0.98 -6.04 6.06
CA TRP A 93 0.06 -4.91 5.93
C TRP A 93 0.60 -3.88 4.95
N VAL A 94 -0.30 -3.30 4.15
CA VAL A 94 0.09 -2.29 3.17
C VAL A 94 -0.55 -0.94 3.50
N PHE A 95 0.29 0.08 3.62
CA PHE A 95 -0.18 1.42 3.94
C PHE A 95 0.05 2.36 2.76
N VAL A 96 -1.03 2.78 2.11
CA VAL A 96 -0.93 3.68 0.96
C VAL A 96 -1.68 4.98 1.24
N LYS A 97 -0.94 6.02 1.60
CA LYS A 97 -1.52 7.32 1.89
C LYS A 97 -1.07 8.36 0.85
N ARG A 98 -1.58 9.58 1.00
CA ARG A 98 -1.23 10.66 0.08
C ARG A 98 0.03 11.38 0.53
N VAL A 99 0.89 11.72 -0.42
CA VAL A 99 2.14 12.42 -0.11
C VAL A 99 1.94 13.92 -0.10
N LYS A 100 1.96 14.52 1.09
CA LYS A 100 1.78 15.96 1.24
C LYS A 100 3.12 16.68 1.16
N LEU A 101 3.46 17.13 -0.05
CA LEU A 101 4.71 17.84 -0.26
C LEU A 101 4.84 19.03 0.68
N ALA A 102 6.04 19.26 1.19
CA ALA A 102 6.29 20.36 2.11
C ALA A 102 7.69 20.95 1.89
N ALA A 103 8.05 21.91 2.73
CA ALA A 103 9.36 22.55 2.63
C ALA A 103 10.45 21.67 3.22
N ALA A 104 11.65 22.22 3.33
CA ALA A 104 12.79 21.47 3.87
C ALA A 104 14.06 22.32 3.84
N LEU A 105 14.48 22.79 5.00
CA LEU A 105 15.68 23.61 5.11
C LEU A 105 16.56 23.14 6.28
N GLU A 106 16.76 21.83 6.36
CA GLU A 106 17.59 21.26 7.42
C GLU A 106 18.90 20.71 6.86
N HIS A 107 19.97 20.84 7.65
CA HIS A 107 21.28 20.36 7.23
C HIS A 107 21.79 19.28 8.18
N HIS A 108 20.89 18.38 8.58
CA HIS A 108 21.25 17.30 9.50
C HIS A 108 22.34 16.42 8.89
N HIS A 109 22.01 15.73 7.82
CA HIS A 109 22.97 14.85 7.15
C HIS A 109 24.18 15.64 6.66
N HIS A 110 25.28 14.93 6.40
CA HIS A 110 26.50 15.56 5.93
C HIS A 110 26.92 15.00 4.58
N HIS A 111 27.16 15.88 3.63
CA HIS A 111 27.57 15.48 2.29
C HIS A 111 29.06 15.15 2.25
N HIS A 112 29.42 14.12 1.50
CA HIS A 112 30.82 13.71 1.38
C HIS A 112 31.37 14.06 0.01
N MET A 1 -8.08 6.02 -3.85
CA MET A 1 -8.15 4.72 -3.20
C MET A 1 -7.04 4.57 -2.16
N PHE A 2 -7.22 5.23 -1.01
CA PHE A 2 -6.23 5.17 0.05
C PHE A 2 -6.78 4.43 1.27
N GLY A 3 -6.10 3.35 1.65
CA GLY A 3 -6.54 2.57 2.79
C GLY A 3 -5.51 1.54 3.22
N ALA A 4 -5.82 0.80 4.27
CA ALA A 4 -4.91 -0.23 4.78
C ALA A 4 -5.40 -1.62 4.43
N ILE A 5 -4.67 -2.29 3.54
CA ILE A 5 -5.02 -3.64 3.12
C ILE A 5 -4.09 -4.68 3.73
N GLN A 6 -4.65 -5.85 4.03
CA GLN A 6 -3.86 -6.93 4.63
C GLN A 6 -3.69 -8.08 3.63
N LEU A 7 -2.43 -8.35 3.27
CA LEU A 7 -2.13 -9.42 2.33
C LEU A 7 -1.41 -10.57 3.03
N ASP A 8 -1.41 -11.73 2.40
CA ASP A 8 -0.76 -12.91 2.97
C ASP A 8 0.53 -13.24 2.19
N GLY A 9 1.06 -14.44 2.43
CA GLY A 9 2.27 -14.85 1.75
C GLY A 9 2.15 -14.79 0.24
N ASP A 10 0.97 -15.11 -0.27
CA ASP A 10 0.73 -15.08 -1.71
C ASP A 10 0.37 -13.67 -2.17
N GLY A 11 -0.08 -12.85 -1.23
CA GLY A 11 -0.45 -11.47 -1.56
C GLY A 11 -1.95 -11.31 -1.76
N ASN A 12 -2.72 -12.22 -1.18
CA ASN A 12 -4.18 -12.18 -1.30
C ASN A 12 -4.77 -11.23 -0.26
N ILE A 13 -5.65 -10.34 -0.72
CA ILE A 13 -6.30 -9.38 0.16
C ILE A 13 -7.26 -10.07 1.12
N LEU A 14 -6.77 -10.39 2.31
CA LEU A 14 -7.59 -11.05 3.32
C LEU A 14 -8.55 -10.08 3.98
N GLN A 15 -8.13 -8.82 4.08
CA GLN A 15 -8.96 -7.78 4.68
C GLN A 15 -8.65 -6.41 4.08
N TYR A 16 -9.62 -5.51 4.16
CA TYR A 16 -9.45 -4.17 3.62
C TYR A 16 -10.08 -3.12 4.55
N ASN A 17 -9.32 -2.08 4.86
CA ASN A 17 -9.80 -1.01 5.73
C ASN A 17 -9.46 0.36 5.14
N ALA A 18 -10.42 0.94 4.44
CA ALA A 18 -10.23 2.25 3.84
C ALA A 18 -9.86 3.29 4.89
N ALA A 19 -9.05 4.26 4.49
CA ALA A 19 -8.61 5.32 5.38
C ALA A 19 -9.08 6.68 4.91
N GLU A 20 -9.64 7.47 5.82
CA GLU A 20 -10.13 8.81 5.48
C GLU A 20 -11.29 8.73 4.49
N GLY A 21 -12.30 7.95 4.84
CA GLY A 21 -13.46 7.79 3.97
C GLY A 21 -14.73 7.53 4.74
N ASP A 22 -14.80 8.05 5.97
CA ASP A 22 -15.98 7.87 6.81
C ASP A 22 -16.37 6.39 6.88
N ILE A 23 -15.38 5.52 6.77
CA ILE A 23 -15.63 4.08 6.83
C ILE A 23 -16.74 3.68 5.88
N THR A 24 -16.61 4.08 4.61
CA THR A 24 -17.61 3.76 3.61
C THR A 24 -17.27 4.41 2.27
N GLY A 25 -17.84 3.88 1.19
CA GLY A 25 -17.59 4.41 -0.13
C GLY A 25 -17.10 3.35 -1.09
N ARG A 26 -16.34 2.39 -0.58
CA ARG A 26 -15.81 1.31 -1.41
C ARG A 26 -16.03 -0.05 -0.76
N ASP A 27 -16.97 -0.81 -1.31
CA ASP A 27 -17.28 -2.13 -0.78
C ASP A 27 -16.02 -2.97 -0.63
N PRO A 28 -15.88 -3.63 0.54
CA PRO A 28 -14.73 -4.47 0.84
C PRO A 28 -14.70 -5.74 0.02
N LYS A 29 -15.86 -6.38 -0.13
CA LYS A 29 -15.97 -7.61 -0.90
C LYS A 29 -15.38 -7.43 -2.30
N GLN A 30 -15.36 -6.19 -2.77
CA GLN A 30 -14.81 -5.88 -4.09
C GLN A 30 -13.33 -6.20 -4.16
N VAL A 31 -12.64 -6.07 -3.02
CA VAL A 31 -11.22 -6.35 -2.96
C VAL A 31 -10.94 -7.67 -2.25
N ILE A 32 -11.78 -7.99 -1.27
CA ILE A 32 -11.63 -9.24 -0.53
C ILE A 32 -11.50 -10.44 -1.47
N GLY A 33 -10.40 -11.17 -1.31
CA GLY A 33 -10.17 -12.33 -2.15
C GLY A 33 -9.29 -12.02 -3.34
N LYS A 34 -9.33 -10.76 -3.79
CA LYS A 34 -8.53 -10.34 -4.94
C LYS A 34 -7.12 -9.95 -4.50
N ASN A 35 -6.18 -10.04 -5.43
CA ASN A 35 -4.79 -9.70 -5.15
C ASN A 35 -4.52 -8.22 -5.41
N PHE A 36 -3.65 -7.62 -4.60
CA PHE A 36 -3.30 -6.21 -4.75
C PHE A 36 -2.79 -5.92 -6.15
N PHE A 37 -2.09 -6.89 -6.74
CA PHE A 37 -1.53 -6.74 -8.08
C PHE A 37 -2.46 -7.35 -9.12
N LYS A 38 -3.45 -8.10 -8.65
CA LYS A 38 -4.41 -8.76 -9.53
C LYS A 38 -5.25 -7.72 -10.29
N ASP A 39 -5.92 -6.86 -9.55
CA ASP A 39 -6.74 -5.82 -10.15
C ASP A 39 -6.66 -4.52 -9.35
N VAL A 40 -6.51 -4.65 -8.04
CA VAL A 40 -6.41 -3.49 -7.16
C VAL A 40 -5.35 -2.52 -7.66
N ALA A 41 -4.27 -3.06 -8.20
CA ALA A 41 -3.18 -2.24 -8.73
C ALA A 41 -2.38 -2.99 -9.77
N PRO A 42 -2.86 -2.96 -11.03
CA PRO A 42 -2.20 -3.64 -12.15
C PRO A 42 -0.88 -2.97 -12.53
N GLY A 43 -0.81 -1.66 -12.35
CA GLY A 43 0.40 -0.93 -12.67
C GLY A 43 1.52 -1.19 -11.70
N THR A 44 1.18 -1.70 -10.52
CA THR A 44 2.16 -2.00 -9.49
C THR A 44 2.80 -3.37 -9.71
N ASP A 45 2.51 -3.97 -10.86
CA ASP A 45 3.06 -5.29 -11.18
C ASP A 45 4.49 -5.17 -11.69
N SER A 46 5.36 -4.59 -10.87
CA SER A 46 6.76 -4.42 -11.24
C SER A 46 7.67 -5.00 -10.17
N PRO A 47 8.94 -5.21 -10.53
CA PRO A 47 9.95 -5.77 -9.62
C PRO A 47 10.33 -4.79 -8.51
N GLU A 48 10.10 -3.51 -8.76
CA GLU A 48 10.43 -2.47 -7.78
C GLU A 48 9.41 -2.47 -6.65
N PHE A 49 8.16 -2.79 -6.98
CA PHE A 49 7.10 -2.82 -5.98
C PHE A 49 6.70 -4.26 -5.64
N TYR A 50 6.07 -4.94 -6.59
CA TYR A 50 5.65 -6.32 -6.39
C TYR A 50 6.85 -7.21 -6.07
N GLY A 51 7.90 -7.10 -6.88
CA GLY A 51 9.08 -7.90 -6.66
C GLY A 51 9.59 -7.83 -5.24
N LYS A 52 9.49 -6.64 -4.64
CA LYS A 52 9.94 -6.44 -3.27
C LYS A 52 9.04 -7.16 -2.28
N PHE A 53 7.74 -7.15 -2.57
CA PHE A 53 6.76 -7.81 -1.70
C PHE A 53 7.06 -9.30 -1.60
N LYS A 54 7.45 -9.91 -2.71
CA LYS A 54 7.76 -11.33 -2.74
C LYS A 54 9.14 -11.60 -2.15
N GLU A 55 10.10 -10.74 -2.50
CA GLU A 55 11.47 -10.89 -2.01
C GLU A 55 11.51 -10.80 -0.49
N GLY A 56 10.80 -9.84 0.06
CA GLY A 56 10.77 -9.66 1.51
C GLY A 56 10.22 -10.89 2.22
N VAL A 57 9.24 -11.55 1.61
CA VAL A 57 8.64 -12.73 2.19
C VAL A 57 9.68 -13.84 2.39
N ALA A 58 10.55 -14.01 1.41
CA ALA A 58 11.59 -15.02 1.48
C ALA A 58 12.37 -14.92 2.77
N SER A 59 12.57 -13.70 3.25
CA SER A 59 13.29 -13.46 4.49
C SER A 59 12.37 -13.57 5.70
N GLY A 60 11.13 -13.14 5.52
CA GLY A 60 10.16 -13.19 6.60
C GLY A 60 10.04 -11.87 7.33
N ASN A 61 10.30 -10.77 6.61
CA ASN A 61 10.23 -9.45 7.20
C ASN A 61 10.18 -8.38 6.12
N LEU A 62 9.20 -8.49 5.22
CA LEU A 62 9.04 -7.53 4.13
C LEU A 62 8.91 -6.11 4.67
N ASN A 63 10.00 -5.37 4.64
CA ASN A 63 10.01 -3.99 5.13
C ASN A 63 10.39 -3.02 4.01
N THR A 64 9.39 -2.34 3.45
CA THR A 64 9.63 -1.38 2.38
C THR A 64 8.79 -0.13 2.57
N MET A 65 9.42 1.03 2.36
CA MET A 65 8.73 2.30 2.51
C MET A 65 9.19 3.30 1.45
N PHE A 66 8.30 3.65 0.55
CA PHE A 66 8.61 4.60 -0.52
C PHE A 66 7.34 5.13 -1.17
N GLU A 67 7.50 6.16 -2.00
CA GLU A 67 6.36 6.76 -2.70
C GLU A 67 6.13 6.09 -4.04
N TRP A 68 4.86 5.91 -4.40
CA TRP A 68 4.51 5.28 -5.67
C TRP A 68 3.40 6.07 -6.37
N MET A 69 3.39 5.99 -7.70
CA MET A 69 2.39 6.69 -8.49
C MET A 69 1.31 5.73 -8.98
N ILE A 70 0.06 6.01 -8.61
CA ILE A 70 -1.06 5.17 -9.02
C ILE A 70 -2.12 5.99 -9.74
N PRO A 71 -2.87 5.31 -10.64
CA PRO A 71 -3.93 5.96 -11.42
C PRO A 71 -5.13 6.35 -10.56
N THR A 72 -5.72 7.50 -10.85
CA THR A 72 -6.88 7.98 -10.11
C THR A 72 -7.87 8.67 -11.03
N SER A 73 -8.89 9.29 -10.44
CA SER A 73 -9.91 9.99 -11.20
C SER A 73 -9.30 11.14 -12.00
N ARG A 74 -8.34 11.83 -11.40
CA ARG A 74 -7.67 12.94 -12.05
C ARG A 74 -6.34 12.51 -12.66
N GLY A 75 -6.23 11.22 -12.98
CA GLY A 75 -5.01 10.71 -13.55
C GLY A 75 -4.07 10.13 -12.51
N PRO A 76 -2.81 9.92 -12.89
CA PRO A 76 -1.78 9.37 -12.00
C PRO A 76 -1.39 10.36 -10.90
N THR A 77 -1.19 9.84 -9.70
CA THR A 77 -0.81 10.68 -8.56
C THR A 77 0.13 9.93 -7.62
N LYS A 78 1.02 10.67 -6.97
CA LYS A 78 1.98 10.08 -6.04
C LYS A 78 1.31 9.76 -4.71
N VAL A 79 1.79 8.72 -4.04
CA VAL A 79 1.24 8.31 -2.75
C VAL A 79 2.30 7.61 -1.91
N LYS A 80 2.12 7.65 -0.59
CA LYS A 80 3.05 7.03 0.34
C LYS A 80 2.70 5.55 0.55
N VAL A 81 3.54 4.67 0.02
CA VAL A 81 3.31 3.23 0.16
C VAL A 81 4.31 2.60 1.11
N HIS A 82 3.80 1.88 2.11
CA HIS A 82 4.66 1.22 3.09
C HIS A 82 4.17 -0.19 3.37
N MET A 83 5.06 -1.16 3.19
CA MET A 83 4.72 -2.56 3.43
C MET A 83 5.56 -3.14 4.57
N LYS A 84 4.88 -3.57 5.63
CA LYS A 84 5.56 -4.15 6.79
C LYS A 84 4.87 -5.42 7.25
N LYS A 85 5.65 -6.47 7.47
CA LYS A 85 5.11 -7.74 7.92
C LYS A 85 4.24 -7.56 9.16
N ALA A 86 3.12 -8.29 9.20
CA ALA A 86 2.20 -8.21 10.33
C ALA A 86 2.89 -8.59 11.63
N LEU A 87 2.15 -8.53 12.73
CA LEU A 87 2.69 -8.86 14.04
C LEU A 87 2.69 -10.36 14.27
N SER A 88 1.67 -11.04 13.73
CA SER A 88 1.56 -12.48 13.87
C SER A 88 2.69 -13.19 13.12
N GLY A 89 3.27 -12.51 12.15
CA GLY A 89 4.35 -13.08 11.37
C GLY A 89 3.85 -14.04 10.30
N ASP A 90 2.61 -13.82 9.85
CA ASP A 90 2.03 -14.67 8.82
C ASP A 90 1.22 -13.83 7.82
N SER A 91 1.69 -12.61 7.57
CA SER A 91 1.01 -11.71 6.65
C SER A 91 1.75 -10.37 6.55
N TYR A 92 1.23 -9.48 5.73
CA TYR A 92 1.84 -8.17 5.54
C TYR A 92 0.78 -7.08 5.40
N TRP A 93 1.01 -5.94 6.03
CA TRP A 93 0.08 -4.82 5.97
C TRP A 93 0.57 -3.74 5.01
N VAL A 94 -0.33 -3.26 4.17
CA VAL A 94 0.00 -2.22 3.19
C VAL A 94 -0.63 -0.89 3.56
N PHE A 95 0.18 0.17 3.57
CA PHE A 95 -0.30 1.50 3.91
C PHE A 95 -0.14 2.45 2.73
N VAL A 96 -1.26 2.86 2.15
CA VAL A 96 -1.24 3.77 1.01
C VAL A 96 -1.98 5.07 1.33
N LYS A 97 -1.22 6.16 1.43
CA LYS A 97 -1.80 7.47 1.74
C LYS A 97 -1.35 8.51 0.72
N ARG A 98 -1.88 9.72 0.85
CA ARG A 98 -1.54 10.81 -0.05
C ARG A 98 -0.26 11.51 0.40
N VAL A 99 0.53 11.96 -0.57
CA VAL A 99 1.78 12.65 -0.28
C VAL A 99 1.56 14.15 -0.09
N LYS A 100 1.62 14.60 1.15
CA LYS A 100 1.43 16.02 1.47
C LYS A 100 1.98 16.35 2.84
N LEU A 101 2.90 17.32 2.88
CA LEU A 101 3.51 17.73 4.15
C LEU A 101 4.05 19.15 4.04
N ALA A 102 4.52 19.69 5.16
CA ALA A 102 5.07 21.04 5.20
C ALA A 102 6.60 21.01 5.28
N ALA A 103 7.20 22.19 5.34
CA ALA A 103 8.65 22.30 5.43
C ALA A 103 9.15 21.90 6.82
N ALA A 104 10.43 22.14 7.07
CA ALA A 104 11.03 21.81 8.35
C ALA A 104 11.60 23.04 9.04
N LEU A 105 12.05 24.00 8.23
CA LEU A 105 12.62 25.24 8.74
C LEU A 105 11.88 26.46 8.20
N GLU A 106 10.55 26.33 8.08
CA GLU A 106 9.73 27.42 7.57
C GLU A 106 10.06 28.73 8.28
N HIS A 107 10.26 28.64 9.60
CA HIS A 107 10.58 29.82 10.40
C HIS A 107 11.30 29.42 11.68
N HIS A 108 12.15 30.32 12.17
CA HIS A 108 12.91 30.06 13.39
C HIS A 108 13.22 31.37 14.13
N HIS A 109 13.81 31.25 15.31
CA HIS A 109 14.15 32.42 16.12
C HIS A 109 15.56 32.28 16.68
N HIS A 110 16.40 33.28 16.41
CA HIS A 110 17.78 33.27 16.89
C HIS A 110 17.81 33.34 18.41
N HIS A 111 19.00 33.13 18.97
CA HIS A 111 19.18 33.17 20.43
C HIS A 111 19.13 34.61 20.94
N HIS A 112 18.96 34.76 22.25
CA HIS A 112 18.90 36.07 22.87
C HIS A 112 19.99 36.23 23.92
N MET A 1 -7.89 6.08 -3.82
CA MET A 1 -7.96 4.78 -3.15
C MET A 1 -6.85 4.65 -2.11
N PHE A 2 -7.08 5.25 -0.94
CA PHE A 2 -6.10 5.19 0.15
C PHE A 2 -6.66 4.45 1.35
N GLY A 3 -5.98 3.37 1.74
CA GLY A 3 -6.44 2.58 2.87
C GLY A 3 -5.40 1.56 3.30
N ALA A 4 -5.73 0.81 4.36
CA ALA A 4 -4.82 -0.20 4.87
C ALA A 4 -5.31 -1.60 4.50
N ILE A 5 -4.57 -2.27 3.62
CA ILE A 5 -4.93 -3.61 3.18
C ILE A 5 -3.97 -4.65 3.77
N GLN A 6 -4.51 -5.83 4.09
CA GLN A 6 -3.72 -6.91 4.65
C GLN A 6 -3.55 -8.05 3.66
N LEU A 7 -2.30 -8.31 3.27
CA LEU A 7 -2.00 -9.38 2.32
C LEU A 7 -1.28 -10.53 3.01
N ASP A 8 -1.27 -11.69 2.35
CA ASP A 8 -0.61 -12.87 2.89
C ASP A 8 0.68 -13.18 2.13
N GLY A 9 1.22 -14.37 2.34
CA GLY A 9 2.44 -14.77 1.67
C GLY A 9 2.32 -14.65 0.16
N ASP A 10 1.15 -14.98 -0.36
CA ASP A 10 0.91 -14.92 -1.80
C ASP A 10 0.55 -13.50 -2.23
N GLY A 11 0.08 -12.70 -1.28
CA GLY A 11 -0.30 -11.33 -1.58
C GLY A 11 -1.79 -11.17 -1.79
N ASN A 12 -2.56 -12.10 -1.22
CA ASN A 12 -4.02 -12.06 -1.35
C ASN A 12 -4.63 -11.13 -0.31
N ILE A 13 -5.49 -10.24 -0.76
CA ILE A 13 -6.15 -9.29 0.14
C ILE A 13 -7.10 -10.01 1.09
N LEU A 14 -6.61 -10.33 2.29
CA LEU A 14 -7.41 -11.01 3.29
C LEU A 14 -8.40 -10.05 3.94
N GLN A 15 -7.98 -8.80 4.10
CA GLN A 15 -8.82 -7.79 4.72
C GLN A 15 -8.49 -6.40 4.18
N TYR A 16 -9.53 -5.61 3.91
CA TYR A 16 -9.34 -4.27 3.38
C TYR A 16 -10.01 -3.23 4.28
N ASN A 17 -9.25 -2.24 4.72
CA ASN A 17 -9.77 -1.19 5.58
C ASN A 17 -9.40 0.19 5.04
N ALA A 18 -10.34 0.78 4.30
CA ALA A 18 -10.12 2.11 3.72
C ALA A 18 -9.78 3.13 4.80
N ALA A 19 -8.93 4.09 4.46
CA ALA A 19 -8.53 5.12 5.40
C ALA A 19 -8.74 6.51 4.82
N GLU A 20 -9.54 7.32 5.52
CA GLU A 20 -9.83 8.67 5.06
C GLU A 20 -10.33 8.66 3.62
N GLY A 21 -11.24 7.75 3.32
CA GLY A 21 -11.78 7.64 1.98
C GLY A 21 -13.07 6.85 1.93
N ASP A 22 -13.14 5.91 0.99
CA ASP A 22 -14.32 5.07 0.83
C ASP A 22 -14.44 4.08 2.00
N ILE A 23 -15.01 4.55 3.10
CA ILE A 23 -15.19 3.72 4.28
C ILE A 23 -16.67 3.45 4.56
N THR A 24 -16.96 2.32 5.18
CA THR A 24 -18.33 1.96 5.50
C THR A 24 -19.29 2.38 4.39
N GLY A 25 -18.87 2.15 3.15
CA GLY A 25 -19.71 2.50 2.02
C GLY A 25 -19.42 1.66 0.79
N ARG A 26 -18.16 1.67 0.34
CA ARG A 26 -17.77 0.90 -0.82
C ARG A 26 -17.62 -0.58 -0.48
N ASP A 27 -18.34 -1.43 -1.21
CA ASP A 27 -18.28 -2.87 -0.98
C ASP A 27 -16.83 -3.36 -0.93
N PRO A 28 -16.38 -3.72 0.28
CA PRO A 28 -15.02 -4.22 0.49
C PRO A 28 -14.80 -5.61 -0.12
N LYS A 29 -15.87 -6.39 -0.18
CA LYS A 29 -15.78 -7.73 -0.75
C LYS A 29 -15.23 -7.69 -2.18
N GLN A 30 -15.34 -6.53 -2.81
CA GLN A 30 -14.85 -6.35 -4.17
C GLN A 30 -13.37 -6.66 -4.26
N VAL A 31 -12.64 -6.39 -3.18
CA VAL A 31 -11.21 -6.63 -3.13
C VAL A 31 -10.89 -7.89 -2.34
N ILE A 32 -11.75 -8.22 -1.38
CA ILE A 32 -11.56 -9.40 -0.55
C ILE A 32 -11.32 -10.64 -1.40
N GLY A 33 -10.17 -11.27 -1.20
CA GLY A 33 -9.83 -12.46 -1.97
C GLY A 33 -8.97 -12.16 -3.17
N LYS A 34 -9.10 -10.94 -3.70
CA LYS A 34 -8.33 -10.53 -4.86
C LYS A 34 -6.94 -10.05 -4.45
N ASN A 35 -5.99 -10.12 -5.38
CA ASN A 35 -4.63 -9.69 -5.11
C ASN A 35 -4.45 -8.21 -5.44
N PHE A 36 -3.63 -7.53 -4.64
CA PHE A 36 -3.37 -6.10 -4.84
C PHE A 36 -2.86 -5.84 -6.25
N PHE A 37 -2.10 -6.79 -6.79
CA PHE A 37 -1.54 -6.67 -8.13
C PHE A 37 -2.42 -7.38 -9.15
N LYS A 38 -3.37 -8.17 -8.66
CA LYS A 38 -4.28 -8.91 -9.53
C LYS A 38 -5.17 -7.96 -10.33
N ASP A 39 -5.90 -7.11 -9.63
CA ASP A 39 -6.78 -6.14 -10.27
C ASP A 39 -6.76 -4.80 -9.54
N VAL A 40 -6.62 -4.86 -8.22
CA VAL A 40 -6.57 -3.66 -7.39
C VAL A 40 -5.55 -2.66 -7.92
N ALA A 41 -4.46 -3.19 -8.47
CA ALA A 41 -3.40 -2.34 -9.02
C ALA A 41 -2.59 -3.09 -10.07
N PRO A 42 -3.08 -3.10 -11.31
CA PRO A 42 -2.40 -3.77 -12.42
C PRO A 42 -1.10 -3.09 -12.83
N GLY A 43 -1.03 -1.78 -12.59
CA GLY A 43 0.16 -1.03 -12.92
C GLY A 43 1.28 -1.22 -11.92
N THR A 44 0.94 -1.72 -10.74
CA THR A 44 1.92 -1.97 -9.69
C THR A 44 2.58 -3.33 -9.86
N ASP A 45 2.33 -3.96 -11.01
CA ASP A 45 2.91 -5.27 -11.29
C ASP A 45 4.36 -5.14 -11.76
N SER A 46 5.19 -4.53 -10.91
CA SER A 46 6.59 -4.35 -11.24
C SER A 46 7.49 -4.92 -10.15
N PRO A 47 8.78 -5.13 -10.48
CA PRO A 47 9.76 -5.67 -9.55
C PRO A 47 10.10 -4.69 -8.43
N GLU A 48 9.92 -3.40 -8.70
CA GLU A 48 10.22 -2.37 -7.72
C GLU A 48 9.17 -2.35 -6.61
N PHE A 49 7.93 -2.67 -6.98
CA PHE A 49 6.83 -2.69 -6.02
C PHE A 49 6.45 -4.13 -5.65
N TYR A 50 5.86 -4.83 -6.61
CA TYR A 50 5.44 -6.22 -6.39
C TYR A 50 6.64 -7.10 -6.05
N GLY A 51 7.69 -6.99 -6.86
CA GLY A 51 8.89 -7.78 -6.63
C GLY A 51 9.39 -7.68 -5.21
N LYS A 52 9.39 -6.47 -4.66
CA LYS A 52 9.85 -6.24 -3.29
C LYS A 52 8.95 -6.97 -2.30
N PHE A 53 7.65 -6.94 -2.55
CA PHE A 53 6.69 -7.60 -1.68
C PHE A 53 7.01 -9.08 -1.52
N LYS A 54 7.22 -9.76 -2.64
CA LYS A 54 7.54 -11.18 -2.64
C LYS A 54 8.94 -11.42 -2.08
N GLU A 55 9.88 -10.57 -2.47
CA GLU A 55 11.26 -10.69 -2.01
C GLU A 55 11.33 -10.61 -0.49
N GLY A 56 10.54 -9.71 0.10
CA GLY A 56 10.54 -9.56 1.54
C GLY A 56 9.95 -10.77 2.25
N VAL A 57 9.00 -11.43 1.60
CA VAL A 57 8.36 -12.61 2.18
C VAL A 57 9.38 -13.72 2.41
N ALA A 58 10.19 -14.01 1.41
CA ALA A 58 11.21 -15.04 1.51
C ALA A 58 12.07 -14.85 2.75
N SER A 59 12.31 -13.58 3.10
CA SER A 59 13.13 -13.25 4.26
C SER A 59 12.33 -13.45 5.56
N GLY A 60 11.04 -13.19 5.48
CA GLY A 60 10.19 -13.34 6.66
C GLY A 60 9.97 -12.03 7.39
N ASN A 61 10.16 -10.92 6.68
CA ASN A 61 9.99 -9.60 7.27
C ASN A 61 9.99 -8.52 6.20
N LEU A 62 9.00 -8.58 5.30
CA LEU A 62 8.90 -7.60 4.22
C LEU A 62 8.81 -6.18 4.78
N ASN A 63 9.93 -5.47 4.75
CA ASN A 63 9.98 -4.10 5.26
C ASN A 63 10.39 -3.14 4.14
N THR A 64 9.40 -2.43 3.59
CA THR A 64 9.65 -1.47 2.53
C THR A 64 8.85 -0.19 2.73
N MET A 65 9.49 0.95 2.51
CA MET A 65 8.83 2.24 2.67
C MET A 65 9.29 3.22 1.60
N PHE A 66 8.40 3.54 0.67
CA PHE A 66 8.71 4.46 -0.41
C PHE A 66 7.44 5.03 -1.04
N GLU A 67 7.61 5.90 -2.02
CA GLU A 67 6.47 6.51 -2.71
C GLU A 67 6.27 5.88 -4.09
N TRP A 68 5.01 5.78 -4.51
CA TRP A 68 4.68 5.20 -5.80
C TRP A 68 3.54 5.97 -6.46
N MET A 69 3.54 5.99 -7.79
CA MET A 69 2.50 6.68 -8.54
C MET A 69 1.39 5.72 -8.97
N ILE A 70 0.16 6.05 -8.60
CA ILE A 70 -0.99 5.21 -8.94
C ILE A 70 -2.09 6.03 -9.61
N PRO A 71 -2.89 5.37 -10.46
CA PRO A 71 -3.99 6.02 -11.17
C PRO A 71 -5.14 6.39 -10.23
N THR A 72 -5.77 7.54 -10.50
CA THR A 72 -6.88 8.00 -9.69
C THR A 72 -7.93 8.71 -10.56
N SER A 73 -8.94 9.28 -9.90
CA SER A 73 -10.00 9.98 -10.60
C SER A 73 -9.45 11.15 -11.40
N ARG A 74 -8.44 11.82 -10.84
CA ARG A 74 -7.82 12.96 -11.50
C ARG A 74 -6.53 12.55 -12.19
N GLY A 75 -6.44 11.28 -12.58
CA GLY A 75 -5.25 10.79 -13.25
C GLY A 75 -4.24 10.19 -12.29
N PRO A 76 -3.01 9.98 -12.78
CA PRO A 76 -1.93 9.41 -11.96
C PRO A 76 -1.44 10.37 -10.89
N THR A 77 -1.16 9.84 -9.71
CA THR A 77 -0.69 10.65 -8.59
C THR A 77 0.24 9.85 -7.69
N LYS A 78 1.16 10.56 -7.02
CA LYS A 78 2.10 9.91 -6.12
C LYS A 78 1.45 9.60 -4.77
N VAL A 79 1.93 8.55 -4.12
CA VAL A 79 1.40 8.16 -2.82
C VAL A 79 2.47 7.45 -1.98
N LYS A 80 2.32 7.54 -0.66
CA LYS A 80 3.27 6.91 0.26
C LYS A 80 2.88 5.46 0.52
N VAL A 81 3.66 4.53 -0.01
CA VAL A 81 3.40 3.10 0.17
C VAL A 81 4.40 2.48 1.14
N HIS A 82 3.89 1.85 2.20
CA HIS A 82 4.74 1.22 3.19
C HIS A 82 4.23 -0.19 3.52
N MET A 83 5.11 -1.17 3.36
CA MET A 83 4.76 -2.57 3.62
C MET A 83 5.59 -3.12 4.78
N LYS A 84 4.91 -3.60 5.81
CA LYS A 84 5.59 -4.16 6.97
C LYS A 84 4.89 -5.43 7.45
N LYS A 85 5.66 -6.48 7.68
CA LYS A 85 5.11 -7.75 8.15
C LYS A 85 4.28 -7.56 9.41
N ALA A 86 3.15 -8.24 9.49
CA ALA A 86 2.28 -8.14 10.65
C ALA A 86 3.01 -8.52 11.93
N LEU A 87 2.31 -8.47 13.05
CA LEU A 87 2.89 -8.81 14.34
C LEU A 87 2.92 -10.32 14.55
N SER A 88 1.89 -10.99 14.03
CA SER A 88 1.79 -12.44 14.17
C SER A 88 2.90 -13.13 13.39
N GLY A 89 3.44 -12.44 12.39
CA GLY A 89 4.50 -13.00 11.57
C GLY A 89 3.97 -13.95 10.51
N ASP A 90 2.73 -13.75 10.11
CA ASP A 90 2.11 -14.59 9.09
C ASP A 90 1.26 -13.75 8.13
N SER A 91 1.72 -12.53 7.86
CA SER A 91 1.01 -11.63 6.96
C SER A 91 1.75 -10.31 6.82
N TYR A 92 1.22 -9.43 5.96
CA TYR A 92 1.84 -8.13 5.74
C TYR A 92 0.76 -7.05 5.56
N TRP A 93 1.02 -5.87 6.12
CA TRP A 93 0.09 -4.76 6.03
C TRP A 93 0.61 -3.69 5.08
N VAL A 94 -0.28 -3.20 4.22
CA VAL A 94 0.09 -2.16 3.25
C VAL A 94 -0.55 -0.82 3.60
N PHE A 95 0.27 0.22 3.64
CA PHE A 95 -0.22 1.56 3.96
C PHE A 95 -0.05 2.50 2.78
N VAL A 96 -1.16 2.89 2.17
CA VAL A 96 -1.13 3.79 1.02
C VAL A 96 -1.85 5.11 1.34
N LYS A 97 -1.10 6.20 1.31
CA LYS A 97 -1.66 7.52 1.59
C LYS A 97 -1.13 8.55 0.61
N ARG A 98 -1.61 9.78 0.73
CA ARG A 98 -1.19 10.87 -0.15
C ARG A 98 0.15 11.44 0.31
N VAL A 99 1.05 11.64 -0.63
CA VAL A 99 2.37 12.19 -0.33
C VAL A 99 2.27 13.61 0.18
N LYS A 100 1.46 14.42 -0.50
CA LYS A 100 1.27 15.82 -0.11
C LYS A 100 2.60 16.55 -0.04
N LEU A 101 3.39 16.45 -1.11
CA LEU A 101 4.69 17.10 -1.17
C LEU A 101 4.54 18.62 -1.27
N ALA A 102 4.67 19.30 -0.14
CA ALA A 102 4.54 20.75 -0.10
C ALA A 102 4.91 21.30 1.26
N ALA A 103 5.81 22.28 1.29
CA ALA A 103 6.24 22.89 2.54
C ALA A 103 5.05 23.49 3.30
N ALA A 104 4.79 22.94 4.48
CA ALA A 104 3.68 23.43 5.30
C ALA A 104 4.20 24.11 6.57
N LEU A 105 5.37 23.69 7.02
CA LEU A 105 5.98 24.26 8.22
C LEU A 105 5.07 24.06 9.43
N GLU A 106 4.53 22.86 9.57
CA GLU A 106 3.64 22.54 10.69
C GLU A 106 4.43 22.00 11.87
N HIS A 107 3.77 21.89 13.01
CA HIS A 107 4.42 21.38 14.22
C HIS A 107 3.93 19.97 14.56
N HIS A 108 4.86 19.03 14.66
CA HIS A 108 4.52 17.64 14.96
C HIS A 108 5.56 17.03 15.89
N HIS A 109 5.14 16.72 17.12
CA HIS A 109 6.04 16.12 18.10
C HIS A 109 5.44 14.85 18.69
N HIS A 110 6.23 14.14 19.49
CA HIS A 110 5.77 12.91 20.12
C HIS A 110 6.74 12.45 21.20
N HIS A 111 6.39 11.36 21.88
CA HIS A 111 7.24 10.83 22.94
C HIS A 111 8.54 10.29 22.37
N HIS A 112 9.58 10.23 23.21
CA HIS A 112 10.88 9.73 22.79
C HIS A 112 10.97 8.22 22.98
N MET A 1 -8.00 6.07 -3.73
CA MET A 1 -8.09 4.75 -3.10
C MET A 1 -7.00 4.58 -2.05
N PHE A 2 -7.13 5.30 -0.94
CA PHE A 2 -6.15 5.22 0.14
C PHE A 2 -6.71 4.45 1.33
N GLY A 3 -6.03 3.38 1.71
CA GLY A 3 -6.48 2.57 2.83
C GLY A 3 -5.44 1.55 3.25
N ALA A 4 -5.76 0.78 4.30
CA ALA A 4 -4.85 -0.23 4.80
C ALA A 4 -5.33 -1.64 4.43
N ILE A 5 -4.58 -2.29 3.55
CA ILE A 5 -4.94 -3.63 3.10
C ILE A 5 -3.98 -4.67 3.69
N GLN A 6 -4.52 -5.84 4.01
CA GLN A 6 -3.72 -6.92 4.57
C GLN A 6 -3.55 -8.06 3.58
N LEU A 7 -2.29 -8.35 3.22
CA LEU A 7 -2.00 -9.42 2.28
C LEU A 7 -1.26 -10.57 2.97
N ASP A 8 -1.31 -11.74 2.34
CA ASP A 8 -0.64 -12.92 2.89
C ASP A 8 0.64 -13.23 2.14
N GLY A 9 1.18 -14.42 2.36
CA GLY A 9 2.41 -14.82 1.68
C GLY A 9 2.29 -14.75 0.18
N ASP A 10 1.11 -15.04 -0.34
CA ASP A 10 0.87 -15.00 -1.78
C ASP A 10 0.54 -13.59 -2.24
N GLY A 11 0.10 -12.75 -1.30
CA GLY A 11 -0.23 -11.38 -1.63
C GLY A 11 -1.72 -11.19 -1.90
N ASN A 12 -2.53 -12.07 -1.33
CA ASN A 12 -3.98 -12.01 -1.49
C ASN A 12 -4.61 -11.11 -0.43
N ILE A 13 -5.50 -10.22 -0.87
CA ILE A 13 -6.17 -9.30 0.04
C ILE A 13 -7.13 -10.06 0.96
N LEU A 14 -6.69 -10.29 2.19
CA LEU A 14 -7.50 -11.00 3.17
C LEU A 14 -8.49 -10.04 3.85
N GLN A 15 -8.05 -8.80 4.05
CA GLN A 15 -8.89 -7.80 4.69
C GLN A 15 -8.59 -6.41 4.15
N TYR A 16 -9.63 -5.59 3.99
CA TYR A 16 -9.47 -4.24 3.47
C TYR A 16 -10.10 -3.22 4.41
N ASN A 17 -9.33 -2.22 4.79
CA ASN A 17 -9.81 -1.17 5.69
C ASN A 17 -9.43 0.21 5.18
N ALA A 18 -10.36 0.85 4.48
CA ALA A 18 -10.12 2.19 3.93
C ALA A 18 -9.67 3.15 5.02
N ALA A 19 -8.86 4.13 4.63
CA ALA A 19 -8.36 5.13 5.58
C ALA A 19 -8.67 6.55 5.10
N GLU A 20 -9.05 7.40 6.05
CA GLU A 20 -9.38 8.79 5.72
C GLU A 20 -10.54 8.85 4.74
N GLY A 21 -11.63 8.16 5.06
CA GLY A 21 -12.79 8.16 4.18
C GLY A 21 -14.08 8.48 4.93
N ASP A 22 -14.83 9.43 4.39
CA ASP A 22 -16.09 9.84 5.01
C ASP A 22 -17.22 8.89 4.61
N ILE A 23 -17.68 9.01 3.37
CA ILE A 23 -18.76 8.17 2.87
C ILE A 23 -18.47 7.70 1.45
N THR A 24 -18.67 6.40 1.21
CA THR A 24 -18.43 5.83 -0.11
C THR A 24 -19.20 4.53 -0.29
N GLY A 25 -19.69 4.29 -1.51
CA GLY A 25 -20.44 3.08 -1.78
C GLY A 25 -19.58 2.01 -2.42
N ARG A 26 -18.40 1.78 -1.85
CA ARG A 26 -17.49 0.77 -2.38
C ARG A 26 -17.42 -0.44 -1.45
N ASP A 27 -18.13 -1.50 -1.83
CA ASP A 27 -18.17 -2.72 -1.03
C ASP A 27 -16.76 -3.28 -0.84
N PRO A 28 -16.45 -3.71 0.39
CA PRO A 28 -15.14 -4.27 0.72
C PRO A 28 -14.91 -5.64 0.09
N LYS A 29 -15.98 -6.43 0.02
CA LYS A 29 -15.90 -7.77 -0.57
C LYS A 29 -15.38 -7.70 -2.00
N GLN A 30 -15.50 -6.53 -2.62
CA GLN A 30 -15.03 -6.33 -3.98
C GLN A 30 -13.54 -6.61 -4.11
N VAL A 31 -12.81 -6.34 -3.04
CA VAL A 31 -11.37 -6.57 -3.02
C VAL A 31 -11.01 -7.84 -2.25
N ILE A 32 -11.84 -8.16 -1.25
CA ILE A 32 -11.61 -9.34 -0.44
C ILE A 32 -11.43 -10.58 -1.31
N GLY A 33 -10.23 -11.16 -1.27
CA GLY A 33 -9.95 -12.34 -2.06
C GLY A 33 -9.09 -12.04 -3.27
N LYS A 34 -9.18 -10.82 -3.78
CA LYS A 34 -8.41 -10.41 -4.94
C LYS A 34 -7.00 -10.00 -4.54
N ASN A 35 -6.07 -10.11 -5.48
CA ASN A 35 -4.68 -9.75 -5.22
C ASN A 35 -4.43 -8.27 -5.52
N PHE A 36 -3.56 -7.65 -4.73
CA PHE A 36 -3.23 -6.25 -4.92
C PHE A 36 -2.71 -5.99 -6.32
N PHE A 37 -2.00 -6.96 -6.88
CA PHE A 37 -1.44 -6.84 -8.22
C PHE A 37 -2.37 -7.48 -9.25
N LYS A 38 -3.37 -8.23 -8.77
CA LYS A 38 -4.31 -8.89 -9.64
C LYS A 38 -5.15 -7.88 -10.42
N ASP A 39 -5.85 -7.02 -9.70
CA ASP A 39 -6.68 -6.00 -10.33
C ASP A 39 -6.63 -4.70 -9.54
N VAL A 40 -6.50 -4.81 -8.23
CA VAL A 40 -6.44 -3.63 -7.36
C VAL A 40 -5.38 -2.65 -7.85
N ALA A 41 -4.29 -3.18 -8.38
CA ALA A 41 -3.21 -2.35 -8.90
C ALA A 41 -2.38 -3.09 -9.93
N PRO A 42 -2.85 -3.06 -11.19
CA PRO A 42 -2.17 -3.73 -12.31
C PRO A 42 -0.85 -3.05 -12.68
N GLY A 43 -0.77 -1.75 -12.40
CA GLY A 43 0.44 -1.01 -12.70
C GLY A 43 1.55 -1.26 -11.70
N THR A 44 1.18 -1.80 -10.53
CA THR A 44 2.16 -2.09 -9.49
C THR A 44 2.81 -3.44 -9.70
N ASP A 45 2.57 -4.04 -10.87
CA ASP A 45 3.15 -5.33 -11.20
C ASP A 45 4.58 -5.19 -11.69
N SER A 46 5.43 -4.59 -10.86
CA SER A 46 6.82 -4.39 -11.21
C SER A 46 7.75 -4.96 -10.14
N PRO A 47 9.03 -5.15 -10.49
CA PRO A 47 10.03 -5.68 -9.58
C PRO A 47 10.38 -4.71 -8.47
N GLU A 48 10.13 -3.43 -8.70
CA GLU A 48 10.42 -2.40 -7.71
C GLU A 48 9.39 -2.42 -6.58
N PHE A 49 8.16 -2.79 -6.92
CA PHE A 49 7.09 -2.85 -5.94
C PHE A 49 6.73 -4.29 -5.61
N TYR A 50 6.11 -4.98 -6.58
CA TYR A 50 5.72 -6.36 -6.39
C TYR A 50 6.92 -7.24 -6.05
N GLY A 51 7.97 -7.12 -6.85
CA GLY A 51 9.17 -7.90 -6.62
C GLY A 51 9.67 -7.80 -5.19
N LYS A 52 9.46 -6.63 -4.58
CA LYS A 52 9.88 -6.40 -3.20
C LYS A 52 8.96 -7.12 -2.22
N PHE A 53 7.68 -7.20 -2.57
CA PHE A 53 6.70 -7.86 -1.71
C PHE A 53 6.99 -9.36 -1.61
N LYS A 54 7.44 -9.94 -2.72
CA LYS A 54 7.76 -11.36 -2.76
C LYS A 54 9.09 -11.65 -2.08
N GLU A 55 10.12 -10.93 -2.52
CA GLU A 55 11.46 -11.11 -1.95
C GLU A 55 11.45 -10.87 -0.45
N GLY A 56 10.59 -9.97 0.00
CA GLY A 56 10.49 -9.67 1.42
C GLY A 56 9.87 -10.80 2.21
N VAL A 57 8.94 -11.52 1.58
CA VAL A 57 8.27 -12.63 2.25
C VAL A 57 9.26 -13.74 2.60
N ALA A 58 10.07 -14.14 1.63
CA ALA A 58 11.06 -15.19 1.84
C ALA A 58 11.92 -14.89 3.06
N SER A 59 12.26 -13.61 3.25
CA SER A 59 13.08 -13.20 4.38
C SER A 59 12.30 -13.33 5.69
N GLY A 60 11.00 -13.10 5.62
CA GLY A 60 10.16 -13.20 6.81
C GLY A 60 9.99 -11.86 7.51
N ASN A 61 10.18 -10.77 6.75
CA ASN A 61 10.04 -9.43 7.31
C ASN A 61 10.01 -8.39 6.19
N LEU A 62 9.01 -8.48 5.33
CA LEU A 62 8.87 -7.55 4.22
C LEU A 62 8.77 -6.11 4.73
N ASN A 63 9.88 -5.39 4.67
CA ASN A 63 9.91 -4.01 5.14
C ASN A 63 10.33 -3.07 4.00
N THR A 64 9.34 -2.38 3.42
CA THR A 64 9.60 -1.46 2.33
C THR A 64 8.79 -0.17 2.50
N MET A 65 9.43 0.96 2.27
CA MET A 65 8.78 2.26 2.39
C MET A 65 9.28 3.22 1.33
N PHE A 66 8.36 3.70 0.48
CA PHE A 66 8.71 4.63 -0.58
C PHE A 66 7.46 5.23 -1.21
N GLU A 67 7.66 6.10 -2.20
CA GLU A 67 6.54 6.74 -2.89
C GLU A 67 6.23 6.04 -4.20
N TRP A 68 4.95 5.92 -4.53
CA TRP A 68 4.52 5.27 -5.76
C TRP A 68 3.38 6.03 -6.41
N MET A 69 3.32 5.99 -7.74
CA MET A 69 2.26 6.67 -8.47
C MET A 69 1.16 5.70 -8.88
N ILE A 70 -0.07 6.01 -8.49
CA ILE A 70 -1.21 5.16 -8.82
C ILE A 70 -2.29 5.95 -9.54
N PRO A 71 -2.91 5.32 -10.56
CA PRO A 71 -3.97 5.94 -11.35
C PRO A 71 -5.26 6.12 -10.56
N THR A 72 -5.96 7.23 -10.81
CA THR A 72 -7.21 7.51 -10.11
C THR A 72 -8.16 8.30 -11.00
N SER A 73 -9.37 8.56 -10.49
CA SER A 73 -10.37 9.29 -11.24
C SER A 73 -9.84 10.67 -11.65
N ARG A 74 -9.02 11.26 -10.79
CA ARG A 74 -8.44 12.57 -11.06
C ARG A 74 -7.12 12.44 -11.81
N GLY A 75 -6.78 11.21 -12.19
CA GLY A 75 -5.55 10.98 -12.91
C GLY A 75 -4.46 10.39 -12.02
N PRO A 76 -3.24 10.29 -12.57
CA PRO A 76 -2.09 9.75 -11.84
C PRO A 76 -1.63 10.67 -10.72
N THR A 77 -1.34 10.09 -9.55
CA THR A 77 -0.89 10.86 -8.41
C THR A 77 0.09 10.06 -7.55
N LYS A 78 0.96 10.77 -6.85
CA LYS A 78 1.95 10.12 -6.00
C LYS A 78 1.36 9.78 -4.62
N VAL A 79 1.84 8.70 -4.03
CA VAL A 79 1.35 8.27 -2.72
C VAL A 79 2.42 7.51 -1.96
N LYS A 80 2.39 7.60 -0.64
CA LYS A 80 3.36 6.92 0.22
C LYS A 80 2.93 5.48 0.48
N VAL A 81 3.64 4.53 -0.10
CA VAL A 81 3.32 3.12 0.08
C VAL A 81 4.33 2.45 1.02
N HIS A 82 3.86 1.94 2.14
CA HIS A 82 4.71 1.28 3.12
C HIS A 82 4.20 -0.13 3.43
N MET A 83 5.05 -1.12 3.21
CA MET A 83 4.68 -2.51 3.48
C MET A 83 5.51 -3.09 4.61
N LYS A 84 4.85 -3.48 5.69
CA LYS A 84 5.52 -4.06 6.85
C LYS A 84 4.80 -5.32 7.32
N LYS A 85 5.57 -6.38 7.54
CA LYS A 85 5.02 -7.65 8.00
C LYS A 85 4.21 -7.46 9.28
N ALA A 86 3.03 -8.08 9.32
CA ALA A 86 2.16 -7.98 10.49
C ALA A 86 2.92 -8.32 11.77
N LEU A 87 2.28 -8.07 12.91
CA LEU A 87 2.89 -8.35 14.21
C LEU A 87 2.93 -9.84 14.48
N SER A 88 1.89 -10.55 14.03
CA SER A 88 1.81 -11.99 14.23
C SER A 88 2.89 -12.72 13.44
N GLY A 89 3.40 -12.06 12.40
CA GLY A 89 4.44 -12.66 11.59
C GLY A 89 3.90 -13.64 10.58
N ASP A 90 2.63 -13.46 10.19
CA ASP A 90 1.99 -14.34 9.22
C ASP A 90 1.14 -13.53 8.23
N SER A 91 1.62 -12.34 7.89
CA SER A 91 0.90 -11.47 6.97
C SER A 91 1.66 -10.16 6.75
N TYR A 92 1.10 -9.29 5.92
CA TYR A 92 1.72 -8.01 5.64
C TYR A 92 0.67 -6.91 5.48
N TRP A 93 0.94 -5.74 6.03
CA TRP A 93 0.03 -4.62 5.95
C TRP A 93 0.54 -3.56 4.98
N VAL A 94 -0.32 -3.13 4.07
CA VAL A 94 0.05 -2.11 3.09
C VAL A 94 -0.58 -0.77 3.43
N PHE A 95 0.27 0.24 3.63
CA PHE A 95 -0.21 1.59 3.95
C PHE A 95 0.00 2.53 2.78
N VAL A 96 -1.11 2.95 2.16
CA VAL A 96 -1.06 3.86 1.03
C VAL A 96 -1.72 5.20 1.36
N LYS A 97 -0.89 6.21 1.57
CA LYS A 97 -1.40 7.54 1.89
C LYS A 97 -1.01 8.56 0.81
N ARG A 98 -1.60 9.75 0.88
CA ARG A 98 -1.31 10.79 -0.09
C ARG A 98 -0.06 11.57 0.31
N VAL A 99 0.75 11.93 -0.69
CA VAL A 99 1.98 12.68 -0.44
C VAL A 99 1.72 14.18 -0.49
N LYS A 100 1.71 14.81 0.69
CA LYS A 100 1.48 16.25 0.77
C LYS A 100 2.56 17.03 0.02
N LEU A 101 2.14 17.78 -0.98
CA LEU A 101 3.07 18.58 -1.78
C LEU A 101 3.58 19.77 -0.99
N ALA A 102 4.84 20.13 -1.22
CA ALA A 102 5.45 21.26 -0.53
C ALA A 102 4.88 22.59 -1.03
N ALA A 103 4.75 23.56 -0.14
CA ALA A 103 4.23 24.87 -0.49
C ALA A 103 5.12 25.56 -1.50
N ALA A 104 4.54 26.47 -2.28
CA ALA A 104 5.29 27.21 -3.29
C ALA A 104 4.38 28.16 -4.06
N LEU A 105 4.47 29.44 -3.74
CA LEU A 105 3.65 30.46 -4.39
C LEU A 105 4.46 31.20 -5.45
N GLU A 106 5.29 30.46 -6.19
CA GLU A 106 6.11 31.04 -7.24
C GLU A 106 5.28 31.31 -8.49
N HIS A 107 5.59 32.41 -9.18
CA HIS A 107 4.88 32.78 -10.39
C HIS A 107 5.85 32.98 -11.56
N HIS A 108 5.64 32.23 -12.63
CA HIS A 108 6.50 32.33 -13.80
C HIS A 108 6.08 33.49 -14.69
N HIS A 109 6.93 34.52 -14.77
CA HIS A 109 6.64 35.69 -15.58
C HIS A 109 6.73 35.36 -17.07
N HIS A 110 6.11 36.20 -17.89
CA HIS A 110 6.12 35.99 -19.34
C HIS A 110 7.44 36.47 -19.94
N HIS A 111 8.01 35.65 -20.82
CA HIS A 111 9.27 35.98 -21.47
C HIS A 111 9.13 37.26 -22.30
N HIS A 112 10.14 38.13 -22.19
CA HIS A 112 10.12 39.40 -22.92
C HIS A 112 10.10 39.15 -24.42
N MET A 1 -8.14 5.94 -3.77
CA MET A 1 -8.19 4.60 -3.18
C MET A 1 -7.08 4.42 -2.16
N PHE A 2 -7.14 5.19 -1.08
CA PHE A 2 -6.13 5.12 -0.02
C PHE A 2 -6.69 4.41 1.21
N GLY A 3 -6.02 3.33 1.62
CA GLY A 3 -6.47 2.58 2.79
C GLY A 3 -5.45 1.55 3.23
N ALA A 4 -5.77 0.83 4.30
CA ALA A 4 -4.88 -0.19 4.83
C ALA A 4 -5.36 -1.59 4.46
N ILE A 5 -4.63 -2.25 3.59
CA ILE A 5 -4.99 -3.60 3.16
C ILE A 5 -4.04 -4.64 3.76
N GLN A 6 -4.60 -5.80 4.08
CA GLN A 6 -3.81 -6.89 4.67
C GLN A 6 -3.62 -8.03 3.68
N LEU A 7 -2.38 -8.28 3.29
CA LEU A 7 -2.07 -9.35 2.35
C LEU A 7 -1.40 -10.51 3.06
N ASP A 8 -1.39 -11.66 2.40
CA ASP A 8 -0.78 -12.87 2.96
C ASP A 8 0.52 -13.20 2.23
N GLY A 9 1.04 -14.40 2.49
CA GLY A 9 2.28 -14.82 1.85
C GLY A 9 2.21 -14.75 0.34
N ASP A 10 1.04 -15.05 -0.21
CA ASP A 10 0.84 -15.02 -1.66
C ASP A 10 0.50 -13.61 -2.13
N GLY A 11 0.02 -12.78 -1.20
CA GLY A 11 -0.34 -11.41 -1.54
C GLY A 11 -1.83 -11.24 -1.76
N ASN A 12 -2.62 -12.13 -1.17
CA ASN A 12 -4.07 -12.07 -1.31
C ASN A 12 -4.68 -11.14 -0.27
N ILE A 13 -5.54 -10.25 -0.73
CA ILE A 13 -6.20 -9.30 0.17
C ILE A 13 -7.17 -10.01 1.12
N LEU A 14 -6.69 -10.31 2.32
CA LEU A 14 -7.50 -10.99 3.32
C LEU A 14 -8.49 -10.03 3.95
N GLN A 15 -8.09 -8.77 4.08
CA GLN A 15 -8.96 -7.75 4.67
C GLN A 15 -8.64 -6.37 4.09
N TYR A 16 -9.65 -5.53 4.00
CA TYR A 16 -9.49 -4.18 3.47
C TYR A 16 -10.13 -3.15 4.39
N ASN A 17 -9.34 -2.14 4.77
CA ASN A 17 -9.83 -1.09 5.65
C ASN A 17 -9.43 0.29 5.11
N ALA A 18 -10.35 0.92 4.40
CA ALA A 18 -10.10 2.25 3.84
C ALA A 18 -9.67 3.24 4.92
N ALA A 19 -8.93 4.26 4.52
CA ALA A 19 -8.46 5.28 5.46
C ALA A 19 -8.96 6.66 5.06
N GLU A 20 -8.54 7.67 5.82
CA GLU A 20 -8.96 9.04 5.56
C GLU A 20 -10.43 9.09 5.16
N GLY A 21 -11.25 8.32 5.86
CA GLY A 21 -12.68 8.29 5.56
C GLY A 21 -12.98 7.69 4.21
N ASP A 22 -14.22 7.26 4.02
CA ASP A 22 -14.64 6.65 2.76
C ASP A 22 -15.53 7.60 1.97
N ILE A 23 -14.90 8.36 1.07
CA ILE A 23 -15.63 9.32 0.25
C ILE A 23 -16.09 8.68 -1.07
N THR A 24 -16.64 7.48 -0.97
CA THR A 24 -17.12 6.76 -2.14
C THR A 24 -17.69 5.40 -1.77
N GLY A 25 -18.94 5.15 -2.14
CA GLY A 25 -19.57 3.88 -1.84
C GLY A 25 -18.99 2.73 -2.62
N ARG A 26 -18.06 2.00 -2.01
CA ARG A 26 -17.42 0.87 -2.66
C ARG A 26 -17.38 -0.35 -1.74
N ASP A 27 -18.14 -1.37 -2.09
CA ASP A 27 -18.19 -2.59 -1.30
C ASP A 27 -16.79 -3.16 -1.08
N PRO A 28 -16.51 -3.60 0.15
CA PRO A 28 -15.21 -4.17 0.51
C PRO A 28 -14.97 -5.53 -0.12
N LYS A 29 -16.04 -6.31 -0.23
CA LYS A 29 -15.96 -7.65 -0.82
C LYS A 29 -15.38 -7.58 -2.23
N GLN A 30 -15.47 -6.40 -2.84
CA GLN A 30 -14.95 -6.21 -4.19
C GLN A 30 -13.46 -6.51 -4.26
N VAL A 31 -12.76 -6.25 -3.16
CA VAL A 31 -11.33 -6.50 -3.09
C VAL A 31 -11.03 -7.78 -2.31
N ILE A 32 -11.89 -8.09 -1.34
CA ILE A 32 -11.71 -9.28 -0.53
C ILE A 32 -11.50 -10.51 -1.39
N GLY A 33 -10.35 -11.16 -1.23
CA GLY A 33 -10.04 -12.35 -2.01
C GLY A 33 -9.16 -12.05 -3.21
N LYS A 34 -9.27 -10.83 -3.72
CA LYS A 34 -8.48 -10.42 -4.87
C LYS A 34 -7.07 -10.01 -4.46
N ASN A 35 -6.13 -10.09 -5.39
CA ASN A 35 -4.74 -9.73 -5.12
C ASN A 35 -4.50 -8.24 -5.42
N PHE A 36 -3.64 -7.62 -4.62
CA PHE A 36 -3.32 -6.21 -4.80
C PHE A 36 -2.80 -5.94 -6.22
N PHE A 37 -2.08 -6.92 -6.77
CA PHE A 37 -1.53 -6.79 -8.12
C PHE A 37 -2.45 -7.45 -9.14
N LYS A 38 -3.42 -8.20 -8.65
CA LYS A 38 -4.37 -8.89 -9.53
C LYS A 38 -5.21 -7.88 -10.32
N ASP A 39 -5.90 -7.01 -9.60
CA ASP A 39 -6.75 -6.00 -10.23
C ASP A 39 -6.67 -4.68 -9.46
N VAL A 40 -6.53 -4.78 -8.14
CA VAL A 40 -6.45 -3.60 -7.29
C VAL A 40 -5.40 -2.61 -7.81
N ALA A 41 -4.32 -3.16 -8.35
CA ALA A 41 -3.24 -2.33 -8.89
C ALA A 41 -2.43 -3.09 -9.93
N PRO A 42 -2.91 -3.09 -11.18
CA PRO A 42 -2.24 -3.77 -12.29
C PRO A 42 -0.93 -3.10 -12.69
N GLY A 43 -0.86 -1.79 -12.48
CA GLY A 43 0.34 -1.05 -12.81
C GLY A 43 1.47 -1.28 -11.83
N THR A 44 1.12 -1.77 -10.64
CA THR A 44 2.10 -2.04 -9.61
C THR A 44 2.74 -3.41 -9.78
N ASP A 45 2.48 -4.04 -10.93
CA ASP A 45 3.04 -5.35 -11.23
C ASP A 45 4.47 -5.23 -11.73
N SER A 46 5.33 -4.62 -10.90
CA SER A 46 6.73 -4.45 -11.26
C SER A 46 7.63 -5.02 -10.18
N PRO A 47 8.91 -5.24 -10.53
CA PRO A 47 9.91 -5.80 -9.61
C PRO A 47 10.29 -4.81 -8.51
N GLU A 48 10.07 -3.53 -8.77
CA GLU A 48 10.40 -2.49 -7.81
C GLU A 48 9.37 -2.46 -6.68
N PHE A 49 8.12 -2.78 -7.01
CA PHE A 49 7.04 -2.80 -6.03
C PHE A 49 6.65 -4.22 -5.67
N TYR A 50 6.03 -4.92 -6.61
CA TYR A 50 5.60 -6.30 -6.39
C TYR A 50 6.80 -7.20 -6.06
N GLY A 51 7.85 -7.10 -6.87
CA GLY A 51 9.03 -7.90 -6.66
C GLY A 51 9.53 -7.80 -5.22
N LYS A 52 9.53 -6.60 -4.68
CA LYS A 52 9.99 -6.36 -3.32
C LYS A 52 9.10 -7.09 -2.31
N PHE A 53 7.79 -7.06 -2.57
CA PHE A 53 6.83 -7.70 -1.69
C PHE A 53 7.13 -9.20 -1.55
N LYS A 54 7.45 -9.83 -2.66
CA LYS A 54 7.77 -11.25 -2.68
C LYS A 54 9.15 -11.52 -2.09
N GLU A 55 10.09 -10.63 -2.39
CA GLU A 55 11.46 -10.77 -1.89
C GLU A 55 11.48 -10.70 -0.37
N GLY A 56 10.76 -9.74 0.19
CA GLY A 56 10.71 -9.58 1.63
C GLY A 56 10.15 -10.81 2.33
N VAL A 57 9.22 -11.49 1.66
CA VAL A 57 8.60 -12.69 2.21
C VAL A 57 9.63 -13.78 2.46
N ALA A 58 10.47 -14.03 1.46
CA ALA A 58 11.50 -15.05 1.57
C ALA A 58 12.32 -14.87 2.84
N SER A 59 12.54 -13.62 3.22
CA SER A 59 13.32 -13.30 4.41
C SER A 59 12.47 -13.45 5.67
N GLY A 60 11.19 -13.14 5.54
CA GLY A 60 10.28 -13.25 6.67
C GLY A 60 10.11 -11.93 7.40
N ASN A 61 10.37 -10.83 6.70
CA ASN A 61 10.24 -9.50 7.30
C ASN A 61 10.19 -8.43 6.21
N LEU A 62 9.25 -8.56 5.29
CA LEU A 62 9.09 -7.60 4.20
C LEU A 62 8.94 -6.19 4.74
N ASN A 63 10.04 -5.43 4.71
CA ASN A 63 10.03 -4.06 5.20
C ASN A 63 10.42 -3.08 4.08
N THR A 64 9.42 -2.41 3.52
CA THR A 64 9.64 -1.46 2.44
C THR A 64 8.81 -0.20 2.64
N MET A 65 9.42 0.96 2.43
CA MET A 65 8.73 2.23 2.60
C MET A 65 9.18 3.23 1.52
N PHE A 66 8.30 3.51 0.57
CA PHE A 66 8.60 4.44 -0.50
C PHE A 66 7.33 5.00 -1.13
N GLU A 67 7.48 5.93 -2.06
CA GLU A 67 6.34 6.55 -2.72
C GLU A 67 6.12 5.93 -4.11
N TRP A 68 4.87 5.83 -4.50
CA TRP A 68 4.52 5.26 -5.80
C TRP A 68 3.41 6.06 -6.48
N MET A 69 3.34 5.97 -7.80
CA MET A 69 2.34 6.70 -8.57
C MET A 69 1.28 5.74 -9.11
N ILE A 70 0.04 5.91 -8.66
CA ILE A 70 -1.06 5.07 -9.11
C ILE A 70 -2.15 5.90 -9.78
N PRO A 71 -2.85 5.28 -10.74
CA PRO A 71 -3.93 5.93 -11.48
C PRO A 71 -5.16 6.17 -10.62
N THR A 72 -5.81 7.33 -10.80
CA THR A 72 -7.00 7.67 -10.04
C THR A 72 -8.00 8.41 -10.90
N SER A 73 -9.15 8.75 -10.30
CA SER A 73 -10.19 9.47 -11.02
C SER A 73 -9.66 10.77 -11.61
N ARG A 74 -8.78 11.42 -10.87
CA ARG A 74 -8.19 12.68 -11.31
C ARG A 74 -6.83 12.45 -11.98
N GLY A 75 -6.65 11.25 -12.53
CA GLY A 75 -5.40 10.92 -13.18
C GLY A 75 -4.39 10.32 -12.23
N PRO A 76 -3.13 10.25 -12.66
CA PRO A 76 -2.04 9.70 -11.85
C PRO A 76 -1.68 10.58 -10.66
N THR A 77 -1.40 9.96 -9.52
CA THR A 77 -1.04 10.69 -8.31
C THR A 77 -0.01 9.93 -7.49
N LYS A 78 0.85 10.67 -6.79
CA LYS A 78 1.89 10.06 -5.98
C LYS A 78 1.37 9.79 -4.56
N VAL A 79 1.70 8.62 -4.03
CA VAL A 79 1.28 8.25 -2.69
C VAL A 79 2.38 7.49 -1.96
N LYS A 80 2.39 7.61 -0.63
CA LYS A 80 3.39 6.93 0.18
C LYS A 80 2.94 5.51 0.53
N VAL A 81 3.62 4.53 -0.07
CA VAL A 81 3.29 3.13 0.17
C VAL A 81 4.31 2.49 1.12
N HIS A 82 3.80 1.83 2.16
CA HIS A 82 4.66 1.17 3.14
C HIS A 82 4.17 -0.24 3.42
N MET A 83 5.05 -1.22 3.23
CA MET A 83 4.71 -2.61 3.46
C MET A 83 5.54 -3.19 4.60
N LYS A 84 4.85 -3.68 5.63
CA LYS A 84 5.53 -4.26 6.79
C LYS A 84 4.86 -5.56 7.21
N LYS A 85 5.67 -6.59 7.42
CA LYS A 85 5.15 -7.90 7.83
C LYS A 85 4.48 -7.82 9.19
N ALA A 86 3.30 -8.43 9.31
CA ALA A 86 2.56 -8.42 10.56
C ALA A 86 3.41 -8.95 11.71
N LEU A 87 2.86 -8.92 12.91
CA LEU A 87 3.56 -9.40 14.10
C LEU A 87 3.58 -10.93 14.15
N SER A 88 2.50 -11.53 13.66
CA SER A 88 2.38 -12.99 13.65
C SER A 88 3.40 -13.61 12.71
N GLY A 89 3.88 -12.81 11.75
CA GLY A 89 4.85 -13.30 10.79
C GLY A 89 4.22 -14.17 9.72
N ASP A 90 2.94 -13.94 9.45
CA ASP A 90 2.22 -14.71 8.44
C ASP A 90 1.32 -13.80 7.61
N SER A 91 1.76 -12.56 7.40
CA SER A 91 0.99 -11.59 6.63
C SER A 91 1.72 -10.26 6.54
N TYR A 92 1.18 -9.36 5.73
CA TYR A 92 1.78 -8.04 5.56
C TYR A 92 0.71 -6.96 5.42
N TRP A 93 0.99 -5.78 5.98
CA TRP A 93 0.05 -4.67 5.93
C TRP A 93 0.54 -3.60 4.96
N VAL A 94 -0.35 -3.18 4.06
CA VAL A 94 -0.01 -2.14 3.08
C VAL A 94 -0.62 -0.80 3.46
N PHE A 95 0.25 0.19 3.68
CA PHE A 95 -0.20 1.53 4.05
C PHE A 95 0.01 2.51 2.91
N VAL A 96 -1.10 2.99 2.33
CA VAL A 96 -1.03 3.93 1.23
C VAL A 96 -1.70 5.26 1.60
N LYS A 97 -0.91 6.33 1.59
CA LYS A 97 -1.41 7.65 1.92
C LYS A 97 -0.93 8.70 0.92
N ARG A 98 -1.36 9.94 1.10
CA ARG A 98 -0.97 11.02 0.20
C ARG A 98 0.40 11.57 0.60
N VAL A 99 1.22 11.88 -0.42
CA VAL A 99 2.55 12.41 -0.18
C VAL A 99 2.54 13.94 -0.16
N LYS A 100 1.53 14.51 0.47
CA LYS A 100 1.39 15.96 0.57
C LYS A 100 2.11 16.48 1.81
N LEU A 101 3.43 16.58 1.74
CA LEU A 101 4.23 17.08 2.85
C LEU A 101 5.61 17.50 2.39
N ALA A 102 6.46 17.88 3.33
CA ALA A 102 7.83 18.30 3.01
C ALA A 102 8.51 17.30 2.09
N ALA A 103 8.92 17.76 0.92
CA ALA A 103 9.59 16.91 -0.06
C ALA A 103 10.87 17.56 -0.56
N ALA A 104 11.48 18.41 0.27
CA ALA A 104 12.71 19.08 -0.09
C ALA A 104 13.17 20.02 1.02
N LEU A 105 14.21 19.61 1.74
CA LEU A 105 14.75 20.42 2.83
C LEU A 105 16.23 20.12 3.05
N GLU A 106 17.02 20.27 2.00
CA GLU A 106 18.45 20.02 2.09
C GLU A 106 19.19 21.24 2.62
N HIS A 107 19.27 22.29 1.80
CA HIS A 107 19.94 23.52 2.19
C HIS A 107 18.97 24.47 2.88
N HIS A 108 19.34 24.92 4.08
CA HIS A 108 18.51 25.85 4.84
C HIS A 108 18.31 27.15 4.08
N HIS A 109 19.38 27.64 3.45
CA HIS A 109 19.32 28.88 2.68
C HIS A 109 18.92 28.60 1.24
N HIS A 110 17.67 28.89 0.90
CA HIS A 110 17.17 28.67 -0.45
C HIS A 110 17.48 29.87 -1.34
N HIS A 111 16.91 31.02 -1.01
CA HIS A 111 17.13 32.23 -1.78
C HIS A 111 18.44 32.91 -1.37
N HIS A 112 18.98 33.73 -2.27
CA HIS A 112 20.23 34.45 -1.99
C HIS A 112 19.96 35.87 -1.56
N MET A 1 -8.11 6.07 -3.69
CA MET A 1 -8.15 4.75 -3.06
C MET A 1 -7.04 4.61 -2.02
N PHE A 2 -7.25 5.21 -0.85
CA PHE A 2 -6.27 5.15 0.23
C PHE A 2 -6.81 4.38 1.42
N GLY A 3 -6.13 3.31 1.79
CA GLY A 3 -6.55 2.50 2.92
C GLY A 3 -5.51 1.47 3.33
N ALA A 4 -5.82 0.71 4.37
CA ALA A 4 -4.90 -0.32 4.86
C ALA A 4 -5.38 -1.71 4.47
N ILE A 5 -4.66 -2.35 3.57
CA ILE A 5 -5.00 -3.69 3.12
C ILE A 5 -4.07 -4.74 3.71
N GLN A 6 -4.62 -5.89 4.06
CA GLN A 6 -3.83 -6.98 4.64
C GLN A 6 -3.65 -8.11 3.64
N LEU A 7 -2.40 -8.40 3.29
CA LEU A 7 -2.10 -9.47 2.35
C LEU A 7 -1.38 -10.63 3.05
N ASP A 8 -1.41 -11.79 2.40
CA ASP A 8 -0.76 -12.98 2.96
C ASP A 8 0.51 -13.32 2.18
N GLY A 9 1.03 -14.53 2.42
CA GLY A 9 2.23 -14.95 1.73
C GLY A 9 2.10 -14.86 0.22
N ASP A 10 0.92 -15.18 -0.29
CA ASP A 10 0.67 -15.14 -1.72
C ASP A 10 0.33 -13.73 -2.18
N GLY A 11 -0.10 -12.90 -1.23
CA GLY A 11 -0.45 -11.53 -1.55
C GLY A 11 -1.94 -11.34 -1.75
N ASN A 12 -2.73 -12.25 -1.18
CA ASN A 12 -4.18 -12.18 -1.30
C ASN A 12 -4.77 -11.24 -0.24
N ILE A 13 -5.63 -10.33 -0.68
CA ILE A 13 -6.27 -9.38 0.22
C ILE A 13 -7.23 -10.08 1.17
N LEU A 14 -6.74 -10.42 2.36
CA LEU A 14 -7.56 -11.09 3.36
C LEU A 14 -8.53 -10.11 4.02
N GLN A 15 -8.11 -8.87 4.15
CA GLN A 15 -8.94 -7.83 4.76
C GLN A 15 -8.60 -6.46 4.20
N TYR A 16 -9.63 -5.64 3.99
CA TYR A 16 -9.44 -4.30 3.45
C TYR A 16 -10.10 -3.26 4.35
N ASN A 17 -9.32 -2.24 4.72
CA ASN A 17 -9.83 -1.17 5.58
C ASN A 17 -9.55 0.20 4.97
N ALA A 18 -10.53 0.74 4.25
CA ALA A 18 -10.39 2.05 3.62
C ALA A 18 -10.18 3.14 4.67
N ALA A 19 -9.16 3.98 4.45
CA ALA A 19 -8.87 5.06 5.37
C ALA A 19 -9.35 6.41 4.82
N GLU A 20 -10.20 7.08 5.58
CA GLU A 20 -10.74 8.37 5.16
C GLU A 20 -11.67 8.94 6.23
N GLY A 21 -12.24 10.11 5.93
CA GLY A 21 -13.15 10.74 6.88
C GLY A 21 -14.40 9.91 7.13
N ASP A 22 -15.52 10.35 6.58
CA ASP A 22 -16.78 9.65 6.75
C ASP A 22 -17.47 9.43 5.40
N ILE A 23 -17.45 8.18 4.94
CA ILE A 23 -18.07 7.85 3.66
C ILE A 23 -19.05 6.68 3.82
N THR A 24 -19.97 6.54 2.87
CA THR A 24 -20.95 5.48 2.90
C THR A 24 -20.30 4.14 3.20
N GLY A 25 -19.08 3.95 2.72
CA GLY A 25 -18.37 2.70 2.95
C GLY A 25 -18.24 1.87 1.70
N ARG A 26 -17.22 2.18 0.89
CA ARG A 26 -16.99 1.45 -0.36
C ARG A 26 -16.97 -0.05 -0.11
N ASP A 27 -17.81 -0.78 -0.83
CA ASP A 27 -17.88 -2.23 -0.68
C ASP A 27 -16.49 -2.85 -0.73
N PRO A 28 -16.01 -3.32 0.42
CA PRO A 28 -14.68 -3.94 0.53
C PRO A 28 -14.63 -5.30 -0.14
N LYS A 29 -15.76 -6.00 -0.16
CA LYS A 29 -15.84 -7.31 -0.79
C LYS A 29 -15.28 -7.28 -2.21
N GLN A 30 -15.32 -6.10 -2.83
CA GLN A 30 -14.81 -5.93 -4.19
C GLN A 30 -13.34 -6.33 -4.27
N VAL A 31 -12.61 -6.11 -3.18
CA VAL A 31 -11.19 -6.44 -3.14
C VAL A 31 -10.95 -7.72 -2.35
N ILE A 32 -11.85 -8.02 -1.43
CA ILE A 32 -11.75 -9.22 -0.61
C ILE A 32 -11.51 -10.46 -1.47
N GLY A 33 -10.40 -11.14 -1.23
CA GLY A 33 -10.07 -12.33 -1.99
C GLY A 33 -9.18 -12.03 -3.18
N LYS A 34 -9.29 -10.83 -3.71
CA LYS A 34 -8.49 -10.42 -4.86
C LYS A 34 -7.08 -9.99 -4.43
N ASN A 35 -6.13 -10.08 -5.34
CA ASN A 35 -4.75 -9.71 -5.06
C ASN A 35 -4.52 -8.22 -5.34
N PHE A 36 -3.65 -7.61 -4.55
CA PHE A 36 -3.33 -6.19 -4.71
C PHE A 36 -2.83 -5.91 -6.12
N PHE A 37 -2.10 -6.86 -6.70
CA PHE A 37 -1.56 -6.71 -8.04
C PHE A 37 -2.48 -7.36 -9.06
N LYS A 38 -3.45 -8.13 -8.59
CA LYS A 38 -4.40 -8.81 -9.46
C LYS A 38 -5.25 -7.81 -10.23
N ASP A 39 -5.95 -6.95 -9.49
CA ASP A 39 -6.80 -5.93 -10.10
C ASP A 39 -6.73 -4.63 -9.32
N VAL A 40 -6.59 -4.74 -8.01
CA VAL A 40 -6.50 -3.56 -7.15
C VAL A 40 -5.46 -2.58 -7.65
N ALA A 41 -4.37 -3.11 -8.20
CA ALA A 41 -3.30 -2.28 -8.73
C ALA A 41 -2.49 -3.03 -9.78
N PRO A 42 -2.97 -3.02 -11.03
CA PRO A 42 -2.29 -3.70 -12.15
C PRO A 42 -0.99 -3.02 -12.53
N GLY A 43 -0.91 -1.71 -12.31
CA GLY A 43 0.30 -0.97 -12.64
C GLY A 43 1.42 -1.22 -11.65
N THR A 44 1.07 -1.72 -10.47
CA THR A 44 2.05 -2.00 -9.44
C THR A 44 2.68 -3.38 -9.63
N ASP A 45 2.41 -3.99 -10.79
CA ASP A 45 2.95 -5.30 -11.10
C ASP A 45 4.39 -5.18 -11.63
N SER A 46 5.25 -4.56 -10.85
CA SER A 46 6.65 -4.38 -11.24
C SER A 46 7.58 -4.95 -10.18
N PRO A 47 8.85 -5.16 -10.57
CA PRO A 47 9.87 -5.70 -9.68
C PRO A 47 10.27 -4.70 -8.58
N GLU A 48 10.00 -3.43 -8.83
CA GLU A 48 10.33 -2.38 -7.87
C GLU A 48 9.34 -2.37 -6.72
N PHE A 49 8.08 -2.72 -7.02
CA PHE A 49 7.03 -2.74 -6.01
C PHE A 49 6.66 -4.18 -5.65
N TYR A 50 6.02 -4.87 -6.60
CA TYR A 50 5.60 -6.24 -6.39
C TYR A 50 6.80 -7.13 -6.06
N GLY A 51 7.85 -7.01 -6.86
CA GLY A 51 9.04 -7.81 -6.63
C GLY A 51 9.54 -7.73 -5.21
N LYS A 52 9.45 -6.54 -4.62
CA LYS A 52 9.91 -6.32 -3.25
C LYS A 52 8.99 -7.06 -2.27
N PHE A 53 7.70 -7.04 -2.55
CA PHE A 53 6.72 -7.69 -1.70
C PHE A 53 7.02 -9.19 -1.56
N LYS A 54 7.38 -9.81 -2.67
CA LYS A 54 7.70 -11.23 -2.68
C LYS A 54 9.10 -11.48 -2.13
N GLU A 55 10.02 -10.57 -2.43
CA GLU A 55 11.40 -10.69 -1.97
C GLU A 55 11.46 -10.66 -0.45
N GLY A 56 10.76 -9.69 0.15
CA GLY A 56 10.74 -9.56 1.59
C GLY A 56 10.18 -10.80 2.28
N VAL A 57 9.23 -11.45 1.64
CA VAL A 57 8.61 -12.65 2.19
C VAL A 57 9.65 -13.74 2.43
N ALA A 58 10.52 -13.95 1.46
CA ALA A 58 11.56 -14.96 1.57
C ALA A 58 12.35 -14.79 2.86
N SER A 59 12.54 -13.55 3.27
CA SER A 59 13.30 -13.26 4.49
C SER A 59 12.41 -13.43 5.73
N GLY A 60 11.13 -13.13 5.57
CA GLY A 60 10.20 -13.25 6.67
C GLY A 60 9.98 -11.94 7.41
N ASN A 61 10.11 -10.84 6.69
CA ASN A 61 9.92 -9.51 7.27
C ASN A 61 9.94 -8.44 6.19
N LEU A 62 9.01 -8.55 5.24
CA LEU A 62 8.91 -7.59 4.15
C LEU A 62 8.84 -6.17 4.70
N ASN A 63 9.95 -5.45 4.64
CA ASN A 63 10.02 -4.08 5.13
C ASN A 63 10.41 -3.12 4.00
N THR A 64 9.41 -2.42 3.47
CA THR A 64 9.64 -1.46 2.39
C THR A 64 8.86 -0.17 2.61
N MET A 65 9.51 0.96 2.37
CA MET A 65 8.86 2.25 2.55
C MET A 65 9.32 3.23 1.47
N PHE A 66 8.41 3.57 0.55
CA PHE A 66 8.73 4.50 -0.52
C PHE A 66 7.45 5.05 -1.15
N GLU A 67 7.61 6.01 -2.06
CA GLU A 67 6.47 6.63 -2.74
C GLU A 67 6.22 5.97 -4.09
N TRP A 68 4.95 5.83 -4.44
CA TRP A 68 4.57 5.21 -5.70
C TRP A 68 3.44 5.98 -6.37
N MET A 69 3.41 5.97 -7.70
CA MET A 69 2.38 6.67 -8.46
C MET A 69 1.28 5.70 -8.89
N ILE A 70 0.05 6.00 -8.50
CA ILE A 70 -1.10 5.17 -8.84
C ILE A 70 -2.18 5.98 -9.54
N PRO A 71 -2.98 5.31 -10.38
CA PRO A 71 -4.07 5.95 -11.13
C PRO A 71 -5.23 6.35 -10.21
N THR A 72 -5.83 7.50 -10.50
CA THR A 72 -6.94 8.00 -9.71
C THR A 72 -7.97 8.70 -10.59
N SER A 73 -8.98 9.29 -9.95
CA SER A 73 -10.02 10.01 -10.68
C SER A 73 -9.44 11.15 -11.50
N ARG A 74 -8.43 11.81 -10.95
CA ARG A 74 -7.77 12.92 -11.63
C ARG A 74 -6.49 12.46 -12.31
N GLY A 75 -6.43 11.19 -12.66
CA GLY A 75 -5.25 10.65 -13.31
C GLY A 75 -4.26 10.08 -12.33
N PRO A 76 -3.02 9.84 -12.80
CA PRO A 76 -1.95 9.28 -11.97
C PRO A 76 -1.46 10.27 -10.92
N THR A 77 -1.23 9.77 -9.71
CA THR A 77 -0.76 10.61 -8.61
C THR A 77 0.18 9.84 -7.69
N LYS A 78 1.14 10.55 -7.11
CA LYS A 78 2.10 9.93 -6.20
C LYS A 78 1.50 9.73 -4.81
N VAL A 79 1.96 8.69 -4.12
CA VAL A 79 1.45 8.39 -2.78
C VAL A 79 2.52 7.66 -1.96
N LYS A 80 2.38 7.75 -0.64
CA LYS A 80 3.33 7.11 0.27
C LYS A 80 2.93 5.66 0.53
N VAL A 81 3.72 4.73 -0.02
CA VAL A 81 3.45 3.31 0.16
C VAL A 81 4.46 2.67 1.12
N HIS A 82 3.94 1.92 2.10
CA HIS A 82 4.79 1.27 3.07
C HIS A 82 4.27 -0.13 3.39
N MET A 83 5.12 -1.13 3.21
CA MET A 83 4.74 -2.52 3.49
C MET A 83 5.57 -3.10 4.63
N LYS A 84 4.88 -3.56 5.67
CA LYS A 84 5.56 -4.14 6.83
C LYS A 84 4.86 -5.41 7.29
N LYS A 85 5.65 -6.46 7.51
CA LYS A 85 5.10 -7.75 7.94
C LYS A 85 4.30 -7.58 9.23
N ALA A 86 3.16 -8.27 9.31
CA ALA A 86 2.31 -8.21 10.49
C ALA A 86 3.08 -8.58 11.75
N LEU A 87 2.41 -8.51 12.90
CA LEU A 87 3.04 -8.84 14.17
C LEU A 87 3.06 -10.34 14.40
N SER A 88 2.03 -11.03 13.90
CA SER A 88 1.92 -12.47 14.04
C SER A 88 3.03 -13.18 13.26
N GLY A 89 3.56 -12.49 12.26
CA GLY A 89 4.62 -13.06 11.45
C GLY A 89 4.09 -14.02 10.40
N ASP A 90 2.84 -13.84 10.01
CA ASP A 90 2.21 -14.70 9.01
C ASP A 90 1.36 -13.89 8.05
N SER A 91 1.78 -12.67 7.77
CA SER A 91 1.05 -11.78 6.87
C SER A 91 1.78 -10.44 6.70
N TYR A 92 1.27 -9.63 5.79
CA TYR A 92 1.87 -8.32 5.53
C TYR A 92 0.80 -7.26 5.36
N TRP A 93 1.05 -6.08 5.93
CA TRP A 93 0.10 -4.97 5.84
C TRP A 93 0.61 -3.90 4.88
N VAL A 94 -0.30 -3.34 4.09
CA VAL A 94 0.06 -2.31 3.13
C VAL A 94 -0.61 -0.98 3.48
N PHE A 95 0.19 0.09 3.50
CA PHE A 95 -0.32 1.42 3.82
C PHE A 95 -0.23 2.35 2.62
N VAL A 96 -1.36 2.89 2.20
CA VAL A 96 -1.40 3.80 1.06
C VAL A 96 -2.08 5.12 1.43
N LYS A 97 -1.35 6.22 1.28
CA LYS A 97 -1.88 7.53 1.59
C LYS A 97 -1.22 8.60 0.73
N ARG A 98 -1.85 9.78 0.66
CA ARG A 98 -1.33 10.88 -0.12
C ARG A 98 -0.04 11.43 0.48
N VAL A 99 0.85 11.93 -0.38
CA VAL A 99 2.13 12.48 0.08
C VAL A 99 2.03 13.99 0.29
N LYS A 100 0.98 14.42 1.00
CA LYS A 100 0.77 15.83 1.28
C LYS A 100 1.96 16.41 2.03
N LEU A 101 1.85 17.70 2.38
CA LEU A 101 2.92 18.37 3.11
C LEU A 101 2.85 18.06 4.60
N ALA A 102 4.00 18.04 5.25
CA ALA A 102 4.07 17.75 6.68
C ALA A 102 4.20 19.04 7.49
N ALA A 103 4.72 20.09 6.85
CA ALA A 103 4.89 21.38 7.52
C ALA A 103 5.91 21.27 8.65
N ALA A 104 6.76 20.26 8.58
CA ALA A 104 7.78 20.06 9.60
C ALA A 104 8.91 21.08 9.46
N LEU A 105 9.15 21.53 8.24
CA LEU A 105 10.19 22.52 7.97
C LEU A 105 9.67 23.64 7.09
N GLU A 106 8.38 23.94 7.21
CA GLU A 106 7.76 24.98 6.41
C GLU A 106 7.26 26.12 7.31
N HIS A 107 8.05 27.19 7.38
CA HIS A 107 7.69 28.35 8.19
C HIS A 107 7.98 29.64 7.45
N HIS A 108 7.68 30.78 8.10
CA HIS A 108 7.91 32.08 7.49
C HIS A 108 9.28 32.63 7.88
N HIS A 109 9.75 33.61 7.13
CA HIS A 109 11.04 34.23 7.38
C HIS A 109 11.04 34.95 8.72
N HIS A 110 12.11 34.78 9.49
CA HIS A 110 12.22 35.41 10.80
C HIS A 110 13.16 36.61 10.74
N HIS A 111 12.59 37.80 10.67
CA HIS A 111 13.38 39.03 10.60
C HIS A 111 14.10 39.29 11.91
N HIS A 112 15.34 39.75 11.83
CA HIS A 112 16.14 40.04 13.00
C HIS A 112 16.01 41.50 13.41
N MET A 1 -8.06 5.98 -3.77
CA MET A 1 -8.11 4.66 -3.17
C MET A 1 -7.08 4.51 -2.05
N PHE A 2 -7.29 5.28 -0.97
CA PHE A 2 -6.37 5.25 0.17
C PHE A 2 -6.95 4.39 1.30
N GLY A 3 -6.21 3.36 1.68
CA GLY A 3 -6.67 2.49 2.75
C GLY A 3 -5.60 1.50 3.19
N ALA A 4 -5.92 0.70 4.19
CA ALA A 4 -4.98 -0.30 4.71
C ALA A 4 -5.42 -1.71 4.33
N ILE A 5 -4.66 -2.35 3.44
CA ILE A 5 -4.98 -3.71 3.02
C ILE A 5 -4.01 -4.72 3.64
N GLN A 6 -4.56 -5.87 4.02
CA GLN A 6 -3.75 -6.92 4.63
C GLN A 6 -3.59 -8.11 3.68
N LEU A 7 -2.37 -8.32 3.21
CA LEU A 7 -2.08 -9.42 2.29
C LEU A 7 -1.36 -10.55 3.01
N ASP A 8 -1.33 -11.73 2.39
CA ASP A 8 -0.67 -12.89 2.97
C ASP A 8 0.61 -13.21 2.22
N GLY A 9 1.16 -14.40 2.46
CA GLY A 9 2.38 -14.82 1.80
C GLY A 9 2.28 -14.74 0.29
N ASP A 10 1.10 -15.08 -0.24
CA ASP A 10 0.88 -15.05 -1.68
C ASP A 10 0.53 -13.64 -2.14
N GLY A 11 0.06 -12.81 -1.21
CA GLY A 11 -0.30 -11.45 -1.55
C GLY A 11 -1.79 -11.29 -1.78
N ASN A 12 -2.58 -12.19 -1.21
CA ASN A 12 -4.03 -12.15 -1.36
C ASN A 12 -4.66 -11.22 -0.32
N ILE A 13 -5.54 -10.34 -0.77
CA ILE A 13 -6.20 -9.40 0.12
C ILE A 13 -7.14 -10.13 1.08
N LEU A 14 -6.64 -10.44 2.27
CA LEU A 14 -7.42 -11.14 3.28
C LEU A 14 -8.42 -10.18 3.96
N GLN A 15 -8.01 -8.93 4.11
CA GLN A 15 -8.86 -7.93 4.73
C GLN A 15 -8.56 -6.54 4.17
N TYR A 16 -9.62 -5.78 3.91
CA TYR A 16 -9.47 -4.42 3.38
C TYR A 16 -10.16 -3.40 4.27
N ASN A 17 -9.42 -2.37 4.64
CA ASN A 17 -9.97 -1.31 5.50
C ASN A 17 -9.62 0.07 4.95
N ALA A 18 -10.54 0.65 4.20
CA ALA A 18 -10.33 1.97 3.62
C ALA A 18 -9.99 3.00 4.70
N ALA A 19 -9.19 3.99 4.33
CA ALA A 19 -8.79 5.04 5.27
C ALA A 19 -9.14 6.41 4.74
N GLU A 20 -8.92 7.44 5.55
CA GLU A 20 -9.22 8.81 5.15
C GLU A 20 -10.52 8.88 4.37
N GLY A 21 -11.52 8.12 4.81
CA GLY A 21 -12.80 8.11 4.14
C GLY A 21 -13.75 7.08 4.71
N ASP A 22 -14.84 7.54 5.32
CA ASP A 22 -15.82 6.65 5.92
C ASP A 22 -17.17 7.33 6.04
N ILE A 23 -17.79 7.62 4.89
CA ILE A 23 -19.10 8.26 4.87
C ILE A 23 -20.16 7.37 4.25
N THR A 24 -19.71 6.38 3.48
CA THR A 24 -20.62 5.45 2.83
C THR A 24 -20.24 4.01 3.15
N GLY A 25 -18.96 3.69 3.04
CA GLY A 25 -18.48 2.34 3.33
C GLY A 25 -18.41 1.49 2.08
N ARG A 26 -17.48 1.81 1.19
CA ARG A 26 -17.30 1.07 -0.05
C ARG A 26 -17.20 -0.43 0.23
N ASP A 27 -18.05 -1.21 -0.41
CA ASP A 27 -18.05 -2.66 -0.24
C ASP A 27 -16.65 -3.23 -0.40
N PRO A 28 -16.05 -3.66 0.72
CA PRO A 28 -14.70 -4.23 0.74
C PRO A 28 -14.64 -5.60 0.05
N LYS A 29 -15.75 -6.32 0.11
CA LYS A 29 -15.84 -7.64 -0.50
C LYS A 29 -15.36 -7.60 -1.96
N GLN A 30 -15.46 -6.43 -2.57
CA GLN A 30 -15.04 -6.26 -3.95
C GLN A 30 -13.56 -6.62 -4.12
N VAL A 31 -12.78 -6.38 -3.07
CA VAL A 31 -11.35 -6.68 -3.11
C VAL A 31 -11.03 -7.94 -2.32
N ILE A 32 -11.88 -8.26 -1.35
CA ILE A 32 -11.70 -9.44 -0.52
C ILE A 32 -11.48 -10.68 -1.38
N GLY A 33 -10.30 -11.30 -1.23
CA GLY A 33 -9.98 -12.49 -2.00
C GLY A 33 -9.11 -12.19 -3.20
N LYS A 34 -9.22 -10.98 -3.72
CA LYS A 34 -8.43 -10.56 -4.88
C LYS A 34 -7.03 -10.13 -4.45
N ASN A 35 -6.09 -10.18 -5.39
CA ASN A 35 -4.72 -9.79 -5.11
C ASN A 35 -4.50 -8.31 -5.40
N PHE A 36 -3.65 -7.66 -4.61
CA PHE A 36 -3.35 -6.25 -4.78
C PHE A 36 -2.84 -5.97 -6.19
N PHE A 37 -2.09 -6.92 -6.75
CA PHE A 37 -1.54 -6.77 -8.08
C PHE A 37 -2.44 -7.44 -9.12
N LYS A 38 -3.41 -8.22 -8.64
CA LYS A 38 -4.35 -8.91 -9.53
C LYS A 38 -5.19 -7.91 -10.31
N ASP A 39 -5.91 -7.06 -9.58
CA ASP A 39 -6.75 -6.06 -10.21
C ASP A 39 -6.72 -4.74 -9.43
N VAL A 40 -6.60 -4.85 -8.11
CA VAL A 40 -6.54 -3.68 -7.25
C VAL A 40 -5.50 -2.67 -7.75
N ALA A 41 -4.40 -3.20 -8.30
CA ALA A 41 -3.34 -2.36 -8.82
C ALA A 41 -2.51 -3.10 -9.87
N PRO A 42 -2.98 -3.05 -11.13
CA PRO A 42 -2.31 -3.71 -12.25
C PRO A 42 -0.99 -3.03 -12.61
N GLY A 43 -0.91 -1.74 -12.36
CA GLY A 43 0.30 -0.99 -12.66
C GLY A 43 1.41 -1.25 -11.66
N THR A 44 1.05 -1.77 -10.50
CA THR A 44 2.02 -2.07 -9.45
C THR A 44 2.64 -3.43 -9.66
N ASP A 45 2.39 -4.03 -10.82
CA ASP A 45 2.94 -5.34 -11.15
C ASP A 45 4.36 -5.22 -11.67
N SER A 46 5.23 -4.60 -10.89
CA SER A 46 6.62 -4.41 -11.27
C SER A 46 7.56 -4.98 -10.22
N PRO A 47 8.82 -5.20 -10.61
CA PRO A 47 9.85 -5.75 -9.71
C PRO A 47 10.25 -4.77 -8.63
N GLU A 48 10.01 -3.48 -8.87
CA GLU A 48 10.35 -2.44 -7.91
C GLU A 48 9.35 -2.43 -6.75
N PHE A 49 8.10 -2.76 -7.06
CA PHE A 49 7.04 -2.77 -6.05
C PHE A 49 6.66 -4.20 -5.68
N TYR A 50 6.02 -4.90 -6.62
CA TYR A 50 5.60 -6.27 -6.40
C TYR A 50 6.78 -7.16 -6.07
N GLY A 51 7.83 -7.05 -6.89
CA GLY A 51 9.02 -7.86 -6.67
C GLY A 51 9.54 -7.77 -5.25
N LYS A 52 9.38 -6.59 -4.64
CA LYS A 52 9.84 -6.37 -3.28
C LYS A 52 8.91 -7.07 -2.28
N PHE A 53 7.62 -7.07 -2.59
CA PHE A 53 6.64 -7.70 -1.71
C PHE A 53 6.92 -9.20 -1.57
N LYS A 54 7.31 -9.82 -2.68
CA LYS A 54 7.61 -11.25 -2.69
C LYS A 54 8.99 -11.52 -2.10
N GLU A 55 9.92 -10.62 -2.38
CA GLU A 55 11.29 -10.77 -1.89
C GLU A 55 11.32 -10.74 -0.36
N GLY A 56 10.63 -9.76 0.21
CA GLY A 56 10.59 -9.64 1.67
C GLY A 56 10.02 -10.87 2.33
N VAL A 57 9.07 -11.51 1.68
CA VAL A 57 8.43 -12.71 2.21
C VAL A 57 9.45 -13.82 2.43
N ALA A 58 10.35 -13.99 1.46
CA ALA A 58 11.38 -15.02 1.56
C ALA A 58 12.15 -14.91 2.87
N SER A 59 12.35 -13.69 3.34
CA SER A 59 13.06 -13.45 4.59
C SER A 59 12.12 -13.58 5.78
N GLY A 60 10.87 -13.17 5.59
CA GLY A 60 9.89 -13.24 6.66
C GLY A 60 9.74 -11.91 7.39
N ASN A 61 10.00 -10.81 6.68
CA ASN A 61 9.89 -9.49 7.27
C ASN A 61 9.89 -8.42 6.18
N LEU A 62 8.95 -8.53 5.24
CA LEU A 62 8.85 -7.56 4.16
C LEU A 62 8.76 -6.14 4.69
N ASN A 63 9.89 -5.43 4.65
CA ASN A 63 9.95 -4.06 5.13
C ASN A 63 10.37 -3.10 4.02
N THR A 64 9.39 -2.39 3.46
CA THR A 64 9.65 -1.45 2.38
C THR A 64 8.87 -0.16 2.57
N MET A 65 9.53 0.97 2.35
CA MET A 65 8.89 2.27 2.49
C MET A 65 9.38 3.24 1.43
N PHE A 66 8.52 3.60 0.50
CA PHE A 66 8.87 4.52 -0.57
C PHE A 66 7.62 5.10 -1.21
N GLU A 67 7.81 6.10 -2.09
CA GLU A 67 6.70 6.74 -2.77
C GLU A 67 6.40 6.05 -4.10
N TRP A 68 5.12 5.95 -4.43
CA TRP A 68 4.71 5.30 -5.67
C TRP A 68 3.56 6.07 -6.33
N MET A 69 3.51 6.04 -7.65
CA MET A 69 2.46 6.73 -8.39
C MET A 69 1.32 5.77 -8.75
N ILE A 70 0.10 6.13 -8.36
CA ILE A 70 -1.06 5.30 -8.64
C ILE A 70 -2.16 6.12 -9.31
N PRO A 71 -2.99 5.45 -10.11
CA PRO A 71 -4.10 6.09 -10.83
C PRO A 71 -5.22 6.53 -9.88
N THR A 72 -5.82 7.68 -10.19
CA THR A 72 -6.90 8.21 -9.37
C THR A 72 -7.96 8.89 -10.23
N SER A 73 -8.90 9.55 -9.58
CA SER A 73 -9.97 10.26 -10.28
C SER A 73 -9.41 11.37 -11.16
N ARG A 74 -8.37 12.05 -10.65
CA ARG A 74 -7.75 13.13 -11.39
C ARG A 74 -6.48 12.66 -12.09
N GLY A 75 -6.44 11.37 -12.40
CA GLY A 75 -5.28 10.81 -13.08
C GLY A 75 -4.27 10.24 -12.11
N PRO A 76 -3.05 9.96 -12.61
CA PRO A 76 -1.97 9.40 -11.80
C PRO A 76 -1.43 10.40 -10.78
N THR A 77 -1.16 9.92 -9.57
CA THR A 77 -0.64 10.77 -8.50
C THR A 77 0.32 9.99 -7.60
N LYS A 78 1.27 10.71 -7.01
CA LYS A 78 2.25 10.10 -6.13
C LYS A 78 1.66 9.87 -4.73
N VAL A 79 2.09 8.81 -4.06
CA VAL A 79 1.61 8.49 -2.73
C VAL A 79 2.67 7.75 -1.92
N LYS A 80 2.55 7.80 -0.60
CA LYS A 80 3.50 7.13 0.28
C LYS A 80 3.08 5.68 0.52
N VAL A 81 3.84 4.75 -0.05
CA VAL A 81 3.55 3.33 0.10
C VAL A 81 4.53 2.68 1.08
N HIS A 82 3.97 2.00 2.08
CA HIS A 82 4.79 1.32 3.08
C HIS A 82 4.25 -0.07 3.37
N MET A 83 5.11 -1.07 3.21
CA MET A 83 4.72 -2.46 3.46
C MET A 83 5.54 -3.05 4.60
N LYS A 84 4.86 -3.47 5.66
CA LYS A 84 5.52 -4.06 6.83
C LYS A 84 4.78 -5.31 7.29
N LYS A 85 5.52 -6.38 7.51
CA LYS A 85 4.94 -7.64 7.96
C LYS A 85 4.17 -7.44 9.26
N ALA A 86 3.00 -8.07 9.36
CA ALA A 86 2.17 -7.98 10.55
C ALA A 86 2.95 -8.38 11.80
N LEU A 87 2.29 -8.32 12.95
CA LEU A 87 2.92 -8.69 14.21
C LEU A 87 2.89 -10.20 14.41
N SER A 88 1.87 -10.85 13.85
CA SER A 88 1.73 -12.29 13.98
C SER A 88 2.86 -13.01 13.24
N GLY A 89 3.46 -12.32 12.28
CA GLY A 89 4.55 -12.91 11.50
C GLY A 89 4.05 -13.83 10.41
N ASP A 90 2.83 -13.59 9.95
CA ASP A 90 2.24 -14.41 8.90
C ASP A 90 1.36 -13.58 7.99
N SER A 91 1.77 -12.33 7.74
CA SER A 91 1.01 -11.43 6.90
C SER A 91 1.75 -10.11 6.71
N TYR A 92 1.21 -9.25 5.86
CA TYR A 92 1.81 -7.95 5.60
C TYR A 92 0.75 -6.87 5.47
N TRP A 93 1.03 -5.70 6.02
CA TRP A 93 0.10 -4.57 5.98
C TRP A 93 0.56 -3.53 4.96
N VAL A 94 -0.34 -3.17 4.04
CA VAL A 94 -0.01 -2.18 3.02
C VAL A 94 -0.66 -0.84 3.34
N PHE A 95 0.15 0.21 3.37
CA PHE A 95 -0.34 1.55 3.66
C PHE A 95 -0.23 2.45 2.43
N VAL A 96 -1.38 2.90 1.93
CA VAL A 96 -1.41 3.77 0.76
C VAL A 96 -2.10 5.09 1.07
N LYS A 97 -1.30 6.15 1.19
CA LYS A 97 -1.84 7.48 1.48
C LYS A 97 -1.07 8.56 0.72
N ARG A 98 -1.70 9.72 0.56
CA ARG A 98 -1.07 10.83 -0.15
C ARG A 98 0.23 11.24 0.54
N VAL A 99 1.12 11.87 -0.22
CA VAL A 99 2.40 12.32 0.31
C VAL A 99 2.33 13.76 0.80
N LYS A 100 1.20 14.12 1.38
CA LYS A 100 0.99 15.48 1.89
C LYS A 100 2.14 15.89 2.80
N LEU A 101 2.27 17.19 3.04
CA LEU A 101 3.33 17.72 3.88
C LEU A 101 3.33 17.02 5.25
N ALA A 102 4.35 16.20 5.48
CA ALA A 102 4.48 15.47 6.73
C ALA A 102 5.94 15.21 7.08
N ALA A 103 6.18 14.63 8.25
CA ALA A 103 7.53 14.33 8.69
C ALA A 103 7.67 12.85 9.03
N ALA A 104 8.91 12.35 9.00
CA ALA A 104 9.18 10.95 9.30
C ALA A 104 9.99 10.82 10.58
N LEU A 105 10.74 11.86 10.92
CA LEU A 105 11.56 11.86 12.13
C LEU A 105 12.63 10.78 12.06
N GLU A 106 13.63 10.99 11.20
CA GLU A 106 14.72 10.05 11.03
C GLU A 106 15.93 10.45 11.86
N HIS A 107 15.82 10.26 13.18
CA HIS A 107 16.91 10.62 14.09
C HIS A 107 17.69 9.38 14.49
N HIS A 108 17.97 8.51 13.52
CA HIS A 108 18.71 7.28 13.77
C HIS A 108 20.21 7.53 13.66
N HIS A 109 21.01 6.62 14.23
CA HIS A 109 22.46 6.74 14.19
C HIS A 109 23.09 5.46 13.66
N HIS A 110 23.52 5.49 12.40
CA HIS A 110 24.14 4.33 11.78
C HIS A 110 25.63 4.25 12.13
N HIS A 111 26.26 3.13 11.81
CA HIS A 111 27.67 2.93 12.09
C HIS A 111 28.53 3.47 10.95
N HIS A 112 29.61 4.16 11.30
CA HIS A 112 30.52 4.73 10.31
C HIS A 112 31.08 3.65 9.40
N MET A 1 -7.94 6.02 -3.90
CA MET A 1 -8.00 4.72 -3.23
C MET A 1 -6.92 4.60 -2.16
N PHE A 2 -7.15 5.22 -1.01
CA PHE A 2 -6.18 5.19 0.08
C PHE A 2 -6.76 4.44 1.28
N GLY A 3 -6.07 3.38 1.69
CA GLY A 3 -6.53 2.59 2.82
C GLY A 3 -5.50 1.56 3.26
N ALA A 4 -5.82 0.82 4.31
CA ALA A 4 -4.93 -0.19 4.84
C ALA A 4 -5.41 -1.60 4.48
N ILE A 5 -4.66 -2.27 3.61
CA ILE A 5 -5.01 -3.62 3.19
C ILE A 5 -4.04 -4.66 3.77
N GLN A 6 -4.57 -5.84 4.06
CA GLN A 6 -3.75 -6.91 4.62
C GLN A 6 -3.58 -8.05 3.62
N LEU A 7 -2.34 -8.34 3.25
CA LEU A 7 -2.06 -9.41 2.29
C LEU A 7 -1.35 -10.57 2.99
N ASP A 8 -1.35 -11.72 2.33
CA ASP A 8 -0.70 -12.92 2.88
C ASP A 8 0.58 -13.24 2.11
N GLY A 9 1.11 -14.43 2.32
CA GLY A 9 2.33 -14.84 1.64
C GLY A 9 2.20 -14.75 0.14
N ASP A 10 1.01 -15.05 -0.38
CA ASP A 10 0.77 -14.99 -1.82
C ASP A 10 0.43 -13.57 -2.26
N GLY A 11 0.00 -12.75 -1.32
CA GLY A 11 -0.34 -11.37 -1.63
C GLY A 11 -1.84 -11.19 -1.85
N ASN A 12 -2.64 -12.09 -1.29
CA ASN A 12 -4.08 -12.02 -1.43
C ASN A 12 -4.70 -11.11 -0.36
N ILE A 13 -5.56 -10.20 -0.79
CA ILE A 13 -6.22 -9.28 0.12
C ILE A 13 -7.15 -10.02 1.07
N LEU A 14 -6.68 -10.29 2.28
CA LEU A 14 -7.48 -10.99 3.27
C LEU A 14 -8.48 -10.04 3.93
N GLN A 15 -8.08 -8.78 4.10
CA GLN A 15 -8.95 -7.78 4.71
C GLN A 15 -8.66 -6.40 4.14
N TYR A 16 -9.70 -5.58 4.05
CA TYR A 16 -9.56 -4.22 3.52
C TYR A 16 -10.19 -3.21 4.47
N ASN A 17 -9.39 -2.22 4.88
CA ASN A 17 -9.87 -1.18 5.79
C ASN A 17 -9.43 0.20 5.30
N ALA A 18 -10.35 0.92 4.68
CA ALA A 18 -10.07 2.25 4.17
C ALA A 18 -9.48 3.14 5.26
N ALA A 19 -8.85 4.24 4.85
CA ALA A 19 -8.26 5.17 5.80
C ALA A 19 -8.77 6.59 5.57
N GLU A 20 -9.11 7.28 6.66
CA GLU A 20 -9.61 8.64 6.56
C GLU A 20 -10.93 8.69 5.80
N GLY A 21 -11.69 7.60 5.86
CA GLY A 21 -12.96 7.54 5.16
C GLY A 21 -12.85 7.99 3.72
N ASP A 22 -11.83 7.50 3.03
CA ASP A 22 -11.60 7.86 1.63
C ASP A 22 -12.87 7.65 0.82
N ILE A 23 -13.36 6.41 0.80
CA ILE A 23 -14.57 6.07 0.05
C ILE A 23 -15.52 5.23 0.89
N THR A 24 -16.81 5.47 0.75
CA THR A 24 -17.83 4.74 1.50
C THR A 24 -18.49 3.69 0.62
N GLY A 25 -19.02 4.12 -0.52
CA GLY A 25 -19.68 3.20 -1.43
C GLY A 25 -18.82 1.99 -1.76
N ARG A 26 -17.50 2.19 -1.78
CA ARG A 26 -16.57 1.12 -2.10
C ARG A 26 -16.84 -0.10 -1.22
N ASP A 27 -17.22 -1.21 -1.86
CA ASP A 27 -17.51 -2.44 -1.13
C ASP A 27 -16.24 -3.23 -0.88
N PRO A 28 -16.12 -3.80 0.33
CA PRO A 28 -14.95 -4.60 0.73
C PRO A 28 -14.87 -5.92 -0.01
N LYS A 29 -16.00 -6.61 -0.08
CA LYS A 29 -16.07 -7.91 -0.76
C LYS A 29 -15.50 -7.80 -2.18
N GLN A 30 -15.54 -6.60 -2.73
CA GLN A 30 -15.01 -6.37 -4.08
C GLN A 30 -13.51 -6.62 -4.14
N VAL A 31 -12.83 -6.35 -3.04
CA VAL A 31 -11.39 -6.56 -2.96
C VAL A 31 -11.05 -7.82 -2.19
N ILE A 32 -11.88 -8.15 -1.20
CA ILE A 32 -11.66 -9.34 -0.38
C ILE A 32 -11.48 -10.58 -1.25
N GLY A 33 -10.27 -11.13 -1.23
CA GLY A 33 -9.98 -12.31 -2.01
C GLY A 33 -9.11 -12.01 -3.22
N LYS A 34 -9.21 -10.79 -3.72
CA LYS A 34 -8.43 -10.37 -4.88
C LYS A 34 -7.02 -9.96 -4.47
N ASN A 35 -6.08 -10.02 -5.42
CA ASN A 35 -4.70 -9.66 -5.15
C ASN A 35 -4.46 -8.18 -5.43
N PHE A 36 -3.60 -7.55 -4.63
CA PHE A 36 -3.29 -6.14 -4.80
C PHE A 36 -2.78 -5.86 -6.21
N PHE A 37 -2.06 -6.83 -6.78
CA PHE A 37 -1.52 -6.69 -8.12
C PHE A 37 -2.44 -7.32 -9.15
N LYS A 38 -3.42 -8.09 -8.67
CA LYS A 38 -4.36 -8.77 -9.55
C LYS A 38 -5.21 -7.75 -10.32
N ASP A 39 -5.90 -6.89 -9.58
CA ASP A 39 -6.74 -5.87 -10.20
C ASP A 39 -6.67 -4.56 -9.42
N VAL A 40 -6.52 -4.67 -8.10
CA VAL A 40 -6.45 -3.51 -7.24
C VAL A 40 -5.40 -2.52 -7.74
N ALA A 41 -4.32 -3.05 -8.29
CA ALA A 41 -3.24 -2.21 -8.81
C ALA A 41 -2.43 -2.96 -9.86
N PRO A 42 -2.90 -2.94 -11.11
CA PRO A 42 -2.22 -3.62 -12.22
C PRO A 42 -0.91 -2.93 -12.61
N GLY A 43 -0.84 -1.63 -12.36
CA GLY A 43 0.36 -0.89 -12.68
C GLY A 43 1.48 -1.13 -11.69
N THR A 44 1.14 -1.64 -10.52
CA THR A 44 2.11 -1.93 -9.48
C THR A 44 2.77 -3.29 -9.68
N ASP A 45 2.49 -3.89 -10.84
CA ASP A 45 3.05 -5.21 -11.15
C ASP A 45 4.48 -5.08 -11.67
N SER A 46 5.34 -4.46 -10.85
CA SER A 46 6.74 -4.28 -11.22
C SER A 46 7.67 -4.87 -10.17
N PRO A 47 8.94 -5.08 -10.55
CA PRO A 47 9.95 -5.65 -9.65
C PRO A 47 10.34 -4.68 -8.54
N GLU A 48 10.09 -3.39 -8.76
CA GLU A 48 10.42 -2.37 -7.76
C GLU A 48 9.40 -2.37 -6.64
N PHE A 49 8.16 -2.70 -6.97
CA PHE A 49 7.09 -2.73 -5.98
C PHE A 49 6.69 -4.17 -5.65
N TYR A 50 6.06 -4.84 -6.61
CA TYR A 50 5.63 -6.22 -6.41
C TYR A 50 6.81 -7.12 -6.08
N GLY A 51 7.88 -6.99 -6.86
CA GLY A 51 9.06 -7.79 -6.63
C GLY A 51 9.53 -7.75 -5.18
N LYS A 52 9.51 -6.55 -4.61
CA LYS A 52 9.93 -6.37 -3.21
C LYS A 52 8.98 -7.11 -2.26
N PHE A 53 7.70 -7.08 -2.57
CA PHE A 53 6.69 -7.73 -1.75
C PHE A 53 6.98 -9.23 -1.63
N LYS A 54 7.39 -9.83 -2.74
CA LYS A 54 7.70 -11.26 -2.77
C LYS A 54 9.07 -11.53 -2.16
N GLU A 55 10.02 -10.65 -2.44
CA GLU A 55 11.38 -10.79 -1.92
C GLU A 55 11.38 -10.76 -0.39
N GLY A 56 10.66 -9.80 0.17
CA GLY A 56 10.59 -9.67 1.61
C GLY A 56 10.03 -10.91 2.28
N VAL A 57 9.08 -11.56 1.60
CA VAL A 57 8.45 -12.77 2.13
C VAL A 57 9.48 -13.89 2.31
N ALA A 58 10.35 -14.04 1.32
CA ALA A 58 11.38 -15.07 1.35
C ALA A 58 12.15 -15.03 2.67
N SER A 59 12.35 -13.82 3.19
CA SER A 59 13.08 -13.65 4.45
C SER A 59 12.13 -13.75 5.64
N GLY A 60 10.90 -13.30 5.45
CA GLY A 60 9.91 -13.35 6.51
C GLY A 60 9.80 -12.03 7.26
N ASN A 61 10.08 -10.94 6.57
CA ASN A 61 10.00 -9.61 7.17
C ASN A 61 10.00 -8.53 6.10
N LEU A 62 9.00 -8.55 5.23
CA LEU A 62 8.87 -7.57 4.16
C LEU A 62 8.70 -6.17 4.73
N ASN A 63 9.80 -5.42 4.78
CA ASN A 63 9.77 -4.06 5.30
C ASN A 63 10.25 -3.07 4.25
N THR A 64 9.31 -2.36 3.62
CA THR A 64 9.65 -1.38 2.59
C THR A 64 8.81 -0.12 2.75
N MET A 65 9.43 1.03 2.54
CA MET A 65 8.75 2.32 2.65
C MET A 65 9.23 3.29 1.59
N PHE A 66 8.36 3.61 0.64
CA PHE A 66 8.69 4.53 -0.44
C PHE A 66 7.43 5.07 -1.11
N GLU A 67 7.61 5.99 -2.04
CA GLU A 67 6.49 6.60 -2.75
C GLU A 67 6.28 5.94 -4.11
N TRP A 68 5.03 5.89 -4.56
CA TRP A 68 4.70 5.28 -5.84
C TRP A 68 3.55 6.02 -6.51
N MET A 69 3.54 6.02 -7.84
CA MET A 69 2.50 6.68 -8.61
C MET A 69 1.41 5.71 -9.02
N ILE A 70 0.18 5.99 -8.61
CA ILE A 70 -0.96 5.14 -8.94
C ILE A 70 -2.07 5.93 -9.61
N PRO A 71 -2.85 5.24 -10.47
CA PRO A 71 -3.97 5.86 -11.19
C PRO A 71 -5.12 6.23 -10.27
N THR A 72 -5.77 7.35 -10.56
CA THR A 72 -6.91 7.81 -9.76
C THR A 72 -7.96 8.47 -10.63
N SER A 73 -8.96 9.07 -9.99
CA SER A 73 -10.04 9.74 -10.71
C SER A 73 -9.50 10.90 -11.53
N ARG A 74 -8.51 11.60 -10.98
CA ARG A 74 -7.90 12.74 -11.67
C ARG A 74 -6.61 12.33 -12.36
N GLY A 75 -6.51 11.05 -12.71
CA GLY A 75 -5.32 10.56 -13.38
C GLY A 75 -4.30 9.99 -12.40
N PRO A 76 -3.06 9.79 -12.89
CA PRO A 76 -1.97 9.27 -12.06
C PRO A 76 -1.50 10.26 -11.01
N THR A 77 -1.25 9.77 -9.80
CA THR A 77 -0.80 10.62 -8.71
C THR A 77 0.18 9.87 -7.80
N LYS A 78 1.06 10.61 -7.14
CA LYS A 78 2.03 10.02 -6.24
C LYS A 78 1.42 9.73 -4.87
N VAL A 79 1.89 8.66 -4.23
CA VAL A 79 1.38 8.28 -2.91
C VAL A 79 2.45 7.56 -2.11
N LYS A 80 2.37 7.67 -0.78
CA LYS A 80 3.33 7.04 0.10
C LYS A 80 2.91 5.62 0.43
N VAL A 81 3.64 4.65 -0.11
CA VAL A 81 3.34 3.24 0.13
C VAL A 81 4.34 2.62 1.10
N HIS A 82 3.81 1.96 2.14
CA HIS A 82 4.66 1.32 3.14
C HIS A 82 4.17 -0.10 3.43
N MET A 83 5.06 -1.07 3.26
CA MET A 83 4.72 -2.46 3.52
C MET A 83 5.56 -3.04 4.65
N LYS A 84 4.90 -3.53 5.69
CA LYS A 84 5.58 -4.10 6.84
C LYS A 84 4.89 -5.38 7.30
N LYS A 85 5.67 -6.42 7.52
CA LYS A 85 5.14 -7.70 7.98
C LYS A 85 4.30 -7.53 9.23
N ALA A 86 3.13 -8.19 9.25
CA ALA A 86 2.24 -8.12 10.39
C ALA A 86 2.95 -8.52 11.68
N LEU A 87 2.23 -8.44 12.80
CA LEU A 87 2.78 -8.80 14.10
C LEU A 87 2.75 -10.31 14.30
N SER A 88 1.72 -10.95 13.77
CA SER A 88 1.57 -12.40 13.90
C SER A 88 2.66 -13.13 13.13
N GLY A 89 3.24 -12.45 12.15
CA GLY A 89 4.30 -13.05 11.36
C GLY A 89 3.76 -13.97 10.28
N ASP A 90 2.52 -13.73 9.86
CA ASP A 90 1.89 -14.55 8.84
C ASP A 90 1.06 -13.69 7.88
N SER A 91 1.54 -12.49 7.61
CA SER A 91 0.85 -11.57 6.72
C SER A 91 1.61 -10.25 6.59
N TYR A 92 1.12 -9.36 5.74
CA TYR A 92 1.76 -8.07 5.52
C TYR A 92 0.71 -6.96 5.40
N TRP A 93 1.00 -5.81 6.01
CA TRP A 93 0.08 -4.68 5.97
C TRP A 93 0.58 -3.62 4.99
N VAL A 94 -0.31 -3.17 4.12
CA VAL A 94 0.03 -2.15 3.13
C VAL A 94 -0.62 -0.81 3.47
N PHE A 95 0.21 0.22 3.58
CA PHE A 95 -0.28 1.56 3.91
C PHE A 95 -0.08 2.51 2.74
N VAL A 96 -1.18 2.92 2.12
CA VAL A 96 -1.13 3.83 0.98
C VAL A 96 -1.83 5.14 1.29
N LYS A 97 -1.06 6.17 1.61
CA LYS A 97 -1.60 7.48 1.93
C LYS A 97 -1.00 8.55 1.02
N ARG A 98 -1.77 9.62 0.81
CA ARG A 98 -1.32 10.71 -0.05
C ARG A 98 0.01 11.28 0.46
N VAL A 99 0.79 11.84 -0.46
CA VAL A 99 2.09 12.42 -0.10
C VAL A 99 1.98 13.93 0.07
N LYS A 100 1.02 14.36 0.89
CA LYS A 100 0.81 15.77 1.14
C LYS A 100 2.09 16.43 1.64
N LEU A 101 2.16 17.75 1.53
CA LEU A 101 3.33 18.50 1.97
C LEU A 101 3.68 18.17 3.42
N ALA A 102 4.97 17.96 3.68
CA ALA A 102 5.42 17.63 5.02
C ALA A 102 6.67 18.44 5.38
N ALA A 103 7.25 18.14 6.55
CA ALA A 103 8.45 18.83 7.00
C ALA A 103 9.70 18.21 6.42
N ALA A 104 10.83 18.91 6.55
CA ALA A 104 12.09 18.42 6.04
C ALA A 104 13.16 18.40 7.13
N LEU A 105 12.74 18.16 8.37
CA LEU A 105 13.65 18.13 9.50
C LEU A 105 13.77 16.72 10.05
N GLU A 106 13.88 15.74 9.15
CA GLU A 106 14.00 14.34 9.56
C GLU A 106 15.47 13.91 9.55
N HIS A 107 16.04 13.74 10.74
CA HIS A 107 17.43 13.33 10.87
C HIS A 107 17.53 11.98 11.57
N HIS A 108 18.71 11.38 11.53
CA HIS A 108 18.94 10.08 12.16
C HIS A 108 20.35 10.00 12.75
N HIS A 109 20.57 9.00 13.60
CA HIS A 109 21.87 8.81 14.22
C HIS A 109 22.75 7.87 13.39
N HIS A 110 24.03 7.82 13.73
CA HIS A 110 24.98 6.97 13.01
C HIS A 110 25.27 5.70 13.80
N HIS A 111 25.83 5.87 15.00
CA HIS A 111 26.16 4.74 15.86
C HIS A 111 24.95 4.32 16.69
N HIS A 112 24.89 3.03 17.03
CA HIS A 112 23.79 2.50 17.83
C HIS A 112 24.24 2.23 19.26
N MET A 1 -7.96 6.08 -3.83
CA MET A 1 -8.11 4.79 -3.16
C MET A 1 -7.01 4.60 -2.11
N PHE A 2 -7.14 5.32 -1.00
CA PHE A 2 -6.15 5.23 0.07
C PHE A 2 -6.72 4.47 1.27
N GLY A 3 -6.06 3.39 1.65
CA GLY A 3 -6.52 2.59 2.77
C GLY A 3 -5.49 1.56 3.21
N ALA A 4 -5.82 0.81 4.25
CA ALA A 4 -4.92 -0.22 4.76
C ALA A 4 -5.40 -1.62 4.36
N ILE A 5 -4.61 -2.29 3.52
CA ILE A 5 -4.96 -3.62 3.06
C ILE A 5 -4.00 -4.66 3.65
N GLN A 6 -4.55 -5.80 4.06
CA GLN A 6 -3.74 -6.87 4.63
C GLN A 6 -3.59 -8.03 3.64
N LEU A 7 -2.35 -8.31 3.26
CA LEU A 7 -2.07 -9.39 2.32
C LEU A 7 -1.34 -10.54 3.01
N ASP A 8 -1.35 -11.70 2.38
CA ASP A 8 -0.69 -12.88 2.93
C ASP A 8 0.58 -13.21 2.14
N GLY A 9 1.11 -14.40 2.37
CA GLY A 9 2.32 -14.82 1.67
C GLY A 9 2.17 -14.74 0.16
N ASP A 10 0.98 -15.06 -0.34
CA ASP A 10 0.71 -15.02 -1.77
C ASP A 10 0.37 -13.60 -2.21
N GLY A 11 -0.06 -12.78 -1.27
CA GLY A 11 -0.43 -11.40 -1.58
C GLY A 11 -1.91 -11.23 -1.79
N ASN A 12 -2.70 -12.13 -1.22
CA ASN A 12 -4.15 -12.08 -1.35
C ASN A 12 -4.75 -11.11 -0.32
N ILE A 13 -5.61 -10.21 -0.79
CA ILE A 13 -6.25 -9.24 0.08
C ILE A 13 -7.22 -9.92 1.04
N LEU A 14 -6.73 -10.22 2.25
CA LEU A 14 -7.56 -10.87 3.26
C LEU A 14 -8.50 -9.87 3.91
N GLN A 15 -8.05 -8.63 4.05
CA GLN A 15 -8.87 -7.59 4.65
C GLN A 15 -8.53 -6.22 4.05
N TYR A 16 -9.53 -5.36 3.95
CA TYR A 16 -9.35 -4.03 3.40
C TYR A 16 -10.07 -2.98 4.24
N ASN A 17 -9.30 -2.02 4.76
CA ASN A 17 -9.86 -0.97 5.59
C ASN A 17 -9.47 0.41 5.05
N ALA A 18 -10.38 1.03 4.31
CA ALA A 18 -10.15 2.35 3.74
C ALA A 18 -9.70 3.34 4.81
N ALA A 19 -8.81 4.25 4.43
CA ALA A 19 -8.30 5.25 5.36
C ALA A 19 -8.61 6.66 4.86
N GLU A 20 -9.22 7.46 5.72
CA GLU A 20 -9.57 8.83 5.36
C GLU A 20 -10.46 8.86 4.11
N GLY A 21 -11.57 8.13 4.17
CA GLY A 21 -12.48 8.09 3.05
C GLY A 21 -13.77 7.35 3.37
N ASP A 22 -14.89 8.04 3.21
CA ASP A 22 -16.19 7.45 3.50
C ASP A 22 -17.19 7.76 2.37
N ILE A 23 -17.38 6.79 1.49
CA ILE A 23 -18.30 6.96 0.37
C ILE A 23 -19.25 5.77 0.26
N THR A 24 -20.46 6.04 -0.22
CA THR A 24 -21.47 4.99 -0.37
C THR A 24 -21.25 4.20 -1.66
N GLY A 25 -21.66 2.94 -1.65
CA GLY A 25 -21.49 2.09 -2.82
C GLY A 25 -20.21 1.28 -2.77
N ARG A 26 -19.17 1.86 -2.21
CA ARG A 26 -17.87 1.19 -2.10
C ARG A 26 -18.01 -0.11 -1.31
N ASP A 27 -17.77 -1.24 -1.98
CA ASP A 27 -17.87 -2.54 -1.34
C ASP A 27 -16.48 -3.14 -1.13
N PRO A 28 -16.22 -3.58 0.11
CA PRO A 28 -14.93 -4.19 0.48
C PRO A 28 -14.72 -5.55 -0.16
N LYS A 29 -15.80 -6.33 -0.26
CA LYS A 29 -15.73 -7.65 -0.85
C LYS A 29 -15.16 -7.59 -2.26
N GLN A 30 -15.23 -6.41 -2.87
CA GLN A 30 -14.71 -6.22 -4.22
C GLN A 30 -13.23 -6.54 -4.29
N VAL A 31 -12.52 -6.31 -3.19
CA VAL A 31 -11.09 -6.57 -3.12
C VAL A 31 -10.81 -7.85 -2.34
N ILE A 32 -11.68 -8.16 -1.39
CA ILE A 32 -11.53 -9.36 -0.58
C ILE A 32 -11.31 -10.59 -1.45
N GLY A 33 -10.19 -11.28 -1.23
CA GLY A 33 -9.88 -12.47 -2.01
C GLY A 33 -9.02 -12.17 -3.21
N LYS A 34 -9.13 -10.95 -3.73
CA LYS A 34 -8.34 -10.54 -4.90
C LYS A 34 -6.96 -10.07 -4.47
N ASN A 35 -6.02 -10.13 -5.41
CA ASN A 35 -4.65 -9.70 -5.14
C ASN A 35 -4.46 -8.22 -5.48
N PHE A 36 -3.65 -7.54 -4.66
CA PHE A 36 -3.39 -6.13 -4.87
C PHE A 36 -2.86 -5.86 -6.27
N PHE A 37 -2.10 -6.82 -6.80
CA PHE A 37 -1.53 -6.69 -8.14
C PHE A 37 -2.41 -7.40 -9.17
N LYS A 38 -3.37 -8.19 -8.69
CA LYS A 38 -4.28 -8.91 -9.57
C LYS A 38 -5.13 -7.95 -10.38
N ASP A 39 -5.87 -7.09 -9.67
CA ASP A 39 -6.74 -6.12 -10.32
C ASP A 39 -6.73 -4.79 -9.58
N VAL A 40 -6.61 -4.86 -8.26
CA VAL A 40 -6.58 -3.66 -7.43
C VAL A 40 -5.54 -2.66 -7.94
N ALA A 41 -4.45 -3.19 -8.49
CA ALA A 41 -3.38 -2.35 -9.03
C ALA A 41 -2.58 -3.08 -10.08
N PRO A 42 -3.05 -3.05 -11.34
CA PRO A 42 -2.38 -3.70 -12.47
C PRO A 42 -1.07 -3.02 -12.84
N GLY A 43 -0.96 -1.73 -12.53
CA GLY A 43 0.25 -1.00 -12.83
C GLY A 43 1.36 -1.24 -11.82
N THR A 44 0.98 -1.77 -10.66
CA THR A 44 1.94 -2.05 -9.61
C THR A 44 2.60 -3.41 -9.80
N ASP A 45 2.36 -4.01 -10.96
CA ASP A 45 2.94 -5.32 -11.28
C ASP A 45 4.38 -5.18 -11.74
N SER A 46 5.23 -4.60 -10.89
CA SER A 46 6.63 -4.41 -11.20
C SER A 46 7.52 -5.00 -10.12
N PRO A 47 8.81 -5.22 -10.47
CA PRO A 47 9.79 -5.78 -9.55
C PRO A 47 10.14 -4.81 -8.42
N GLU A 48 9.98 -3.52 -8.68
CA GLU A 48 10.29 -2.49 -7.69
C GLU A 48 9.22 -2.46 -6.60
N PHE A 49 7.98 -2.77 -6.97
CA PHE A 49 6.87 -2.78 -6.02
C PHE A 49 6.48 -4.19 -5.65
N TYR A 50 5.89 -4.90 -6.61
CA TYR A 50 5.46 -6.29 -6.38
C TYR A 50 6.65 -7.18 -6.04
N GLY A 51 7.70 -7.08 -6.85
CA GLY A 51 8.88 -7.88 -6.62
C GLY A 51 9.39 -7.78 -5.19
N LYS A 52 9.39 -6.56 -4.66
CA LYS A 52 9.86 -6.32 -3.30
C LYS A 52 8.97 -7.04 -2.29
N PHE A 53 7.66 -6.99 -2.52
CA PHE A 53 6.70 -7.64 -1.63
C PHE A 53 7.01 -9.13 -1.49
N LYS A 54 7.21 -9.80 -2.61
CA LYS A 54 7.52 -11.22 -2.62
C LYS A 54 8.94 -11.47 -2.10
N GLU A 55 9.85 -10.56 -2.40
CA GLU A 55 11.23 -10.68 -1.97
C GLU A 55 11.33 -10.66 -0.45
N GLY A 56 10.68 -9.69 0.17
CA GLY A 56 10.71 -9.58 1.62
C GLY A 56 10.15 -10.82 2.30
N VAL A 57 9.19 -11.45 1.66
CA VAL A 57 8.57 -12.65 2.20
C VAL A 57 9.59 -13.75 2.42
N ALA A 58 10.44 -13.97 1.42
CA ALA A 58 11.47 -14.99 1.50
C ALA A 58 12.29 -14.85 2.77
N SER A 59 12.51 -13.61 3.19
CA SER A 59 13.28 -13.34 4.40
C SER A 59 12.42 -13.50 5.65
N GLY A 60 11.14 -13.18 5.52
CA GLY A 60 10.23 -13.29 6.65
C GLY A 60 10.04 -11.97 7.38
N ASN A 61 10.25 -10.87 6.66
CA ASN A 61 10.09 -9.55 7.25
C ASN A 61 10.08 -8.46 6.17
N LEU A 62 9.10 -8.54 5.28
CA LEU A 62 8.97 -7.58 4.20
C LEU A 62 8.88 -6.16 4.74
N ASN A 63 10.00 -5.44 4.71
CA ASN A 63 10.04 -4.07 5.20
C ASN A 63 10.44 -3.10 4.09
N THR A 64 9.45 -2.40 3.54
CA THR A 64 9.70 -1.45 2.47
C THR A 64 8.90 -0.16 2.68
N MET A 65 9.55 0.97 2.44
CA MET A 65 8.90 2.27 2.60
C MET A 65 9.33 3.24 1.51
N PHE A 66 8.42 3.56 0.60
CA PHE A 66 8.72 4.48 -0.49
C PHE A 66 7.43 5.02 -1.11
N GLU A 67 7.57 5.99 -1.99
CA GLU A 67 6.42 6.60 -2.65
C GLU A 67 6.19 5.97 -4.02
N TRP A 68 4.92 5.83 -4.40
CA TRP A 68 4.56 5.24 -5.69
C TRP A 68 3.41 5.99 -6.33
N MET A 69 3.39 6.01 -7.66
CA MET A 69 2.34 6.70 -8.40
C MET A 69 1.27 5.72 -8.86
N ILE A 70 0.02 5.98 -8.46
CA ILE A 70 -1.09 5.11 -8.84
C ILE A 70 -2.20 5.90 -9.51
N PRO A 71 -2.97 5.23 -10.38
CA PRO A 71 -4.08 5.86 -11.11
C PRO A 71 -5.25 6.21 -10.19
N THR A 72 -5.88 7.34 -10.46
CA THR A 72 -7.02 7.78 -9.67
C THR A 72 -8.07 8.47 -10.53
N SER A 73 -9.10 9.01 -9.88
CA SER A 73 -10.17 9.70 -10.60
C SER A 73 -9.63 10.89 -11.38
N ARG A 74 -8.64 11.57 -10.80
CA ARG A 74 -8.03 12.72 -11.45
C ARG A 74 -6.72 12.34 -12.14
N GLY A 75 -6.62 11.07 -12.52
CA GLY A 75 -5.42 10.59 -13.19
C GLY A 75 -4.40 10.03 -12.22
N PRO A 76 -3.15 9.84 -12.69
CA PRO A 76 -2.07 9.30 -11.87
C PRO A 76 -1.63 10.27 -10.79
N THR A 77 -1.37 9.76 -9.59
CA THR A 77 -0.93 10.57 -8.47
C THR A 77 0.03 9.81 -7.58
N LYS A 78 0.98 10.54 -6.98
CA LYS A 78 1.96 9.93 -6.10
C LYS A 78 1.38 9.70 -4.71
N VAL A 79 1.86 8.65 -4.04
CA VAL A 79 1.38 8.32 -2.71
C VAL A 79 2.47 7.61 -1.90
N LYS A 80 2.36 7.69 -0.57
CA LYS A 80 3.33 7.05 0.31
C LYS A 80 2.95 5.60 0.58
N VAL A 81 3.73 4.68 0.03
CA VAL A 81 3.48 3.25 0.21
C VAL A 81 4.49 2.63 1.17
N HIS A 82 3.98 1.90 2.16
CA HIS A 82 4.84 1.25 3.15
C HIS A 82 4.32 -0.14 3.48
N MET A 83 5.19 -1.14 3.30
CA MET A 83 4.82 -2.53 3.59
C MET A 83 5.65 -3.09 4.73
N LYS A 84 4.99 -3.57 5.77
CA LYS A 84 5.66 -4.14 6.93
C LYS A 84 4.97 -5.41 7.40
N LYS A 85 5.75 -6.46 7.63
CA LYS A 85 5.21 -7.74 8.08
C LYS A 85 4.36 -7.56 9.34
N ALA A 86 3.23 -8.23 9.38
CA ALA A 86 2.33 -8.15 10.54
C ALA A 86 3.06 -8.50 11.82
N LEU A 87 2.34 -8.42 12.94
CA LEU A 87 2.92 -8.75 14.24
C LEU A 87 2.94 -10.25 14.47
N SER A 88 1.92 -10.94 13.97
CA SER A 88 1.82 -12.38 14.12
C SER A 88 2.92 -13.09 13.34
N GLY A 89 3.46 -12.41 12.33
CA GLY A 89 4.51 -12.99 11.52
C GLY A 89 3.98 -13.95 10.48
N ASP A 90 2.73 -13.75 10.09
CA ASP A 90 2.11 -14.61 9.08
C ASP A 90 1.29 -13.79 8.10
N SER A 91 1.75 -12.57 7.81
CA SER A 91 1.06 -11.69 6.89
C SER A 91 1.80 -10.36 6.74
N TYR A 92 1.31 -9.51 5.86
CA TYR A 92 1.93 -8.21 5.62
C TYR A 92 0.86 -7.12 5.46
N TRP A 93 1.13 -5.96 6.04
CA TRP A 93 0.20 -4.83 5.97
C TRP A 93 0.70 -3.79 4.97
N VAL A 94 -0.20 -3.30 4.13
CA VAL A 94 0.16 -2.29 3.13
C VAL A 94 -0.51 -0.96 3.45
N PHE A 95 0.30 0.08 3.60
CA PHE A 95 -0.22 1.42 3.90
C PHE A 95 -0.09 2.33 2.69
N VAL A 96 -1.23 2.69 2.10
CA VAL A 96 -1.25 3.56 0.95
C VAL A 96 -2.00 4.86 1.24
N LYS A 97 -1.25 5.92 1.49
CA LYS A 97 -1.85 7.22 1.79
C LYS A 97 -1.22 8.32 0.93
N ARG A 98 -2.02 9.32 0.58
CA ARG A 98 -1.54 10.43 -0.24
C ARG A 98 -0.26 11.02 0.35
N VAL A 99 0.66 11.42 -0.53
CA VAL A 99 1.92 12.01 -0.09
C VAL A 99 1.70 13.36 0.57
N LYS A 100 1.69 13.36 1.90
CA LYS A 100 1.49 14.61 2.66
C LYS A 100 2.70 14.90 3.54
N LEU A 101 3.47 15.91 3.14
CA LEU A 101 4.66 16.31 3.89
C LEU A 101 4.32 16.57 5.36
N ALA A 102 4.68 15.62 6.22
CA ALA A 102 4.42 15.75 7.64
C ALA A 102 5.51 16.56 8.34
N ALA A 103 6.74 16.42 7.86
CA ALA A 103 7.87 17.13 8.43
C ALA A 103 7.81 18.61 8.08
N ALA A 104 8.69 19.40 8.70
CA ALA A 104 8.74 20.84 8.44
C ALA A 104 10.11 21.26 7.92
N LEU A 105 11.15 20.59 8.39
CA LEU A 105 12.51 20.90 7.97
C LEU A 105 13.29 19.62 7.65
N GLU A 106 12.59 18.63 7.10
CA GLU A 106 13.21 17.37 6.75
C GLU A 106 14.47 17.59 5.92
N HIS A 107 15.52 16.85 6.24
CA HIS A 107 16.79 16.97 5.53
C HIS A 107 16.60 16.68 4.05
N HIS A 108 17.61 17.01 3.24
CA HIS A 108 17.56 16.80 1.81
C HIS A 108 18.83 16.09 1.32
N HIS A 109 18.65 14.91 0.72
CA HIS A 109 19.77 14.14 0.21
C HIS A 109 19.60 13.86 -1.28
N HIS A 110 19.36 14.91 -2.05
CA HIS A 110 19.18 14.78 -3.49
C HIS A 110 20.49 14.38 -4.17
N HIS A 111 20.39 13.84 -5.38
CA HIS A 111 21.56 13.42 -6.13
C HIS A 111 22.56 14.57 -6.27
N HIS A 112 23.81 14.31 -5.89
CA HIS A 112 24.87 15.32 -5.97
C HIS A 112 25.69 15.15 -7.23
N MET A 1 -7.83 6.01 -3.78
CA MET A 1 -7.92 4.70 -3.15
C MET A 1 -6.83 4.53 -2.10
N PHE A 2 -6.98 5.20 -0.97
CA PHE A 2 -6.01 5.12 0.11
C PHE A 2 -6.60 4.38 1.32
N GLY A 3 -5.94 3.30 1.71
CA GLY A 3 -6.40 2.52 2.85
C GLY A 3 -5.39 1.48 3.28
N ALA A 4 -5.72 0.73 4.33
CA ALA A 4 -4.84 -0.31 4.85
C ALA A 4 -5.34 -1.70 4.48
N ILE A 5 -4.60 -2.37 3.60
CA ILE A 5 -4.97 -3.71 3.16
C ILE A 5 -4.05 -4.76 3.77
N GLN A 6 -4.61 -5.91 4.13
CA GLN A 6 -3.84 -7.00 4.71
C GLN A 6 -3.66 -8.14 3.73
N LEU A 7 -2.42 -8.41 3.37
CA LEU A 7 -2.11 -9.48 2.42
C LEU A 7 -1.36 -10.62 3.11
N ASP A 8 -1.36 -11.80 2.48
CA ASP A 8 -0.68 -12.95 3.03
C ASP A 8 0.59 -13.27 2.24
N GLY A 9 1.15 -14.45 2.47
CA GLY A 9 2.36 -14.85 1.78
C GLY A 9 2.21 -14.77 0.26
N ASP A 10 1.01 -15.09 -0.23
CA ASP A 10 0.74 -15.05 -1.65
C ASP A 10 0.38 -13.65 -2.11
N GLY A 11 -0.05 -12.82 -1.17
CA GLY A 11 -0.43 -11.45 -1.50
C GLY A 11 -1.92 -11.30 -1.71
N ASN A 12 -2.69 -12.20 -1.13
CA ASN A 12 -4.15 -12.16 -1.28
C ASN A 12 -4.77 -11.23 -0.23
N ILE A 13 -5.63 -10.33 -0.69
CA ILE A 13 -6.30 -9.38 0.18
C ILE A 13 -7.25 -10.09 1.14
N LEU A 14 -6.77 -10.40 2.34
CA LEU A 14 -7.58 -11.08 3.34
C LEU A 14 -8.56 -10.10 4.00
N GLN A 15 -8.13 -8.85 4.13
CA GLN A 15 -8.97 -7.83 4.75
C GLN A 15 -8.62 -6.45 4.21
N TYR A 16 -9.64 -5.65 3.91
CA TYR A 16 -9.44 -4.30 3.39
C TYR A 16 -10.11 -3.26 4.28
N ASN A 17 -9.33 -2.27 4.70
CA ASN A 17 -9.84 -1.21 5.55
C ASN A 17 -9.45 0.17 5.02
N ALA A 18 -10.36 0.79 4.27
CA ALA A 18 -10.11 2.11 3.71
C ALA A 18 -9.80 3.13 4.80
N ALA A 19 -8.91 4.07 4.49
CA ALA A 19 -8.53 5.10 5.45
C ALA A 19 -8.91 6.48 4.94
N GLU A 20 -9.72 7.19 5.72
CA GLU A 20 -10.16 8.53 5.35
C GLU A 20 -11.12 9.10 6.40
N GLY A 21 -11.58 10.33 6.17
CA GLY A 21 -12.49 10.97 7.11
C GLY A 21 -13.84 11.27 6.49
N ASP A 22 -14.32 10.36 5.65
CA ASP A 22 -15.60 10.54 4.99
C ASP A 22 -16.31 9.20 4.79
N ILE A 23 -17.43 9.01 5.47
CA ILE A 23 -18.18 7.77 5.37
C ILE A 23 -19.02 7.74 4.09
N THR A 24 -19.18 6.55 3.52
CA THR A 24 -19.96 6.39 2.30
C THR A 24 -20.08 4.92 1.92
N GLY A 25 -20.96 4.63 0.96
CA GLY A 25 -21.16 3.26 0.53
C GLY A 25 -19.89 2.65 -0.05
N ARG A 26 -19.17 1.91 0.79
CA ARG A 26 -17.93 1.27 0.36
C ARG A 26 -18.05 -0.25 0.42
N ASP A 27 -17.79 -0.90 -0.71
CA ASP A 27 -17.87 -2.35 -0.80
C ASP A 27 -16.48 -2.98 -0.83
N PRO A 28 -16.00 -3.42 0.34
CA PRO A 28 -14.68 -4.04 0.48
C PRO A 28 -14.61 -5.42 -0.18
N LYS A 29 -15.76 -6.11 -0.21
CA LYS A 29 -15.83 -7.43 -0.82
C LYS A 29 -15.26 -7.41 -2.23
N GLN A 30 -15.29 -6.24 -2.86
CA GLN A 30 -14.78 -6.10 -4.22
C GLN A 30 -13.31 -6.49 -4.30
N VAL A 31 -12.58 -6.27 -3.22
CA VAL A 31 -11.17 -6.59 -3.16
C VAL A 31 -10.93 -7.87 -2.36
N ILE A 32 -11.85 -8.17 -1.45
CA ILE A 32 -11.74 -9.35 -0.61
C ILE A 32 -11.50 -10.60 -1.46
N GLY A 33 -10.38 -11.26 -1.22
CA GLY A 33 -10.04 -12.47 -1.96
C GLY A 33 -9.16 -12.18 -3.16
N LYS A 34 -9.26 -10.96 -3.70
CA LYS A 34 -8.46 -10.57 -4.85
C LYS A 34 -7.07 -10.13 -4.41
N ASN A 35 -6.12 -10.17 -5.34
CA ASN A 35 -4.75 -9.78 -5.06
C ASN A 35 -4.54 -8.30 -5.35
N PHE A 36 -3.69 -7.66 -4.55
CA PHE A 36 -3.40 -6.24 -4.72
C PHE A 36 -2.89 -5.95 -6.13
N PHE A 37 -2.14 -6.90 -6.68
CA PHE A 37 -1.60 -6.75 -8.03
C PHE A 37 -2.49 -7.42 -9.06
N LYS A 38 -3.45 -8.21 -8.58
CA LYS A 38 -4.38 -8.90 -9.47
C LYS A 38 -5.23 -7.92 -10.24
N ASP A 39 -5.95 -7.06 -9.53
CA ASP A 39 -6.81 -6.06 -10.16
C ASP A 39 -6.78 -4.75 -9.38
N VAL A 40 -6.64 -4.85 -8.06
CA VAL A 40 -6.60 -3.67 -7.21
C VAL A 40 -5.55 -2.67 -7.71
N ALA A 41 -4.46 -3.19 -8.26
CA ALA A 41 -3.39 -2.34 -8.78
C ALA A 41 -2.56 -3.08 -9.82
N PRO A 42 -3.03 -3.04 -11.07
CA PRO A 42 -2.34 -3.71 -12.19
C PRO A 42 -1.04 -3.02 -12.56
N GLY A 43 -0.97 -1.71 -12.32
CA GLY A 43 0.23 -0.95 -12.64
C GLY A 43 1.35 -1.21 -11.64
N THR A 44 0.98 -1.72 -10.47
CA THR A 44 1.96 -2.00 -9.43
C THR A 44 2.60 -3.36 -9.62
N ASP A 45 2.35 -3.98 -10.78
CA ASP A 45 2.90 -5.28 -11.10
C ASP A 45 4.33 -5.16 -11.63
N SER A 46 5.19 -4.51 -10.84
CA SER A 46 6.58 -4.32 -11.23
C SER A 46 7.52 -4.89 -10.18
N PRO A 47 8.79 -5.11 -10.57
CA PRO A 47 9.82 -5.65 -9.68
C PRO A 47 10.22 -4.67 -8.58
N GLU A 48 9.98 -3.39 -8.84
CA GLU A 48 10.32 -2.35 -7.87
C GLU A 48 9.31 -2.33 -6.72
N PHE A 49 8.07 -2.67 -7.02
CA PHE A 49 7.01 -2.69 -6.01
C PHE A 49 6.63 -4.12 -5.66
N TYR A 50 5.97 -4.80 -6.59
CA TYR A 50 5.55 -6.18 -6.37
C TYR A 50 6.75 -7.07 -6.05
N GLY A 51 7.80 -6.95 -6.85
CA GLY A 51 8.99 -7.76 -6.63
C GLY A 51 9.49 -7.68 -5.20
N LYS A 52 9.43 -6.48 -4.62
CA LYS A 52 9.88 -6.27 -3.25
C LYS A 52 8.96 -6.98 -2.26
N PHE A 53 7.67 -6.98 -2.57
CA PHE A 53 6.69 -7.64 -1.70
C PHE A 53 6.99 -9.12 -1.55
N LYS A 54 7.31 -9.77 -2.67
CA LYS A 54 7.62 -11.19 -2.67
C LYS A 54 9.01 -11.44 -2.12
N GLU A 55 9.94 -10.54 -2.44
CA GLU A 55 11.32 -10.67 -1.97
C GLU A 55 11.38 -10.65 -0.44
N GLY A 56 10.69 -9.68 0.15
CA GLY A 56 10.68 -9.55 1.60
C GLY A 56 10.12 -10.78 2.28
N VAL A 57 9.16 -11.42 1.63
CA VAL A 57 8.52 -12.62 2.18
C VAL A 57 9.55 -13.74 2.38
N ALA A 58 10.40 -13.94 1.39
CA ALA A 58 11.43 -14.98 1.47
C ALA A 58 12.24 -14.85 2.75
N SER A 59 12.46 -13.61 3.18
CA SER A 59 13.22 -13.35 4.40
C SER A 59 12.36 -13.52 5.64
N GLY A 60 11.07 -13.18 5.51
CA GLY A 60 10.15 -13.31 6.62
C GLY A 60 9.96 -12.00 7.37
N ASN A 61 10.12 -10.88 6.65
CA ASN A 61 9.97 -9.57 7.25
C ASN A 61 9.96 -8.48 6.18
N LEU A 62 9.01 -8.57 5.25
CA LEU A 62 8.89 -7.59 4.18
C LEU A 62 8.82 -6.18 4.74
N ASN A 63 9.93 -5.46 4.70
CA ASN A 63 9.99 -4.09 5.20
C ASN A 63 10.39 -3.13 4.09
N THR A 64 9.40 -2.42 3.55
CA THR A 64 9.65 -1.45 2.48
C THR A 64 8.86 -0.18 2.70
N MET A 65 9.50 0.96 2.45
CA MET A 65 8.84 2.26 2.61
C MET A 65 9.28 3.22 1.52
N PHE A 66 8.36 3.55 0.62
CA PHE A 66 8.66 4.46 -0.48
C PHE A 66 7.36 5.00 -1.09
N GLU A 67 7.51 5.88 -2.09
CA GLU A 67 6.36 6.47 -2.75
C GLU A 67 6.15 5.85 -4.13
N TRP A 68 4.90 5.78 -4.57
CA TRP A 68 4.56 5.22 -5.86
C TRP A 68 3.48 6.03 -6.56
N MET A 69 3.43 5.96 -7.88
CA MET A 69 2.44 6.69 -8.66
C MET A 69 1.34 5.75 -9.15
N ILE A 70 0.11 6.05 -8.76
CA ILE A 70 -1.03 5.23 -9.17
C ILE A 70 -2.11 6.08 -9.84
N PRO A 71 -2.86 5.46 -10.76
CA PRO A 71 -3.93 6.14 -11.48
C PRO A 71 -5.12 6.48 -10.59
N THR A 72 -5.74 7.63 -10.84
CA THR A 72 -6.89 8.06 -10.06
C THR A 72 -7.91 8.78 -10.93
N SER A 73 -8.91 9.38 -10.29
CA SER A 73 -9.96 10.10 -11.02
C SER A 73 -9.37 11.29 -11.76
N ARG A 74 -8.41 11.95 -11.14
CA ARG A 74 -7.77 13.12 -11.74
C ARG A 74 -6.44 12.73 -12.39
N GLY A 75 -6.33 11.46 -12.79
CA GLY A 75 -5.11 11.00 -13.42
C GLY A 75 -4.15 10.37 -12.43
N PRO A 76 -2.89 10.19 -12.86
CA PRO A 76 -1.85 9.59 -12.01
C PRO A 76 -1.43 10.53 -10.87
N THR A 77 -1.22 9.94 -9.70
CA THR A 77 -0.81 10.72 -8.52
C THR A 77 0.18 9.94 -7.67
N LYS A 78 1.07 10.67 -7.00
CA LYS A 78 2.07 10.04 -6.14
C LYS A 78 1.52 9.82 -4.74
N VAL A 79 1.82 8.65 -4.17
CA VAL A 79 1.36 8.30 -2.84
C VAL A 79 2.43 7.57 -2.05
N LYS A 80 2.39 7.70 -0.73
CA LYS A 80 3.37 7.05 0.14
C LYS A 80 2.92 5.63 0.49
N VAL A 81 3.65 4.65 -0.04
CA VAL A 81 3.33 3.25 0.23
C VAL A 81 4.36 2.61 1.16
N HIS A 82 3.87 1.96 2.20
CA HIS A 82 4.75 1.30 3.17
C HIS A 82 4.24 -0.10 3.50
N MET A 83 5.10 -1.10 3.30
CA MET A 83 4.75 -2.49 3.58
C MET A 83 5.59 -3.04 4.73
N LYS A 84 4.91 -3.55 5.75
CA LYS A 84 5.60 -4.11 6.91
C LYS A 84 4.89 -5.39 7.38
N LYS A 85 5.68 -6.44 7.60
CA LYS A 85 5.13 -7.71 8.07
C LYS A 85 4.35 -7.53 9.36
N ALA A 86 3.21 -8.21 9.45
CA ALA A 86 2.36 -8.13 10.64
C ALA A 86 3.14 -8.53 11.89
N LEU A 87 2.48 -8.45 13.04
CA LEU A 87 3.11 -8.80 14.31
C LEU A 87 3.09 -10.31 14.54
N SER A 88 2.05 -10.96 14.03
CA SER A 88 1.90 -12.40 14.18
C SER A 88 2.99 -13.13 13.40
N GLY A 89 3.56 -12.45 12.40
CA GLY A 89 4.60 -13.05 11.59
C GLY A 89 4.05 -14.02 10.56
N ASP A 90 2.80 -13.82 10.17
CA ASP A 90 2.16 -14.68 9.18
C ASP A 90 1.30 -13.86 8.21
N SER A 91 1.75 -12.64 7.93
CA SER A 91 1.02 -11.76 7.04
C SER A 91 1.75 -10.43 6.86
N TYR A 92 1.28 -9.62 5.93
CA TYR A 92 1.88 -8.32 5.66
C TYR A 92 0.82 -7.24 5.46
N TRP A 93 1.06 -6.07 6.03
CA TRP A 93 0.12 -4.96 5.91
C TRP A 93 0.65 -3.90 4.94
N VAL A 94 -0.26 -3.31 4.17
CA VAL A 94 0.11 -2.29 3.20
C VAL A 94 -0.55 -0.95 3.54
N PHE A 95 0.27 0.08 3.72
CA PHE A 95 -0.23 1.41 4.04
C PHE A 95 -0.05 2.36 2.87
N VAL A 96 -1.17 2.75 2.26
CA VAL A 96 -1.16 3.66 1.12
C VAL A 96 -1.93 4.94 1.42
N LYS A 97 -1.25 6.07 1.33
CA LYS A 97 -1.87 7.37 1.58
C LYS A 97 -1.17 8.48 0.80
N ARG A 98 -1.88 9.59 0.60
CA ARG A 98 -1.33 10.72 -0.13
C ARG A 98 0.03 11.13 0.43
N VAL A 99 0.96 11.46 -0.44
CA VAL A 99 2.30 11.87 -0.03
C VAL A 99 2.24 13.13 0.83
N LYS A 100 1.80 14.23 0.23
CA LYS A 100 1.70 15.49 0.94
C LYS A 100 1.04 16.56 0.07
N LEU A 101 0.31 17.47 0.69
CA LEU A 101 -0.37 18.54 -0.03
C LEU A 101 0.02 19.91 0.53
N ALA A 102 1.05 20.51 -0.06
CA ALA A 102 1.51 21.82 0.37
C ALA A 102 2.34 22.50 -0.72
N ALA A 103 2.39 23.83 -0.67
CA ALA A 103 3.14 24.60 -1.66
C ALA A 103 4.33 25.30 -1.01
N ALA A 104 4.77 24.78 0.13
CA ALA A 104 5.90 25.36 0.85
C ALA A 104 6.18 24.59 2.14
N LEU A 105 7.23 23.77 2.12
CA LEU A 105 7.61 22.98 3.27
C LEU A 105 9.05 23.26 3.69
N GLU A 106 9.42 24.54 3.69
CA GLU A 106 10.78 24.93 4.06
C GLU A 106 10.86 25.23 5.56
N HIS A 107 12.08 25.44 6.04
CA HIS A 107 12.31 25.74 7.45
C HIS A 107 12.51 27.24 7.66
N HIS A 108 13.45 27.82 6.92
CA HIS A 108 13.74 29.24 7.04
C HIS A 108 14.35 29.78 5.74
N HIS A 109 13.82 30.91 5.28
CA HIS A 109 14.32 31.52 4.04
C HIS A 109 15.55 32.37 4.31
N HIS A 110 16.69 31.94 3.78
CA HIS A 110 17.95 32.67 3.96
C HIS A 110 18.33 33.42 2.70
N HIS A 111 18.98 34.56 2.86
CA HIS A 111 19.41 35.37 1.72
C HIS A 111 20.66 34.78 1.06
N HIS A 112 20.77 34.98 -0.24
CA HIS A 112 21.92 34.47 -0.98
C HIS A 112 22.53 35.56 -1.86
#